data_7JRK
# 
_entry.id   7JRK 
# 
_audit_conform.dict_name       mmcif_pdbx.dic 
_audit_conform.dict_version    5.380 
_audit_conform.dict_location   http://mmcif.pdb.org/dictionaries/ascii/mmcif_pdbx.dic 
# 
loop_
_database_2.database_id 
_database_2.database_code 
_database_2.pdbx_database_accession 
_database_2.pdbx_DOI 
PDB   7JRK         pdb_00007jrk 10.2210/pdb7jrk/pdb 
WWPDB D_1000251182 ?            ?                   
# 
_pdbx_database_status.status_code                     REL 
_pdbx_database_status.status_code_sf                  REL 
_pdbx_database_status.status_code_mr                  ? 
_pdbx_database_status.entry_id                        7JRK 
_pdbx_database_status.recvd_initial_deposition_date   2020-08-12 
_pdbx_database_status.SG_entry                        N 
_pdbx_database_status.deposit_site                    RCSB 
_pdbx_database_status.process_site                    RCSB 
_pdbx_database_status.status_code_cs                  ? 
_pdbx_database_status.status_code_nmr_data            ? 
_pdbx_database_status.methods_development_category    ? 
_pdbx_database_status.pdb_format_compatible           Y 
# 
loop_
_audit_author.name 
_audit_author.pdbx_ordinal 
_audit_author.identifier_ORCID 
'Bi, M.'     1 ? 
'Noinaj, N.' 2 ? 
# 
_citation.abstract                  ? 
_citation.abstract_id_CAS           ? 
_citation.book_id_ISBN              ? 
_citation.book_publisher            ? 
_citation.book_publisher_city       ? 
_citation.book_title                ? 
_citation.coordinate_linkage        ? 
_citation.country                   ? 
_citation.database_id_Medline       ? 
_citation.details                   ? 
_citation.id                        primary 
_citation.journal_abbrev            'To Be Published' 
_citation.journal_id_ASTM           ? 
_citation.journal_id_CSD            0353 
_citation.journal_id_ISSN           ? 
_citation.journal_full              ? 
_citation.journal_issue             ? 
_citation.journal_volume            ? 
_citation.language                  ? 
_citation.page_first                ? 
_citation.page_last                 ? 
_citation.title                     'The crystal structure of BamE from Pseudomonas aeruginosa' 
_citation.year                      ? 
_citation.database_id_CSD           ? 
_citation.pdbx_database_id_DOI      ? 
_citation.pdbx_database_id_PubMed   ? 
_citation.unpublished_flag          ? 
# 
loop_
_citation_author.citation_id 
_citation_author.name 
_citation_author.ordinal 
_citation_author.identifier_ORCID 
primary 'Bi, M.'     1 ? 
primary 'Noinaj, N.' 2 ? 
# 
_cell.angle_alpha                  90.000 
_cell.angle_alpha_esd              ? 
_cell.angle_beta                   90.000 
_cell.angle_beta_esd               ? 
_cell.angle_gamma                  120.000 
_cell.angle_gamma_esd              ? 
_cell.entry_id                     7JRK 
_cell.details                      ? 
_cell.formula_units_Z              ? 
_cell.length_a                     59.402 
_cell.length_a_esd                 ? 
_cell.length_b                     59.402 
_cell.length_b_esd                 ? 
_cell.length_c                     62.104 
_cell.length_c_esd                 ? 
_cell.volume                       ? 
_cell.volume_esd                   ? 
_cell.Z_PDB                        6 
_cell.reciprocal_angle_alpha       ? 
_cell.reciprocal_angle_beta        ? 
_cell.reciprocal_angle_gamma       ? 
_cell.reciprocal_angle_alpha_esd   ? 
_cell.reciprocal_angle_beta_esd    ? 
_cell.reciprocal_angle_gamma_esd   ? 
_cell.reciprocal_length_a          ? 
_cell.reciprocal_length_b          ? 
_cell.reciprocal_length_c          ? 
_cell.reciprocal_length_a_esd      ? 
_cell.reciprocal_length_b_esd      ? 
_cell.reciprocal_length_c_esd      ? 
_cell.pdbx_unique_axis             ? 
# 
_symmetry.entry_id                         7JRK 
_symmetry.cell_setting                     ? 
_symmetry.Int_Tables_number                144 
_symmetry.space_group_name_Hall            ? 
_symmetry.space_group_name_H-M             'P 31' 
_symmetry.pdbx_full_space_group_name_H-M   ? 
# 
loop_
_entity.id 
_entity.type 
_entity.src_method 
_entity.pdbx_description 
_entity.formula_weight 
_entity.pdbx_number_of_molecules 
_entity.pdbx_ec 
_entity.pdbx_mutation 
_entity.pdbx_fragment 
_entity.details 
1 polymer man 'Outer membrane protein assembly factor BamE' 17217.127 2  ? ? ? ? 
2 water   nat water                                         18.015    67 ? ? ? ? 
# 
_entity_poly.entity_id                      1 
_entity_poly.type                           'polypeptide(L)' 
_entity_poly.nstd_linkage                   no 
_entity_poly.nstd_monomer                   no 
_entity_poly.pdbx_seq_one_letter_code       
;SFPGVYKIDIQQGNVVTQDMIDQLRPGMTRRQVRFIMGNPLIVDTFHANRWDYLYSIQPGGGRRQQERVSLFFNDSDQLA
GLNGDFMPGVSRDEAILGKEGSTTVTQPADQQKPEAQKEEPPKPGSTLEQLQREVDEAQPVPVPTPEPLDPSPQ
;
_entity_poly.pdbx_seq_one_letter_code_can   
;SFPGVYKIDIQQGNVVTQDMIDQLRPGMTRRQVRFIMGNPLIVDTFHANRWDYLYSIQPGGGRRQQERVSLFFNDSDQLA
GLNGDFMPGVSRDEAILGKEGSTTVTQPADQQKPEAQKEEPPKPGSTLEQLQREVDEAQPVPVPTPEPLDPSPQ
;
_entity_poly.pdbx_strand_id                 A,B 
_entity_poly.pdbx_target_identifier         ? 
# 
loop_
_entity_poly_seq.entity_id 
_entity_poly_seq.num 
_entity_poly_seq.mon_id 
_entity_poly_seq.hetero 
1 1   SER n 
1 2   PHE n 
1 3   PRO n 
1 4   GLY n 
1 5   VAL n 
1 6   TYR n 
1 7   LYS n 
1 8   ILE n 
1 9   ASP n 
1 10  ILE n 
1 11  GLN n 
1 12  GLN n 
1 13  GLY n 
1 14  ASN n 
1 15  VAL n 
1 16  VAL n 
1 17  THR n 
1 18  GLN n 
1 19  ASP n 
1 20  MET n 
1 21  ILE n 
1 22  ASP n 
1 23  GLN n 
1 24  LEU n 
1 25  ARG n 
1 26  PRO n 
1 27  GLY n 
1 28  MET n 
1 29  THR n 
1 30  ARG n 
1 31  ARG n 
1 32  GLN n 
1 33  VAL n 
1 34  ARG n 
1 35  PHE n 
1 36  ILE n 
1 37  MET n 
1 38  GLY n 
1 39  ASN n 
1 40  PRO n 
1 41  LEU n 
1 42  ILE n 
1 43  VAL n 
1 44  ASP n 
1 45  THR n 
1 46  PHE n 
1 47  HIS n 
1 48  ALA n 
1 49  ASN n 
1 50  ARG n 
1 51  TRP n 
1 52  ASP n 
1 53  TYR n 
1 54  LEU n 
1 55  TYR n 
1 56  SER n 
1 57  ILE n 
1 58  GLN n 
1 59  PRO n 
1 60  GLY n 
1 61  GLY n 
1 62  GLY n 
1 63  ARG n 
1 64  ARG n 
1 65  GLN n 
1 66  GLN n 
1 67  GLU n 
1 68  ARG n 
1 69  VAL n 
1 70  SER n 
1 71  LEU n 
1 72  PHE n 
1 73  PHE n 
1 74  ASN n 
1 75  ASP n 
1 76  SER n 
1 77  ASP n 
1 78  GLN n 
1 79  LEU n 
1 80  ALA n 
1 81  GLY n 
1 82  LEU n 
1 83  ASN n 
1 84  GLY n 
1 85  ASP n 
1 86  PHE n 
1 87  MET n 
1 88  PRO n 
1 89  GLY n 
1 90  VAL n 
1 91  SER n 
1 92  ARG n 
1 93  ASP n 
1 94  GLU n 
1 95  ALA n 
1 96  ILE n 
1 97  LEU n 
1 98  GLY n 
1 99  LYS n 
1 100 GLU n 
1 101 GLY n 
1 102 SER n 
1 103 THR n 
1 104 THR n 
1 105 VAL n 
1 106 THR n 
1 107 GLN n 
1 108 PRO n 
1 109 ALA n 
1 110 ASP n 
1 111 GLN n 
1 112 GLN n 
1 113 LYS n 
1 114 PRO n 
1 115 GLU n 
1 116 ALA n 
1 117 GLN n 
1 118 LYS n 
1 119 GLU n 
1 120 GLU n 
1 121 PRO n 
1 122 PRO n 
1 123 LYS n 
1 124 PRO n 
1 125 GLY n 
1 126 SER n 
1 127 THR n 
1 128 LEU n 
1 129 GLU n 
1 130 GLN n 
1 131 LEU n 
1 132 GLN n 
1 133 ARG n 
1 134 GLU n 
1 135 VAL n 
1 136 ASP n 
1 137 GLU n 
1 138 ALA n 
1 139 GLN n 
1 140 PRO n 
1 141 VAL n 
1 142 PRO n 
1 143 VAL n 
1 144 PRO n 
1 145 THR n 
1 146 PRO n 
1 147 GLU n 
1 148 PRO n 
1 149 LEU n 
1 150 ASP n 
1 151 PRO n 
1 152 SER n 
1 153 PRO n 
1 154 GLN n 
# 
_entity_src_gen.entity_id                          1 
_entity_src_gen.pdbx_src_id                        1 
_entity_src_gen.pdbx_alt_source_flag               sample 
_entity_src_gen.pdbx_seq_type                      'Biological sequence' 
_entity_src_gen.pdbx_beg_seq_num                   1 
_entity_src_gen.pdbx_end_seq_num                   154 
_entity_src_gen.gene_src_common_name               ? 
_entity_src_gen.gene_src_genus                     ? 
_entity_src_gen.pdbx_gene_src_gene                 'bamE, omlA, oprX, PA4765' 
_entity_src_gen.gene_src_species                   ? 
_entity_src_gen.gene_src_strain                    ? 
_entity_src_gen.gene_src_tissue                    ? 
_entity_src_gen.gene_src_tissue_fraction           ? 
_entity_src_gen.gene_src_details                   ? 
_entity_src_gen.pdbx_gene_src_fragment             ? 
_entity_src_gen.pdbx_gene_src_scientific_name      'Pseudomonas aeruginosa' 
_entity_src_gen.pdbx_gene_src_ncbi_taxonomy_id     287 
_entity_src_gen.pdbx_gene_src_variant              ? 
_entity_src_gen.pdbx_gene_src_cell_line            ? 
_entity_src_gen.pdbx_gene_src_atcc                 ? 
_entity_src_gen.pdbx_gene_src_organ                ? 
_entity_src_gen.pdbx_gene_src_organelle            ? 
_entity_src_gen.pdbx_gene_src_cell                 ? 
_entity_src_gen.pdbx_gene_src_cellular_location    ? 
_entity_src_gen.host_org_common_name               ? 
_entity_src_gen.pdbx_host_org_scientific_name      'Escherichia coli BL21(DE3)' 
_entity_src_gen.pdbx_host_org_ncbi_taxonomy_id     469008 
_entity_src_gen.host_org_genus                     ? 
_entity_src_gen.pdbx_host_org_gene                 ? 
_entity_src_gen.pdbx_host_org_organ                ? 
_entity_src_gen.host_org_species                   ? 
_entity_src_gen.pdbx_host_org_tissue               ? 
_entity_src_gen.pdbx_host_org_tissue_fraction      ? 
_entity_src_gen.pdbx_host_org_strain               ? 
_entity_src_gen.pdbx_host_org_variant              ? 
_entity_src_gen.pdbx_host_org_cell_line            ? 
_entity_src_gen.pdbx_host_org_atcc                 ? 
_entity_src_gen.pdbx_host_org_culture_collection   ? 
_entity_src_gen.pdbx_host_org_cell                 ? 
_entity_src_gen.pdbx_host_org_organelle            ? 
_entity_src_gen.pdbx_host_org_cellular_location    ? 
_entity_src_gen.pdbx_host_org_vector_type          ? 
_entity_src_gen.pdbx_host_org_vector               ? 
_entity_src_gen.host_org_details                   ? 
_entity_src_gen.expression_system_id               ? 
_entity_src_gen.plasmid_name                       ? 
_entity_src_gen.plasmid_details                    ? 
_entity_src_gen.pdbx_description                   ? 
# 
_struct_ref.id                         1 
_struct_ref.db_name                    UNP 
_struct_ref.db_code                    BAME_PSEAE 
_struct_ref.pdbx_db_accession          O68562 
_struct_ref.pdbx_db_isoform            ? 
_struct_ref.entity_id                  1 
_struct_ref.pdbx_seq_one_letter_code   
;SFPGVYKIDIQQGNVVTQDMIDQLRPGMTRRQVRFIMGNPLIVDTFHANRWDYLYSIQPGGGRRQQERVSLFFNDSDQLA
GLNGDFMPGVSRDEAILGKEGSTTVTQPADQQKPEAQKEEPPKPGSTLEQLQREVDEAQPVPVPTPEPLDPSPQ
;
_struct_ref.pdbx_align_begin           23 
# 
loop_
_struct_ref_seq.align_id 
_struct_ref_seq.ref_id 
_struct_ref_seq.pdbx_PDB_id_code 
_struct_ref_seq.pdbx_strand_id 
_struct_ref_seq.seq_align_beg 
_struct_ref_seq.pdbx_seq_align_beg_ins_code 
_struct_ref_seq.seq_align_end 
_struct_ref_seq.pdbx_seq_align_end_ins_code 
_struct_ref_seq.pdbx_db_accession 
_struct_ref_seq.db_align_beg 
_struct_ref_seq.pdbx_db_align_beg_ins_code 
_struct_ref_seq.db_align_end 
_struct_ref_seq.pdbx_db_align_end_ins_code 
_struct_ref_seq.pdbx_auth_seq_align_beg 
_struct_ref_seq.pdbx_auth_seq_align_end 
1 1 7JRK A 1 ? 154 ? O68562 23 ? 176 ? 1 154 
2 1 7JRK B 1 ? 154 ? O68562 23 ? 176 ? 1 154 
# 
loop_
_chem_comp.id 
_chem_comp.type 
_chem_comp.mon_nstd_flag 
_chem_comp.name 
_chem_comp.pdbx_synonyms 
_chem_comp.formula 
_chem_comp.formula_weight 
ALA 'L-peptide linking' y ALANINE         ? 'C3 H7 N O2'     89.093  
ARG 'L-peptide linking' y ARGININE        ? 'C6 H15 N4 O2 1' 175.209 
ASN 'L-peptide linking' y ASPARAGINE      ? 'C4 H8 N2 O3'    132.118 
ASP 'L-peptide linking' y 'ASPARTIC ACID' ? 'C4 H7 N O4'     133.103 
GLN 'L-peptide linking' y GLUTAMINE       ? 'C5 H10 N2 O3'   146.144 
GLU 'L-peptide linking' y 'GLUTAMIC ACID' ? 'C5 H9 N O4'     147.129 
GLY 'peptide linking'   y GLYCINE         ? 'C2 H5 N O2'     75.067  
HIS 'L-peptide linking' y HISTIDINE       ? 'C6 H10 N3 O2 1' 156.162 
HOH non-polymer         . WATER           ? 'H2 O'           18.015  
ILE 'L-peptide linking' y ISOLEUCINE      ? 'C6 H13 N O2'    131.173 
LEU 'L-peptide linking' y LEUCINE         ? 'C6 H13 N O2'    131.173 
LYS 'L-peptide linking' y LYSINE          ? 'C6 H15 N2 O2 1' 147.195 
MET 'L-peptide linking' y METHIONINE      ? 'C5 H11 N O2 S'  149.211 
PHE 'L-peptide linking' y PHENYLALANINE   ? 'C9 H11 N O2'    165.189 
PRO 'L-peptide linking' y PROLINE         ? 'C5 H9 N O2'     115.130 
SER 'L-peptide linking' y SERINE          ? 'C3 H7 N O3'     105.093 
THR 'L-peptide linking' y THREONINE       ? 'C4 H9 N O3'     119.119 
TRP 'L-peptide linking' y TRYPTOPHAN      ? 'C11 H12 N2 O2'  204.225 
TYR 'L-peptide linking' y TYROSINE        ? 'C9 H11 N O3'    181.189 
VAL 'L-peptide linking' y VALINE          ? 'C5 H11 N O2'    117.146 
# 
_exptl.absorpt_coefficient_mu     ? 
_exptl.absorpt_correction_T_max   ? 
_exptl.absorpt_correction_T_min   ? 
_exptl.absorpt_correction_type    ? 
_exptl.absorpt_process_details    ? 
_exptl.entry_id                   7JRK 
_exptl.crystals_number            1 
_exptl.details                    ? 
_exptl.method                     'X-RAY DIFFRACTION' 
_exptl.method_details             ? 
# 
_exptl_crystal.colour                      ? 
_exptl_crystal.density_diffrn              ? 
_exptl_crystal.density_Matthews            1.84 
_exptl_crystal.density_method              ? 
_exptl_crystal.density_percent_sol         33.05 
_exptl_crystal.description                 ? 
_exptl_crystal.F_000                       ? 
_exptl_crystal.id                          1 
_exptl_crystal.preparation                 ? 
_exptl_crystal.size_max                    ? 
_exptl_crystal.size_mid                    ? 
_exptl_crystal.size_min                    ? 
_exptl_crystal.size_rad                    ? 
_exptl_crystal.colour_lustre               ? 
_exptl_crystal.colour_modifier             ? 
_exptl_crystal.colour_primary              ? 
_exptl_crystal.density_meas                ? 
_exptl_crystal.density_meas_esd            ? 
_exptl_crystal.density_meas_gt             ? 
_exptl_crystal.density_meas_lt             ? 
_exptl_crystal.density_meas_temp           ? 
_exptl_crystal.density_meas_temp_esd       ? 
_exptl_crystal.density_meas_temp_gt        ? 
_exptl_crystal.density_meas_temp_lt        ? 
_exptl_crystal.pdbx_crystal_image_url      ? 
_exptl_crystal.pdbx_crystal_image_format   ? 
_exptl_crystal.pdbx_mosaicity              ? 
_exptl_crystal.pdbx_mosaicity_esd          ? 
# 
_exptl_crystal_grow.apparatus       ? 
_exptl_crystal_grow.atmosphere      ? 
_exptl_crystal_grow.crystal_id      1 
_exptl_crystal_grow.details         ? 
_exptl_crystal_grow.method          'VAPOR DIFFUSION, HANGING DROP' 
_exptl_crystal_grow.method_ref      ? 
_exptl_crystal_grow.pH              7.5 
_exptl_crystal_grow.pressure        ? 
_exptl_crystal_grow.pressure_esd    ? 
_exptl_crystal_grow.seeding         ? 
_exptl_crystal_grow.seeding_ref     ? 
_exptl_crystal_grow.temp            293 
_exptl_crystal_grow.temp_details    ? 
_exptl_crystal_grow.temp_esd        ? 
_exptl_crystal_grow.time            ? 
_exptl_crystal_grow.pdbx_details    'Imidazole, sodium chloride' 
_exptl_crystal_grow.pdbx_pH_range   ? 
# 
_diffrn.ambient_environment              ? 
_diffrn.ambient_temp                     100 
_diffrn.ambient_temp_details             ? 
_diffrn.ambient_temp_esd                 ? 
_diffrn.crystal_id                       1 
_diffrn.crystal_support                  ? 
_diffrn.crystal_treatment                ? 
_diffrn.details                          ? 
_diffrn.id                               1 
_diffrn.ambient_pressure                 ? 
_diffrn.ambient_pressure_esd             ? 
_diffrn.ambient_pressure_gt              ? 
_diffrn.ambient_pressure_lt              ? 
_diffrn.ambient_temp_gt                  ? 
_diffrn.ambient_temp_lt                  ? 
_diffrn.pdbx_serial_crystal_experiment   N 
# 
_diffrn_detector.details                      ? 
_diffrn_detector.detector                     PIXEL 
_diffrn_detector.diffrn_id                    1 
_diffrn_detector.type                         'DECTRIS EIGER X 16M' 
_diffrn_detector.area_resol_mean              ? 
_diffrn_detector.dtime                        ? 
_diffrn_detector.pdbx_frames_total            ? 
_diffrn_detector.pdbx_collection_time_total   ? 
_diffrn_detector.pdbx_collection_date         2019-11-24 
_diffrn_detector.pdbx_frequency               ? 
# 
_diffrn_radiation.collimation                      ? 
_diffrn_radiation.diffrn_id                        1 
_diffrn_radiation.filter_edge                      ? 
_diffrn_radiation.inhomogeneity                    ? 
_diffrn_radiation.monochromator                    ? 
_diffrn_radiation.polarisn_norm                    ? 
_diffrn_radiation.polarisn_ratio                   ? 
_diffrn_radiation.probe                            ? 
_diffrn_radiation.type                             ? 
_diffrn_radiation.xray_symbol                      ? 
_diffrn_radiation.wavelength_id                    1 
_diffrn_radiation.pdbx_monochromatic_or_laue_m_l   M 
_diffrn_radiation.pdbx_wavelength_list             ? 
_diffrn_radiation.pdbx_wavelength                  ? 
_diffrn_radiation.pdbx_diffrn_protocol             'SINGLE WAVELENGTH' 
_diffrn_radiation.pdbx_analyzer                    ? 
_diffrn_radiation.pdbx_scattering_type             x-ray 
# 
_diffrn_radiation_wavelength.id           1 
_diffrn_radiation_wavelength.wavelength   1.0332 
_diffrn_radiation_wavelength.wt           1.0 
# 
_diffrn_source.current                     ? 
_diffrn_source.details                     ? 
_diffrn_source.diffrn_id                   1 
_diffrn_source.power                       ? 
_diffrn_source.size                        ? 
_diffrn_source.source                      SYNCHROTRON 
_diffrn_source.target                      ? 
_diffrn_source.type                        'APS BEAMLINE 23-ID-B' 
_diffrn_source.voltage                     ? 
_diffrn_source.take-off_angle              ? 
_diffrn_source.pdbx_wavelength_list        1.0332 
_diffrn_source.pdbx_wavelength             ? 
_diffrn_source.pdbx_synchrotron_beamline   23-ID-B 
_diffrn_source.pdbx_synchrotron_site       APS 
# 
_reflns.B_iso_Wilson_estimate            ? 
_reflns.entry_id                         7JRK 
_reflns.data_reduction_details           ? 
_reflns.data_reduction_method            ? 
_reflns.d_resolution_high                1.700 
_reflns.d_resolution_low                 50.000 
_reflns.details                          ? 
_reflns.limit_h_max                      ? 
_reflns.limit_h_min                      ? 
_reflns.limit_k_max                      ? 
_reflns.limit_k_min                      ? 
_reflns.limit_l_max                      ? 
_reflns.limit_l_min                      ? 
_reflns.number_all                       ? 
_reflns.number_obs                       26527 
_reflns.observed_criterion               ? 
_reflns.observed_criterion_F_max         ? 
_reflns.observed_criterion_F_min         ? 
_reflns.observed_criterion_I_max         ? 
_reflns.observed_criterion_I_min         ? 
_reflns.observed_criterion_sigma_F       ? 
_reflns.observed_criterion_sigma_I       ? 
_reflns.percent_possible_obs             99.900 
_reflns.R_free_details                   ? 
_reflns.Rmerge_F_all                     ? 
_reflns.Rmerge_F_obs                     ? 
_reflns.Friedel_coverage                 ? 
_reflns.number_gt                        ? 
_reflns.threshold_expression             ? 
_reflns.pdbx_redundancy                  9.600 
_reflns.pdbx_Rmerge_I_obs                0.107 
_reflns.pdbx_Rmerge_I_all                ? 
_reflns.pdbx_Rsym_value                  ? 
_reflns.pdbx_netI_over_av_sigmaI         ? 
_reflns.pdbx_netI_over_sigmaI            7.400 
_reflns.pdbx_res_netI_over_av_sigmaI_2   ? 
_reflns.pdbx_res_netI_over_sigmaI_2      ? 
_reflns.pdbx_chi_squared                 1.876 
_reflns.pdbx_scaling_rejects             ? 
_reflns.pdbx_d_res_high_opt              ? 
_reflns.pdbx_d_res_low_opt               ? 
_reflns.pdbx_d_res_opt_method            ? 
_reflns.phase_calculation_details        ? 
_reflns.pdbx_Rrim_I_all                  0.113 
_reflns.pdbx_Rpim_I_all                  0.037 
_reflns.pdbx_d_opt                       ? 
_reflns.pdbx_number_measured_all         253661 
_reflns.pdbx_diffrn_id                   1 
_reflns.pdbx_ordinal                     1 
_reflns.pdbx_CC_half                     ? 
_reflns.pdbx_CC_star                     ? 
_reflns.pdbx_R_split                     ? 
# 
loop_
_reflns_shell.d_res_high 
_reflns_shell.d_res_low 
_reflns_shell.meanI_over_sigI_all 
_reflns_shell.meanI_over_sigI_obs 
_reflns_shell.number_measured_all 
_reflns_shell.number_measured_obs 
_reflns_shell.number_possible 
_reflns_shell.number_unique_all 
_reflns_shell.number_unique_obs 
_reflns_shell.percent_possible_all 
_reflns_shell.percent_possible_obs 
_reflns_shell.Rmerge_F_all 
_reflns_shell.Rmerge_F_obs 
_reflns_shell.Rmerge_I_all 
_reflns_shell.Rmerge_I_obs 
_reflns_shell.meanI_over_sigI_gt 
_reflns_shell.meanI_over_uI_all 
_reflns_shell.meanI_over_uI_gt 
_reflns_shell.number_measured_gt 
_reflns_shell.number_unique_gt 
_reflns_shell.percent_possible_gt 
_reflns_shell.Rmerge_F_gt 
_reflns_shell.Rmerge_I_gt 
_reflns_shell.pdbx_redundancy 
_reflns_shell.pdbx_Rsym_value 
_reflns_shell.pdbx_chi_squared 
_reflns_shell.pdbx_netI_over_sigmaI_all 
_reflns_shell.pdbx_netI_over_sigmaI_obs 
_reflns_shell.pdbx_Rrim_I_all 
_reflns_shell.pdbx_Rpim_I_all 
_reflns_shell.pdbx_rejects 
_reflns_shell.pdbx_ordinal 
_reflns_shell.pdbx_diffrn_id 
_reflns_shell.pdbx_CC_half 
_reflns_shell.pdbx_CC_star 
_reflns_shell.pdbx_R_split 
1.700 1.730  ? ? ? ? ? ? 1356 100.000 ? ? ? ? 2.601 ? ? ? ? ? ? ? ? 9.500  ? 1.035 ? ? 2.750 0.889 ? 1  1 0.726 ? ? 
1.730 1.760  ? ? ? ? ? ? 1303 100.000 ? ? ? ? 2.368 ? ? ? ? ? ? ? ? 9.500  ? 1.009 ? ? 2.506 0.814 ? 2  1 0.604 ? ? 
1.760 1.790  ? ? ? ? ? ? 1326 100.000 ? ? ? ? 2.283 ? ? ? ? ? ? ? ? 9.300  ? 1.043 ? ? 2.418 0.789 ? 3  1 0.606 ? ? 
1.790 1.830  ? ? ? ? ? ? 1318 100.000 ? ? ? ? 1.801 ? ? ? ? ? ? ? ? 8.900  ? 1.054 ? ? 1.913 0.642 ? 4  1 0.750 ? ? 
1.830 1.870  ? ? ? ? ? ? 1323 100.000 ? ? ? ? 1.455 ? ? ? ? ? ? ? ? 9.100  ? 1.078 ? ? 1.543 0.511 ? 5  1 0.888 ? ? 
1.870 1.910  ? ? ? ? ? ? 1320 100.000 ? ? ? ? 1.155 ? ? ? ? ? ? ? ? 9.100  ? 1.139 ? ? 1.224 0.404 ? 6  1 0.945 ? ? 
1.910 1.960  ? ? ? ? ? ? 1357 100.000 ? ? ? ? 1.070 ? ? ? ? ? ? ? ? 9.900  ? 1.161 ? ? 1.129 0.357 ? 7  1 0.930 ? ? 
1.960 2.020  ? ? ? ? ? ? 1327 100.000 ? ? ? ? 0.736 ? ? ? ? ? ? ? ? 10.200 ? 1.257 ? ? 0.776 0.243 ? 8  1 0.970 ? ? 
2.020 2.070  ? ? ? ? ? ? 1324 100.000 ? ? ? ? 0.573 ? ? ? ? ? ? ? ? 10.100 ? 1.315 ? ? 0.605 0.191 ? 9  1 0.990 ? ? 
2.070 2.140  ? ? ? ? ? ? 1339 100.000 ? ? ? ? 0.451 ? ? ? ? ? ? ? ? 10.100 ? 1.404 ? ? 0.475 0.150 ? 10 1 0.987 ? ? 
2.140 2.220  ? ? ? ? ? ? 1305 100.000 ? ? ? ? 0.381 ? ? ? ? ? ? ? ? 10.000 ? 1.547 ? ? 0.402 0.127 ? 11 1 0.987 ? ? 
2.220 2.310  ? ? ? ? ? ? 1323 100.000 ? ? ? ? 0.272 ? ? ? ? ? ? ? ? 9.900  ? 1.633 ? ? 0.287 0.092 ? 12 1 0.993 ? ? 
2.310 2.410  ? ? ? ? ? ? 1320 100.000 ? ? ? ? 0.216 ? ? ? ? ? ? ? ? 9.700  ? 1.904 ? ? 0.229 0.074 ? 13 1 0.994 ? ? 
2.410 2.540  ? ? ? ? ? ? 1339 100.000 ? ? ? ? 0.159 ? ? ? ? ? ? ? ? 9.000  ? 2.133 ? ? 0.168 0.056 ? 14 1 0.995 ? ? 
2.540 2.700  ? ? ? ? ? ? 1339 100.000 ? ? ? ? 0.130 ? ? ? ? ? ? ? ? 9.200  ? 2.381 ? ? 0.138 0.046 ? 15 1 0.995 ? ? 
2.700 2.910  ? ? ? ? ? ? 1322 100.000 ? ? ? ? 0.101 ? ? ? ? ? ? ? ? 9.900  ? 2.807 ? ? 0.107 0.035 ? 16 1 0.998 ? ? 
2.910 3.200  ? ? ? ? ? ? 1308 99.900  ? ? ? ? 0.086 ? ? ? ? ? ? ? ? 10.200 ? 3.293 ? ? 0.091 0.029 ? 17 1 0.997 ? ? 
3.200 3.660  ? ? ? ? ? ? 1343 99.900  ? ? ? ? 0.069 ? ? ? ? ? ? ? ? 9.500  ? 3.874 ? ? 0.074 0.025 ? 18 1 0.997 ? ? 
3.660 4.610  ? ? ? ? ? ? 1305 98.500  ? ? ? ? 0.057 ? ? ? ? ? ? ? ? 8.300  ? 3.668 ? ? 0.062 0.022 ? 19 1 0.997 ? ? 
4.610 50.000 ? ? ? ? ? ? 1330 99.600  ? ? ? ? 0.050 ? ? ? ? ? ? ? ? 9.600  ? 2.968 ? ? 0.053 0.018 ? 20 1 0.998 ? ? 
# 
_refine.aniso_B[1][1]                            ? 
_refine.aniso_B[1][2]                            ? 
_refine.aniso_B[1][3]                            ? 
_refine.aniso_B[2][2]                            ? 
_refine.aniso_B[2][3]                            ? 
_refine.aniso_B[3][3]                            ? 
_refine.B_iso_max                                156.750 
_refine.B_iso_mean                               59.7612 
_refine.B_iso_min                                30.700 
_refine.correlation_coeff_Fo_to_Fc               ? 
_refine.correlation_coeff_Fo_to_Fc_free          ? 
_refine.details                                  ? 
_refine.diff_density_max                         ? 
_refine.diff_density_max_esd                     ? 
_refine.diff_density_min                         ? 
_refine.diff_density_min_esd                     ? 
_refine.diff_density_rms                         ? 
_refine.diff_density_rms_esd                     ? 
_refine.entry_id                                 7JRK 
_refine.pdbx_refine_id                           'X-RAY DIFFRACTION' 
_refine.ls_abs_structure_details                 ? 
_refine.ls_abs_structure_Flack                   ? 
_refine.ls_abs_structure_Flack_esd               ? 
_refine.ls_abs_structure_Rogers                  ? 
_refine.ls_abs_structure_Rogers_esd              ? 
_refine.ls_d_res_high                            1.7100 
_refine.ls_d_res_low                             29.7000 
_refine.ls_extinction_coef                       ? 
_refine.ls_extinction_coef_esd                   ? 
_refine.ls_extinction_expression                 ? 
_refine.ls_extinction_method                     ? 
_refine.ls_goodness_of_fit_all                   ? 
_refine.ls_goodness_of_fit_all_esd               ? 
_refine.ls_goodness_of_fit_obs                   ? 
_refine.ls_goodness_of_fit_obs_esd               ? 
_refine.ls_hydrogen_treatment                    ? 
_refine.ls_matrix_type                           ? 
_refine.ls_number_constraints                    ? 
_refine.ls_number_parameters                     ? 
_refine.ls_number_reflns_all                     ? 
_refine.ls_number_reflns_obs                     26314 
_refine.ls_number_reflns_R_free                  1972 
_refine.ls_number_reflns_R_work                  24342 
_refine.ls_number_restraints                     ? 
_refine.ls_percent_reflns_obs                    98.9800 
_refine.ls_percent_reflns_R_free                 7.4900 
_refine.ls_R_factor_all                          ? 
_refine.ls_R_factor_obs                          0.2432 
_refine.ls_R_factor_R_free                       0.2594 
_refine.ls_R_factor_R_free_error                 ? 
_refine.ls_R_factor_R_free_error_details         ? 
_refine.ls_R_factor_R_work                       0.2418 
_refine.ls_R_Fsqd_factor_obs                     ? 
_refine.ls_R_I_factor_obs                        ? 
_refine.ls_redundancy_reflns_all                 ? 
_refine.ls_redundancy_reflns_obs                 ? 
_refine.ls_restrained_S_all                      ? 
_refine.ls_restrained_S_obs                      ? 
_refine.ls_shift_over_esd_max                    ? 
_refine.ls_shift_over_esd_mean                   ? 
_refine.ls_structure_factor_coef                 ? 
_refine.ls_weighting_details                     ? 
_refine.ls_weighting_scheme                      ? 
_refine.ls_wR_factor_all                         ? 
_refine.ls_wR_factor_obs                         ? 
_refine.ls_wR_factor_R_free                      ? 
_refine.ls_wR_factor_R_work                      ? 
_refine.occupancy_max                            ? 
_refine.occupancy_min                            ? 
_refine.solvent_model_details                    'FLAT BULK SOLVENT MODEL' 
_refine.solvent_model_param_bsol                 ? 
_refine.solvent_model_param_ksol                 ? 
_refine.pdbx_R_complete                          ? 
_refine.ls_R_factor_gt                           ? 
_refine.ls_goodness_of_fit_gt                    ? 
_refine.ls_goodness_of_fit_ref                   ? 
_refine.ls_shift_over_su_max                     ? 
_refine.ls_shift_over_su_max_lt                  ? 
_refine.ls_shift_over_su_mean                    ? 
_refine.ls_shift_over_su_mean_lt                 ? 
_refine.pdbx_ls_sigma_I                          ? 
_refine.pdbx_ls_sigma_F                          1.960 
_refine.pdbx_ls_sigma_Fsqd                       ? 
_refine.pdbx_data_cutoff_high_absF               ? 
_refine.pdbx_data_cutoff_high_rms_absF           ? 
_refine.pdbx_data_cutoff_low_absF                ? 
_refine.pdbx_isotropic_thermal_model             ? 
_refine.pdbx_ls_cross_valid_method               THROUGHOUT 
_refine.pdbx_method_to_determine_struct          'MOLECULAR REPLACEMENT' 
_refine.pdbx_starting_model                      5WAM 
_refine.pdbx_stereochemistry_target_values       ML 
_refine.pdbx_R_Free_selection_details            ? 
_refine.pdbx_stereochem_target_val_spec_case     ? 
_refine.pdbx_overall_ESU_R                       ? 
_refine.pdbx_overall_ESU_R_Free                  ? 
_refine.pdbx_solvent_vdw_probe_radii             1.1100 
_refine.pdbx_solvent_ion_probe_radii             ? 
_refine.pdbx_solvent_shrinkage_radii             0.9000 
_refine.pdbx_real_space_R                        ? 
_refine.pdbx_density_correlation                 ? 
_refine.pdbx_pd_number_of_powder_patterns        ? 
_refine.pdbx_pd_number_of_points                 ? 
_refine.pdbx_pd_meas_number_of_points            ? 
_refine.pdbx_pd_proc_ls_prof_R_factor            ? 
_refine.pdbx_pd_proc_ls_prof_wR_factor           ? 
_refine.pdbx_pd_Marquardt_correlation_coeff      ? 
_refine.pdbx_pd_Fsqrd_R_factor                   ? 
_refine.pdbx_pd_ls_matrix_band_width             ? 
_refine.pdbx_overall_phase_error                 46.4100 
_refine.pdbx_overall_SU_R_free_Cruickshank_DPI   ? 
_refine.pdbx_overall_SU_R_free_Blow_DPI          ? 
_refine.pdbx_overall_SU_R_Blow_DPI               ? 
_refine.pdbx_TLS_residual_ADP_flag               ? 
_refine.pdbx_diffrn_id                           1 
_refine.overall_SU_B                             ? 
_refine.overall_SU_ML                            0.3000 
_refine.overall_SU_R_Cruickshank_DPI             ? 
_refine.overall_SU_R_free                        ? 
_refine.overall_FOM_free_R_set                   ? 
_refine.overall_FOM_work_R_set                   ? 
_refine.pdbx_average_fsc_overall                 ? 
_refine.pdbx_average_fsc_work                    ? 
_refine.pdbx_average_fsc_free                    ? 
# 
_refine_hist.pdbx_refine_id                   'X-RAY DIFFRACTION' 
_refine_hist.cycle_id                         final 
_refine_hist.details                          ? 
_refine_hist.d_res_high                       1.7100 
_refine_hist.d_res_low                        29.7000 
_refine_hist.number_atoms_solvent             67 
_refine_hist.number_atoms_total               1446 
_refine_hist.number_reflns_all                ? 
_refine_hist.number_reflns_obs                ? 
_refine_hist.number_reflns_R_free             ? 
_refine_hist.number_reflns_R_work             ? 
_refine_hist.R_factor_all                     ? 
_refine_hist.R_factor_obs                     ? 
_refine_hist.R_factor_R_free                  ? 
_refine_hist.R_factor_R_work                  ? 
_refine_hist.pdbx_number_residues_total       176 
_refine_hist.pdbx_B_iso_mean_ligand           ? 
_refine_hist.pdbx_B_iso_mean_solvent          52.54 
_refine_hist.pdbx_number_atoms_protein        1379 
_refine_hist.pdbx_number_atoms_nucleic_acid   0 
_refine_hist.pdbx_number_atoms_ligand         0 
_refine_hist.pdbx_number_atoms_lipid          ? 
_refine_hist.pdbx_number_atoms_carb           ? 
_refine_hist.pdbx_pseudo_atom_details         ? 
# 
loop_
_refine_ls_restr.type 
_refine_ls_restr.dev_ideal 
_refine_ls_restr.dev_ideal_target 
_refine_ls_restr.weight 
_refine_ls_restr.number 
_refine_ls_restr.pdbx_refine_id 
_refine_ls_restr.pdbx_restraint_function 
f_bond_d           0.004  ? ? 1405 'X-RAY DIFFRACTION' ? 
f_angle_d          0.686  ? ? 1900 'X-RAY DIFFRACTION' ? 
f_dihedral_angle_d 21.193 ? ? 520  'X-RAY DIFFRACTION' ? 
f_chiral_restr     0.047  ? ? 198  'X-RAY DIFFRACTION' ? 
f_plane_restr      0.003  ? ? 263  'X-RAY DIFFRACTION' ? 
# 
loop_
_refine_ls_shell.pdbx_refine_id 
_refine_ls_shell.d_res_high 
_refine_ls_shell.d_res_low 
_refine_ls_shell.number_reflns_all 
_refine_ls_shell.number_reflns_obs 
_refine_ls_shell.number_reflns_R_free 
_refine_ls_shell.number_reflns_R_work 
_refine_ls_shell.percent_reflns_obs 
_refine_ls_shell.percent_reflns_R_free 
_refine_ls_shell.R_factor_all 
_refine_ls_shell.R_factor_obs 
_refine_ls_shell.R_factor_R_free 
_refine_ls_shell.R_factor_R_free_error 
_refine_ls_shell.R_factor_R_work 
_refine_ls_shell.redundancy_reflns_all 
_refine_ls_shell.redundancy_reflns_obs 
_refine_ls_shell.wR_factor_all 
_refine_ls_shell.wR_factor_obs 
_refine_ls_shell.wR_factor_R_free 
_refine_ls_shell.wR_factor_R_work 
_refine_ls_shell.pdbx_R_complete 
_refine_ls_shell.pdbx_total_number_of_bins_used 
_refine_ls_shell.pdbx_phase_error 
_refine_ls_shell.pdbx_fsc_work 
_refine_ls_shell.pdbx_fsc_free 
'X-RAY DIFFRACTION' 1.7100 1.7500  1866 . 142 1724 97.0000  . . . 0.5304 0.0000 0.5104 . . . . . . . 14 . . . 
'X-RAY DIFFRACTION' 1.7500 1.8000  1889 . 144 1745 99.0000  . . . 0.4702 0.0000 0.4837 . . . . . . . 14 . . . 
'X-RAY DIFFRACTION' 1.8000 1.8500  1866 . 147 1719 99.0000  . . . 0.5184 0.0000 0.4214 . . . . . . . 14 . . . 
'X-RAY DIFFRACTION' 1.8500 1.9100  1867 . 131 1736 98.0000  . . . 0.4317 0.0000 0.3918 . . . . . . . 14 . . . 
'X-RAY DIFFRACTION' 1.9100 1.9800  1871 . 145 1726 99.0000  . . . 0.4821 0.0000 0.3537 . . . . . . . 14 . . . 
'X-RAY DIFFRACTION' 1.9800 2.0600  1867 . 141 1726 98.0000  . . . 0.3146 0.0000 0.3049 . . . . . . . 14 . . . 
'X-RAY DIFFRACTION' 2.0600 2.1500  1884 . 129 1755 99.0000  . . . 0.3606 0.0000 0.2815 . . . . . . . 14 . . . 
'X-RAY DIFFRACTION' 2.1500 2.2700  1876 . 141 1735 100.0000 . . . 0.3350 0.0000 0.3123 . . . . . . . 14 . . . 
'X-RAY DIFFRACTION' 2.2700 2.4100  1870 . 148 1722 99.0000  . . . 0.3071 0.0000 0.2867 . . . . . . . 14 . . . 
'X-RAY DIFFRACTION' 2.4100 2.5900  1915 . 146 1769 100.0000 . . . 0.2737 0.0000 0.2812 . . . . . . . 14 . . . 
'X-RAY DIFFRACTION' 2.5900 2.8500  1887 . 138 1749 100.0000 . . . 0.3285 0.0000 0.2766 . . . . . . . 14 . . . 
'X-RAY DIFFRACTION' 2.8500 3.2700  1880 . 144 1736 100.0000 . . . 0.2759 0.0000 0.2593 . . . . . . . 14 . . . 
'X-RAY DIFFRACTION' 3.2700 4.1100  1894 . 139 1755 100.0000 . . . 0.1909 0.0000 0.1822 . . . . . . . 14 . . . 
'X-RAY DIFFRACTION' 4.1200 29.7000 1882 . 137 1745 99.0000  . . . 0.1785 0.0000 0.1827 . . . . . . . 14 . . . 
# 
_struct.entry_id                     7JRK 
_struct.title                        'The Structure of BamE from Pseudomonas aeruginosa' 
_struct.pdbx_model_details           ? 
_struct.pdbx_formula_weight          ? 
_struct.pdbx_formula_weight_method   ? 
_struct.pdbx_model_type_details      ? 
_struct.pdbx_CASP_flag               N 
# 
_struct_keywords.entry_id        7JRK 
_struct_keywords.text            'membrane protein, BAM complex, lipoprotein.' 
_struct_keywords.pdbx_keywords   'MEMBRANE PROTEIN' 
# 
loop_
_struct_asym.id 
_struct_asym.pdbx_blank_PDB_chainid_flag 
_struct_asym.pdbx_modified 
_struct_asym.entity_id 
_struct_asym.details 
A N N 1 ? 
B N N 1 ? 
C N N 2 ? 
D N N 2 ? 
# 
loop_
_struct_conf.conf_type_id 
_struct_conf.id 
_struct_conf.pdbx_PDB_helix_id 
_struct_conf.beg_label_comp_id 
_struct_conf.beg_label_asym_id 
_struct_conf.beg_label_seq_id 
_struct_conf.pdbx_beg_PDB_ins_code 
_struct_conf.end_label_comp_id 
_struct_conf.end_label_asym_id 
_struct_conf.end_label_seq_id 
_struct_conf.pdbx_end_PDB_ins_code 
_struct_conf.beg_auth_comp_id 
_struct_conf.beg_auth_asym_id 
_struct_conf.beg_auth_seq_id 
_struct_conf.end_auth_comp_id 
_struct_conf.end_auth_asym_id 
_struct_conf.end_auth_seq_id 
_struct_conf.pdbx_PDB_helix_class 
_struct_conf.details 
_struct_conf.pdbx_PDB_helix_length 
HELX_P HELX_P1 AA1 THR A 17 ? GLN A 23 ? THR A 17 GLN A 23 1 ? 7  
HELX_P HELX_P2 AA2 THR A 29 ? GLY A 38 ? THR A 29 GLY A 38 1 ? 10 
HELX_P HELX_P3 AA3 GLY A 62 ? GLN A 66 ? GLY A 62 GLN A 66 5 ? 5  
HELX_P HELX_P4 AA4 THR B 17 ? GLN B 23 ? THR B 17 GLN B 23 1 ? 7  
HELX_P HELX_P5 AA5 THR B 29 ? GLY B 38 ? THR B 29 GLY B 38 1 ? 10 
HELX_P HELX_P6 AA6 GLY B 62 ? GLN B 66 ? GLY B 62 GLN B 66 5 ? 5  
# 
_struct_conf_type.id          HELX_P 
_struct_conf_type.criteria    ? 
_struct_conf_type.reference   ? 
# 
_struct_sheet.id               AA1 
_struct_sheet.type             ? 
_struct_sheet.number_strands   6 
_struct_sheet.details          ? 
# 
loop_
_struct_sheet_order.sheet_id 
_struct_sheet_order.range_id_1 
_struct_sheet_order.range_id_2 
_struct_sheet_order.offset 
_struct_sheet_order.sense 
AA1 1 2 ? anti-parallel 
AA1 2 3 ? anti-parallel 
AA1 3 4 ? anti-parallel 
AA1 4 5 ? anti-parallel 
AA1 5 6 ? anti-parallel 
# 
loop_
_struct_sheet_range.sheet_id 
_struct_sheet_range.id 
_struct_sheet_range.beg_label_comp_id 
_struct_sheet_range.beg_label_asym_id 
_struct_sheet_range.beg_label_seq_id 
_struct_sheet_range.pdbx_beg_PDB_ins_code 
_struct_sheet_range.end_label_comp_id 
_struct_sheet_range.end_label_asym_id 
_struct_sheet_range.end_label_seq_id 
_struct_sheet_range.pdbx_end_PDB_ins_code 
_struct_sheet_range.beg_auth_comp_id 
_struct_sheet_range.beg_auth_asym_id 
_struct_sheet_range.beg_auth_seq_id 
_struct_sheet_range.end_auth_comp_id 
_struct_sheet_range.end_auth_asym_id 
_struct_sheet_range.end_auth_seq_id 
AA1 1 LEU A 79 ? ASN A 83 ? LEU A 79 ASN A 83 
AA1 2 GLU A 67 ? PHE A 73 ? GLU A 67 PHE A 73 
AA1 3 ILE A 42 ? TYR A 55 ? ILE A 42 TYR A 55 
AA1 4 ILE B 42 ? TYR B 55 ? ILE B 42 TYR B 55 
AA1 5 GLU B 67 ? PHE B 73 ? GLU B 67 PHE B 73 
AA1 6 LEU B 79 ? ASN B 83 ? LEU B 79 ASN B 83 
# 
loop_
_pdbx_struct_sheet_hbond.sheet_id 
_pdbx_struct_sheet_hbond.range_id_1 
_pdbx_struct_sheet_hbond.range_id_2 
_pdbx_struct_sheet_hbond.range_1_label_atom_id 
_pdbx_struct_sheet_hbond.range_1_label_comp_id 
_pdbx_struct_sheet_hbond.range_1_label_asym_id 
_pdbx_struct_sheet_hbond.range_1_label_seq_id 
_pdbx_struct_sheet_hbond.range_1_PDB_ins_code 
_pdbx_struct_sheet_hbond.range_1_auth_atom_id 
_pdbx_struct_sheet_hbond.range_1_auth_comp_id 
_pdbx_struct_sheet_hbond.range_1_auth_asym_id 
_pdbx_struct_sheet_hbond.range_1_auth_seq_id 
_pdbx_struct_sheet_hbond.range_2_label_atom_id 
_pdbx_struct_sheet_hbond.range_2_label_comp_id 
_pdbx_struct_sheet_hbond.range_2_label_asym_id 
_pdbx_struct_sheet_hbond.range_2_label_seq_id 
_pdbx_struct_sheet_hbond.range_2_PDB_ins_code 
_pdbx_struct_sheet_hbond.range_2_auth_atom_id 
_pdbx_struct_sheet_hbond.range_2_auth_comp_id 
_pdbx_struct_sheet_hbond.range_2_auth_asym_id 
_pdbx_struct_sheet_hbond.range_2_auth_seq_id 
AA1 1 2 O ASN A 83 ? O ASN A 83 N SER A 70 ? N SER A 70 
AA1 2 3 O LEU A 71 ? O LEU A 71 N TRP A 51 ? N TRP A 51 
AA1 3 4 N ILE A 42 ? N ILE A 42 O ASP B 52 ? O ASP B 52 
AA1 4 5 N TYR B 53 ? N TYR B 53 O VAL B 69 ? O VAL B 69 
AA1 5 6 N SER B 70 ? N SER B 70 O ASN B 83 ? O ASN B 83 
# 
_atom_sites.entry_id                    7JRK 
_atom_sites.Cartn_transf_matrix[1][1]   ? 
_atom_sites.Cartn_transf_matrix[1][2]   ? 
_atom_sites.Cartn_transf_matrix[1][3]   ? 
_atom_sites.Cartn_transf_matrix[2][1]   ? 
_atom_sites.Cartn_transf_matrix[2][2]   ? 
_atom_sites.Cartn_transf_matrix[2][3]   ? 
_atom_sites.Cartn_transf_matrix[3][1]   ? 
_atom_sites.Cartn_transf_matrix[3][2]   ? 
_atom_sites.Cartn_transf_matrix[3][3]   ? 
_atom_sites.Cartn_transf_vector[1]      ? 
_atom_sites.Cartn_transf_vector[2]      ? 
_atom_sites.Cartn_transf_vector[3]      ? 
_atom_sites.fract_transf_matrix[1][1]   -0.01284369 
_atom_sites.fract_transf_matrix[1][2]   0.00554606 
_atom_sites.fract_transf_matrix[1][3]   0.01349531 
_atom_sites.fract_transf_matrix[2][1]   -0.01902369 
_atom_sites.fract_transf_matrix[2][2]   -0.00259620 
_atom_sites.fract_transf_matrix[2][3]   -0.00303869 
_atom_sites.fract_transf_matrix[3][1]   0.00089475 
_atom_sites.fract_transf_matrix[3][2]   -0.01455312 
_atom_sites.fract_transf_matrix[3][3]   0.00683232 
_atom_sites.fract_transf_vector[1]      -0.333137 
_atom_sites.fract_transf_vector[2]      -0.106250 
_atom_sites.fract_transf_vector[3]      -0.024195 
_atom_sites.solution_primary            ? 
_atom_sites.solution_secondary          ? 
_atom_sites.solution_hydrogens          ? 
_atom_sites.special_details             ? 
# 
loop_
_atom_type.symbol 
C 
N 
O 
S 
# 
loop_
_atom_site.group_PDB 
_atom_site.id 
_atom_site.type_symbol 
_atom_site.label_atom_id 
_atom_site.label_alt_id 
_atom_site.label_comp_id 
_atom_site.label_asym_id 
_atom_site.label_entity_id 
_atom_site.label_seq_id 
_atom_site.pdbx_PDB_ins_code 
_atom_site.Cartn_x 
_atom_site.Cartn_y 
_atom_site.Cartn_z 
_atom_site.occupancy 
_atom_site.B_iso_or_equiv 
_atom_site.pdbx_formal_charge 
_atom_site.auth_seq_id 
_atom_site.auth_comp_id 
_atom_site.auth_asym_id 
_atom_site.auth_atom_id 
_atom_site.pdbx_PDB_model_num 
ATOM   1    N N   . ILE A 1 8  ? -25.585 -1.336  20.875  1.00 105.41 ? 8   ILE A N   1 
ATOM   2    C CA  . ILE A 1 8  ? -24.693 -0.921  21.950  1.00 101.63 ? 8   ILE A CA  1 
ATOM   3    C C   . ILE A 1 8  ? -23.281 -1.444  21.709  1.00 100.72 ? 8   ILE A C   1 
ATOM   4    O O   . ILE A 1 8  ? -22.841 -1.585  20.567  1.00 100.94 ? 8   ILE A O   1 
ATOM   5    C CB  . ILE A 1 8  ? -25.218 -1.395  23.320  1.00 84.76  ? 8   ILE A CB  1 
ATOM   6    N N   . ASP A 1 9  ? -22.567 -1.668  22.811  1.00 99.80  ? 9   ASP A N   1 
ATOM   7    C CA  . ASP A 1 9  ? -21.319 -2.425  22.849  1.00 94.25  ? 9   ASP A CA  1 
ATOM   8    C C   . ASP A 1 9  ? -20.137 -1.679  22.236  1.00 87.89  ? 9   ASP A C   1 
ATOM   9    O O   . ASP A 1 9  ? -18.994 -2.109  22.396  1.00 96.05  ? 9   ASP A O   1 
ATOM   10   C CB  . ASP A 1 9  ? -21.510 -3.781  22.156  1.00 88.05  ? 9   ASP A CB  1 
ATOM   11   C CG  . ASP A 1 9  ? -20.428 -4.783  22.516  1.00 79.10  ? 9   ASP A CG  1 
ATOM   12   O OD1 . ASP A 1 9  ? -20.093 -4.893  23.715  1.00 80.17  ? 9   ASP A OD1 1 
ATOM   13   O OD2 . ASP A 1 9  ? -19.927 -5.471  21.602  1.00 79.08  ? 9   ASP A OD2 1 
ATOM   14   N N   . ILE A 1 10 ? -20.372 -0.551  21.572  1.00 82.88  ? 10  ILE A N   1 
ATOM   15   C CA  . ILE A 1 10 ? -19.286 0.303   21.101  1.00 86.18  ? 10  ILE A CA  1 
ATOM   16   C C   . ILE A 1 10 ? -19.674 1.746   21.387  1.00 85.81  ? 10  ILE A C   1 
ATOM   17   O O   . ILE A 1 10 ? -20.804 2.155   21.101  1.00 85.44  ? 10  ILE A O   1 
ATOM   18   C CB  . ILE A 1 10 ? -18.972 0.101   19.603  1.00 80.61  ? 10  ILE A CB  1 
ATOM   19   C CG1 . ILE A 1 10 ? -18.466 -1.322  19.339  1.00 69.03  ? 10  ILE A CG1 1 
ATOM   20   C CG2 . ILE A 1 10 ? -17.929 1.109   19.137  1.00 76.81  ? 10  ILE A CG2 1 
ATOM   21   C CD1 . ILE A 1 10 ? -17.869 -1.523  17.954  1.00 56.37  ? 10  ILE A CD1 1 
ATOM   22   N N   . GLN A 1 11 ? -18.745 2.514   21.949  1.00 86.84  ? 11  GLN A N   1 
ATOM   23   C CA  . GLN A 1 11 ? -19.068 3.833   22.475  1.00 92.30  ? 11  GLN A CA  1 
ATOM   24   C C   . GLN A 1 11 ? -19.256 4.834   21.334  1.00 90.62  ? 11  GLN A C   1 
ATOM   25   O O   . GLN A 1 11 ? -19.241 4.485   20.149  1.00 84.53  ? 11  GLN A O   1 
ATOM   26   C CB  . GLN A 1 11 ? -18.010 4.275   23.478  1.00 92.38  ? 11  GLN A CB  1 
ATOM   27   C CG  . GLN A 1 11 ? -18.352 3.836   24.891  1.00 96.58  ? 11  GLN A CG  1 
ATOM   28   C CD  . GLN A 1 11 ? -19.838 3.984   25.186  1.00 100.37 ? 11  GLN A CD  1 
ATOM   29   O OE1 . GLN A 1 11 ? -20.364 5.097   25.240  1.00 103.17 ? 11  GLN A OE1 1 
ATOM   30   N NE2 . GLN A 1 11 ? -20.524 2.859   25.361  1.00 94.07  ? 11  GLN A NE2 1 
ATOM   31   N N   . GLN A 1 12 ? -19.443 6.106   21.698  1.00 93.27  ? 12  GLN A N   1 
ATOM   32   C CA  . GLN A 1 12 ? -20.038 7.085   20.792  1.00 96.21  ? 12  GLN A CA  1 
ATOM   33   C C   . GLN A 1 12 ? -19.248 7.270   19.502  1.00 98.66  ? 12  GLN A C   1 
ATOM   34   O O   . GLN A 1 12 ? -19.704 6.845   18.435  1.00 90.07  ? 12  GLN A O   1 
ATOM   35   C CB  . GLN A 1 12 ? -20.185 8.433   21.505  1.00 99.44  ? 12  GLN A CB  1 
ATOM   36   C CG  . GLN A 1 12 ? -21.335 8.506   22.504  1.00 105.09 ? 12  GLN A CG  1 
ATOM   37   C CD  . GLN A 1 12 ? -22.680 8.774   21.843  1.00 108.17 ? 12  GLN A CD  1 
ATOM   38   O OE1 . GLN A 1 12 ? -23.029 8.154   20.837  1.00 106.34 ? 12  GLN A OE1 1 
ATOM   39   N NE2 . GLN A 1 12 ? -23.437 9.711   22.405  1.00 102.50 ? 12  GLN A NE2 1 
ATOM   40   N N   . GLY A 1 13 ? -18.066 7.880   19.572  1.00 98.88  ? 13  GLY A N   1 
ATOM   41   C CA  . GLY A 1 13 ? -17.254 7.930   18.375  1.00 87.24  ? 13  GLY A CA  1 
ATOM   42   C C   . GLY A 1 13 ? -16.000 7.087   18.444  1.00 90.06  ? 13  GLY A C   1 
ATOM   43   O O   . GLY A 1 13 ? -14.962 7.533   18.942  1.00 88.00  ? 13  GLY A O   1 
ATOM   44   N N   . ASN A 1 14 ? -16.093 5.862   17.943  1.00 94.32  ? 14  ASN A N   1 
ATOM   45   C CA  . ASN A 1 14 ? -14.922 5.107   17.520  1.00 84.46  ? 14  ASN A CA  1 
ATOM   46   C C   . ASN A 1 14 ? -15.216 4.212   16.326  1.00 80.59  ? 14  ASN A C   1 
ATOM   47   O O   . ASN A 1 14 ? -14.325 3.468   15.909  1.00 83.49  ? 14  ASN A O   1 
ATOM   48   C CB  . ASN A 1 14 ? -14.357 4.267   18.682  1.00 79.67  ? 14  ASN A CB  1 
ATOM   49   C CG  . ASN A 1 14 ? -15.213 4.337   19.928  1.00 81.25  ? 14  ASN A CG  1 
ATOM   50   O OD1 . ASN A 1 14 ? -16.441 4.364   19.852  1.00 89.92  ? 14  ASN A OD1 1 
ATOM   51   N ND2 . ASN A 1 14 ? -14.567 4.372   21.088  1.00 77.98  ? 14  ASN A ND2 1 
ATOM   52   N N   . VAL A 1 15 ? -16.422 4.257   15.760  1.00 79.13  ? 15  VAL A N   1 
ATOM   53   C CA  . VAL A 1 15 ? -16.874 3.269   14.783  1.00 61.63  ? 15  VAL A CA  1 
ATOM   54   C C   . VAL A 1 15 ? -16.275 3.632   13.428  1.00 57.20  ? 15  VAL A C   1 
ATOM   55   O O   . VAL A 1 15 ? -16.747 4.544   12.747  1.00 59.20  ? 15  VAL A O   1 
ATOM   56   C CB  . VAL A 1 15 ? -18.398 3.189   14.715  1.00 62.54  ? 15  VAL A CB  1 
ATOM   57   C CG1 . VAL A 1 15 ? -18.822 2.135   13.700  1.00 58.06  ? 15  VAL A CG1 1 
ATOM   58   C CG2 . VAL A 1 15 ? -18.973 2.898   16.089  1.00 60.36  ? 15  VAL A CG2 1 
ATOM   59   N N   . VAL A 1 16 ? -15.242 2.906   13.030  1.00 48.67  ? 16  VAL A N   1 
ATOM   60   C CA  . VAL A 1 16 ? -14.678 3.016   11.694  1.00 46.67  ? 16  VAL A CA  1 
ATOM   61   C C   . VAL A 1 16 ? -15.351 1.976   10.812  1.00 51.25  ? 16  VAL A C   1 
ATOM   62   O O   . VAL A 1 16 ? -15.456 0.803   11.187  1.00 54.06  ? 16  VAL A O   1 
ATOM   63   C CB  . VAL A 1 16 ? -13.154 2.821   11.721  1.00 49.59  ? 16  VAL A CB  1 
ATOM   64   C CG1 . VAL A 1 16 ? -12.599 2.850   10.314  1.00 56.15  ? 16  VAL A CG1 1 
ATOM   65   C CG2 . VAL A 1 16 ? -12.500 3.897   12.575  1.00 48.99  ? 16  VAL A CG2 1 
ATOM   66   N N   . THR A 1 17 ? -15.820 2.402   9.648   1.00 50.55  ? 17  THR A N   1 
ATOM   67   C CA  . THR A 1 17 ? -16.573 1.541   8.754   1.00 47.27  ? 17  THR A CA  1 
ATOM   68   C C   . THR A 1 17 ? -15.771 1.250   7.495   1.00 52.27  ? 17  THR A C   1 
ATOM   69   O O   . THR A 1 17 ? -14.785 1.925   7.185   1.00 47.53  ? 17  THR A O   1 
ATOM   70   C CB  . THR A 1 17 ? -17.908 2.185   8.377   1.00 54.34  ? 17  THR A CB  1 
ATOM   71   O OG1 . THR A 1 17 ? -17.658 3.346   7.575   1.00 48.02  ? 17  THR A OG1 1 
ATOM   72   C CG2 . THR A 1 17 ? -18.666 2.592   9.633   1.00 55.74  ? 17  THR A CG2 1 
ATOM   73   N N   . GLN A 1 18 ? -16.218 0.227   6.763   1.00 53.34  ? 18  GLN A N   1 
ATOM   74   C CA  . GLN A 1 18 ? -15.632 -0.056  5.459   1.00 48.28  ? 18  GLN A CA  1 
ATOM   75   C C   . GLN A 1 18 ? -15.789 1.123   4.513   1.00 51.74  ? 18  GLN A C   1 
ATOM   76   O O   . GLN A 1 18 ? -14.917 1.364   3.672   1.00 50.40  ? 18  GLN A O   1 
ATOM   77   C CB  . GLN A 1 18 ? -16.274 -1.300  4.852   1.00 51.68  ? 18  GLN A CB  1 
ATOM   78   C CG  . GLN A 1 18 ? -15.424 -2.543  4.959   1.00 67.23  ? 18  GLN A CG  1 
ATOM   79   C CD  . GLN A 1 18 ? -14.184 -2.472  4.088   1.00 76.48  ? 18  GLN A CD  1 
ATOM   80   O OE1 . GLN A 1 18 ? -14.079 -1.621  3.202   1.00 67.06  ? 18  GLN A OE1 1 
ATOM   81   N NE2 . GLN A 1 18 ? -13.236 -3.370  4.335   1.00 79.73  ? 18  GLN A NE2 1 
ATOM   82   N N   . ASP A 1 19 ? -16.891 1.864   4.633   1.00 52.07  ? 19  ASP A N   1 
ATOM   83   C CA  . ASP A 1 19 ? -17.107 3.013   3.762   1.00 54.47  ? 19  ASP A CA  1 
ATOM   84   C C   . ASP A 1 19 ? -16.029 4.068   3.976   1.00 60.40  ? 19  ASP A C   1 
ATOM   85   O O   . ASP A 1 19 ? -15.545 4.674   3.012   1.00 59.05  ? 19  ASP A O   1 
ATOM   86   C CB  . ASP A 1 19 ? -18.500 3.597   4.001   1.00 57.31  ? 19  ASP A CB  1 
ATOM   87   C CG  . ASP A 1 19 ? -18.880 4.647   2.967   1.00 84.70  ? 19  ASP A CG  1 
ATOM   88   O OD1 . ASP A 1 19 ? -19.097 4.275   1.794   1.00 97.28  ? 19  ASP A OD1 1 
ATOM   89   O OD2 . ASP A 1 19 ? -18.960 5.843   3.325   1.00 76.93  ? 19  ASP A OD2 1 
ATOM   90   N N   . MET A 1 20 ? -15.638 4.297   5.233   1.00 48.84  ? 20  MET A N   1 
ATOM   91   C CA  . MET A 1 20 ? -14.548 5.227   5.510   1.00 45.98  ? 20  MET A CA  1 
ATOM   92   C C   . MET A 1 20 ? -13.239 4.738   4.902   1.00 47.35  ? 20  MET A C   1 
ATOM   93   O O   . MET A 1 20 ? -12.488 5.525   4.316   1.00 43.44  ? 20  MET A O   1 
ATOM   94   C CB  . MET A 1 20 ? -14.398 5.432   7.017   1.00 45.17  ? 20  MET A CB  1 
ATOM   95   C CG  . MET A 1 20 ? -15.654 5.948   7.707   1.00 48.91  ? 20  MET A CG  1 
ATOM   96   S SD  . MET A 1 20 ? -15.455 6.050   9.498   1.00 49.15  ? 20  MET A SD  1 
ATOM   97   C CE  . MET A 1 20 ? -17.146 6.286   10.019  1.00 48.74  ? 20  MET A CE  1 
ATOM   98   N N   . ILE A 1 21 ? -12.946 3.439   5.025   1.00 43.04  ? 21  ILE A N   1 
ATOM   99   C CA  . ILE A 1 21 ? -11.730 2.896   4.429   1.00 37.16  ? 21  ILE A CA  1 
ATOM   100  C C   . ILE A 1 21 ? -11.750 3.067   2.914   1.00 39.98  ? 21  ILE A C   1 
ATOM   101  O O   . ILE A 1 21 ? -10.717 3.342   2.290   1.00 42.33  ? 21  ILE A O   1 
ATOM   102  C CB  . ILE A 1 21 ? -11.556 1.419   4.832   1.00 44.13  ? 21  ILE A CB  1 
ATOM   103  C CG1 . ILE A 1 21 ? -11.482 1.303   6.355   1.00 38.50  ? 21  ILE A CG1 1 
ATOM   104  C CG2 . ILE A 1 21 ? -10.319 0.830   4.170   1.00 52.38  ? 21  ILE A CG2 1 
ATOM   105  C CD1 . ILE A 1 21 ? -11.344 -0.126  6.861   1.00 42.35  ? 21  ILE A CD1 1 
ATOM   106  N N   . ASP A 1 22 ? -12.920 2.903   2.296   1.00 42.52  ? 22  ASP A N   1 
ATOM   107  C CA  . ASP A 1 22 ? -13.003 3.000   0.845   1.00 48.77  ? 22  ASP A CA  1 
ATOM   108  C C   . ASP A 1 22 ? -12.723 4.407   0.337   1.00 48.29  ? 22  ASP A C   1 
ATOM   109  O O   . ASP A 1 22 ? -12.392 4.568   -0.841  1.00 54.28  ? 22  ASP A O   1 
ATOM   110  C CB  . ASP A 1 22 ? -14.377 2.536   0.363   1.00 47.81  ? 22  ASP A CB  1 
ATOM   111  C CG  . ASP A 1 22 ? -14.536 1.027   0.416   1.00 64.23  ? 22  ASP A CG  1 
ATOM   112  O OD1 . ASP A 1 22 ? -13.556 0.312   0.109   1.00 66.67  ? 22  ASP A OD1 1 
ATOM   113  O OD2 . ASP A 1 22 ? -15.639 0.555   0.765   1.00 71.11  ? 22  ASP A OD2 1 
ATOM   114  N N   . GLN A 1 23 ? -12.839 5.424   1.194   1.00 46.35  ? 23  GLN A N   1 
ATOM   115  C CA  . GLN A 1 23 ? -12.567 6.796   0.777   1.00 40.35  ? 23  GLN A CA  1 
ATOM   116  C C   . GLN A 1 23 ? -11.081 7.112   0.716   1.00 46.19  ? 23  GLN A C   1 
ATOM   117  O O   . GLN A 1 23 ? -10.701 8.139   0.138   1.00 47.86  ? 23  GLN A O   1 
ATOM   118  C CB  . GLN A 1 23 ? -13.243 7.783   1.728   1.00 49.40  ? 23  GLN A CB  1 
ATOM   119  C CG  . GLN A 1 23 ? -14.741 7.602   1.847   1.00 48.63  ? 23  GLN A CG  1 
ATOM   120  C CD  . GLN A 1 23 ? -15.360 8.564   2.840   1.00 62.49  ? 23  GLN A CD  1 
ATOM   121  O OE1 . GLN A 1 23 ? -14.936 9.718   2.952   1.00 59.20  ? 23  GLN A OE1 1 
ATOM   122  N NE2 . GLN A 1 23 ? -16.364 8.092   3.573   1.00 61.06  ? 23  GLN A NE2 1 
ATOM   123  N N   . LEU A 1 24 ? -10.238 6.268   1.304   1.00 43.28  ? 24  LEU A N   1 
ATOM   124  C CA  . LEU A 1 24 ? -8.811  6.544   1.355   1.00 42.86  ? 24  LEU A CA  1 
ATOM   125  C C   . LEU A 1 24 ? -8.183  6.418   -0.025  1.00 37.66  ? 24  LEU A C   1 
ATOM   126  O O   . LEU A 1 24 ? -8.577  5.573   -0.830  1.00 47.26  ? 24  LEU A O   1 
ATOM   127  C CB  . LEU A 1 24 ? -8.129  5.592   2.340   1.00 38.27  ? 24  LEU A CB  1 
ATOM   128  C CG  . LEU A 1 24 ? -8.514  5.777   3.809   1.00 39.22  ? 24  LEU A CG  1 
ATOM   129  C CD1 . LEU A 1 24 ? -7.943  4.640   4.656   1.00 35.83  ? 24  LEU A CD1 1 
ATOM   130  C CD2 . LEU A 1 24 ? -8.036  7.127   4.327   1.00 38.88  ? 24  LEU A CD2 1 
ATOM   131  N N   . ARG A 1 25 ? -7.209  7.278   -0.302  1.00 40.48  ? 25  ARG A N   1 
ATOM   132  C CA  . ARG A 1 25 ? -6.488  7.276   -1.562  1.00 37.75  ? 25  ARG A CA  1 
ATOM   133  C C   . ARG A 1 25 ? -5.007  7.473   -1.294  1.00 40.10  ? 25  ARG A C   1 
ATOM   134  O O   . ARG A 1 25 ? -4.635  8.179   -0.348  1.00 41.14  ? 25  ARG A O   1 
ATOM   135  C CB  . ARG A 1 25 ? -6.979  8.397   -2.494  1.00 36.23  ? 25  ARG A CB  1 
ATOM   136  C CG  . ARG A 1 25 ? -8.462  8.373   -2.749  1.00 46.01  ? 25  ARG A CG  1 
ATOM   137  C CD  . ARG A 1 25 ? -8.807  7.308   -3.754  1.00 45.41  ? 25  ARG A CD  1 
ATOM   138  N NE  . ARG A 1 25 ? -10.215 7.371   -4.125  1.00 54.89  ? 25  ARG A NE  1 
ATOM   139  C CZ  . ARG A 1 25 ? -11.169 6.657   -3.543  1.00 60.50  ? 25  ARG A CZ  1 
ATOM   140  N NH1 . ARG A 1 25 ? -10.863 5.818   -2.565  1.00 62.20  ? 25  ARG A NH1 1 
ATOM   141  N NH2 . ARG A 1 25 ? -12.427 6.777   -3.943  1.00 66.74  ? 25  ARG A NH2 1 
ATOM   142  N N   . PRO A 1 26 ? -4.143  6.890   -2.123  1.00 46.01  ? 26  PRO A N   1 
ATOM   143  C CA  . PRO A 1 26 ? -2.708  7.168   -2.001  1.00 42.08  ? 26  PRO A CA  1 
ATOM   144  C C   . PRO A 1 26 ? -2.430  8.651   -2.145  1.00 46.67  ? 26  PRO A C   1 
ATOM   145  O O   . PRO A 1 26 ? -3.098  9.356   -2.903  1.00 46.72  ? 26  PRO A O   1 
ATOM   146  C CB  . PRO A 1 26 ? -2.087  6.369   -3.152  1.00 39.87  ? 26  PRO A CB  1 
ATOM   147  C CG  . PRO A 1 26 ? -3.219  6.040   -4.061  1.00 51.28  ? 26  PRO A CG  1 
ATOM   148  C CD  . PRO A 1 26 ? -4.428  5.927   -3.196  1.00 50.16  ? 26  PRO A CD  1 
ATOM   149  N N   . GLY A 1 27 ? -1.442  9.123   -1.393  1.00 46.13  ? 27  GLY A N   1 
ATOM   150  C CA  . GLY A 1 27 ? -1.062  10.509  -1.406  1.00 45.92  ? 27  GLY A CA  1 
ATOM   151  C C   . GLY A 1 27 ? -1.714  11.360  -0.341  1.00 43.79  ? 27  GLY A C   1 
ATOM   152  O O   . GLY A 1 27 ? -1.224  12.461  -0.070  1.00 48.20  ? 27  GLY A O   1 
ATOM   153  N N   . MET A 1 28 ? -2.791  10.882  0.285   1.00 42.39  ? 28  MET A N   1 
ATOM   154  C CA  . MET A 1 28 ? -3.463  11.674  1.308   1.00 38.39  ? 28  MET A CA  1 
ATOM   155  C C   . MET A 1 28 ? -2.521  11.966  2.464   1.00 46.52  ? 28  MET A C   1 
ATOM   156  O O   . MET A 1 28 ? -1.679  11.141  2.828   1.00 45.73  ? 28  MET A O   1 
ATOM   157  C CB  . MET A 1 28 ? -4.706  10.955  1.832   1.00 37.46  ? 28  MET A CB  1 
ATOM   158  C CG  . MET A 1 28 ? -5.908  10.985  0.911   1.00 50.53  ? 28  MET A CG  1 
ATOM   159  S SD  . MET A 1 28 ? -7.316  10.109  1.624   1.00 43.91  ? 28  MET A SD  1 
ATOM   160  C CE  . MET A 1 28 ? -8.623  10.623  0.505   1.00 47.05  ? 28  MET A CE  1 
ATOM   161  N N   . THR A 1 29 ? -2.656  13.158  3.034   1.00 43.40  ? 29  THR A N   1 
ATOM   162  C CA  . THR A 1 29 ? -1.873  13.497  4.206   1.00 39.41  ? 29  THR A CA  1 
ATOM   163  C C   . THR A 1 29 ? -2.478  12.862  5.454   1.00 36.07  ? 29  THR A C   1 
ATOM   164  O O   . THR A 1 29 ? -3.598  12.344  5.449   1.00 37.57  ? 29  THR A O   1 
ATOM   165  C CB  . THR A 1 29 ? -1.805  15.007  4.400   1.00 43.94  ? 29  THR A CB  1 
ATOM   166  O OG1 . THR A 1 29 ? -3.089  15.481  4.832   1.00 41.62  ? 29  THR A OG1 1 
ATOM   167  C CG2 . THR A 1 29 ? -1.412  15.703  3.101   1.00 38.67  ? 29  THR A CG2 1 
ATOM   168  N N   . ARG A 1 30 ? -1.723  12.942  6.549   1.00 37.57  ? 30  ARG A N   1 
ATOM   169  C CA  . ARG A 1 30 ? -2.233  12.482  7.833   1.00 40.46  ? 30  ARG A CA  1 
ATOM   170  C C   . ARG A 1 30 ? -3.455  13.284  8.261   1.00 39.84  ? 30  ARG A C   1 
ATOM   171  O O   . ARG A 1 30 ? -4.389  12.733  8.848   1.00 33.67  ? 30  ARG A O   1 
ATOM   172  C CB  . ARG A 1 30 ? -1.129  12.560  8.884   1.00 41.12  ? 30  ARG A CB  1 
ATOM   173  C CG  . ARG A 1 30 ? 0.056   11.661  8.568   1.00 46.85  ? 30  ARG A CG  1 
ATOM   174  C CD  . ARG A 1 30 ? 0.895   11.394  9.793   1.00 49.95  ? 30  ARG A CD  1 
ATOM   175  N NE  . ARG A 1 30 ? 1.699   12.547  10.177  1.00 62.30  ? 30  ARG A NE  1 
ATOM   176  C CZ  . ARG A 1 30 ? 3.002   12.650  9.945   1.00 78.48  ? 30  ARG A CZ  1 
ATOM   177  N NH1 . ARG A 1 30 ? 3.643   11.663  9.332   1.00 77.18  ? 30  ARG A NH1 1 
ATOM   178  N NH2 . ARG A 1 30 ? 3.665   13.735  10.327  1.00 74.58  ? 30  ARG A NH2 1 
ATOM   179  N N   . ARG A 1 31 ? -3.481  14.588  7.965   1.00 36.35  ? 31  ARG A N   1 
ATOM   180  C CA  . ARG A 1 31 ? -4.651  15.383  8.321   1.00 35.71  ? 31  ARG A CA  1 
ATOM   181  C C   . ARG A 1 31 ? -5.895  14.910  7.579   1.00 35.73  ? 31  ARG A C   1 
ATOM   182  O O   . ARG A 1 31 ? -6.974  14.793  8.172   1.00 32.37  ? 31  ARG A O   1 
ATOM   183  C CB  . ARG A 1 31 ? -4.393  16.860  8.035   1.00 40.72  ? 31  ARG A CB  1 
ATOM   184  C CG  . ARG A 1 31 ? -3.407  17.507  8.983   1.00 53.81  ? 31  ARG A CG  1 
ATOM   185  C CD  . ARG A 1 31 ? -3.325  19.008  8.755   1.00 53.45  ? 31  ARG A CD  1 
ATOM   186  N NE  . ARG A 1 31 ? -4.598  19.683  9.000   1.00 63.23  ? 31  ARG A NE  1 
ATOM   187  C CZ  . ARG A 1 31 ? -5.023  20.067  10.201  1.00 60.39  ? 31  ARG A CZ  1 
ATOM   188  N NH1 . ARG A 1 31 ? -6.188  20.682  10.330  1.00 53.81  ? 31  ARG A NH1 1 
ATOM   189  N NH2 . ARG A 1 31 ? -4.284  19.830  11.275  1.00 70.61  ? 31  ARG A NH2 1 
ATOM   190  N N   . GLN A 1 32 ? -5.763  14.633  6.279   1.00 34.97  ? 32  GLN A N   1 
ATOM   191  C CA  . GLN A 1 32 ? -6.895  14.141  5.499   1.00 32.82  ? 32  GLN A CA  1 
ATOM   192  C C   . GLN A 1 32 ? -7.387  12.795  6.022   1.00 35.37  ? 32  GLN A C   1 
ATOM   193  O O   . GLN A 1 32 ? -8.598  12.546  6.081   1.00 38.14  ? 32  GLN A O   1 
ATOM   194  C CB  . GLN A 1 32 ? -6.504  14.024  4.030   1.00 33.17  ? 32  GLN A CB  1 
ATOM   195  C CG  . GLN A 1 32 ? -6.396  15.385  3.324   1.00 30.83  ? 32  GLN A CG  1 
ATOM   196  C CD  . GLN A 1 32 ? -5.829  15.278  1.928   1.00 42.59  ? 32  GLN A CD  1 
ATOM   197  O OE1 . GLN A 1 32 ? -4.999  14.421  1.645   1.00 37.69  ? 32  GLN A OE1 1 
ATOM   198  N NE2 . GLN A 1 32 ? -6.272  16.163  1.044   1.00 37.24  ? 32  GLN A NE2 1 
ATOM   199  N N   . VAL A 1 33 ? -6.462  11.905  6.372   1.00 41.22  ? 33  VAL A N   1 
ATOM   200  C CA  . VAL A 1 33 ? -6.851  10.614  6.934   1.00 31.68  ? 33  VAL A CA  1 
ATOM   201  C C   . VAL A 1 33 ? -7.559  10.804  8.270   1.00 33.67  ? 33  VAL A C   1 
ATOM   202  O O   . VAL A 1 33 ? -8.581  10.162  8.543   1.00 36.97  ? 33  VAL A O   1 
ATOM   203  C CB  . VAL A 1 33 ? -5.620  9.698   7.057   1.00 35.77  ? 33  VAL A CB  1 
ATOM   204  C CG1 . VAL A 1 33 ? -5.968  8.456   7.856   1.00 31.64  ? 33  VAL A CG1 1 
ATOM   205  C CG2 . VAL A 1 33 ? -5.129  9.302   5.683   1.00 33.47  ? 33  VAL A CG2 1 
ATOM   206  N N   . ARG A 1 34 ? -7.043  11.705  9.114   1.00 41.76  ? 34  ARG A N   1 
ATOM   207  C CA  . ARG A 1 34 ? -7.676  11.952  10.404  1.00 36.97  ? 34  ARG A CA  1 
ATOM   208  C C   . ARG A 1 34 ? -9.113  12.425  10.235  1.00 39.69  ? 34  ARG A C   1 
ATOM   209  O O   . ARG A 1 34 ? -9.987  12.059  11.028  1.00 39.25  ? 34  ARG A O   1 
ATOM   210  C CB  . ARG A 1 34 ? -6.878  12.969  11.216  1.00 38.46  ? 34  ARG A CB  1 
ATOM   211  C CG  . ARG A 1 34 ? -7.389  13.095  12.639  1.00 37.39  ? 34  ARG A CG  1 
ATOM   212  C CD  . ARG A 1 34 ? -6.683  14.158  13.450  1.00 41.25  ? 34  ARG A CD  1 
ATOM   213  N NE  . ARG A 1 34 ? -5.235  13.998  13.474  1.00 39.60  ? 34  ARG A NE  1 
ATOM   214  C CZ  . ARG A 1 34 ? -4.585  13.211  14.328  1.00 47.74  ? 34  ARG A CZ  1 
ATOM   215  N NH1 . ARG A 1 34 ? -5.259  12.501  15.225  1.00 44.08  ? 34  ARG A NH1 1 
ATOM   216  N NH2 . ARG A 1 34 ? -3.263  13.130  14.281  1.00 42.65  ? 34  ARG A NH2 1 
ATOM   217  N N   . PHE A 1 35 ? -9.380  13.252  9.218   1.00 37.41  ? 35  PHE A N   1 
ATOM   218  C CA  . PHE A 1 35 ? -10.757 13.665  8.972   1.00 37.07  ? 35  PHE A CA  1 
ATOM   219  C C   . PHE A 1 35 ? -11.630 12.467  8.620   1.00 39.92  ? 35  PHE A C   1 
ATOM   220  O O   . PHE A 1 35 ? -12.732 12.305  9.157   1.00 42.95  ? 35  PHE A O   1 
ATOM   221  C CB  . PHE A 1 35 ? -10.819 14.718  7.857   1.00 34.35  ? 35  PHE A CB  1 
ATOM   222  C CG  . PHE A 1 35 ? -12.210 15.199  7.573   1.00 38.32  ? 35  PHE A CG  1 
ATOM   223  C CD1 . PHE A 1 35 ? -13.026 14.526  6.677   1.00 35.27  ? 35  PHE A CD1 1 
ATOM   224  C CD2 . PHE A 1 35 ? -12.713 16.315  8.216   1.00 40.25  ? 35  PHE A CD2 1 
ATOM   225  C CE1 . PHE A 1 35 ? -14.313 14.953  6.433   1.00 39.75  ? 35  PHE A CE1 1 
ATOM   226  C CE2 . PHE A 1 35 ? -14.001 16.749  7.977   1.00 35.43  ? 35  PHE A CE2 1 
ATOM   227  C CZ  . PHE A 1 35 ? -14.801 16.074  7.082   1.00 37.13  ? 35  PHE A CZ  1 
ATOM   228  N N   . ILE A 1 36 ? -11.148 11.614  7.716   1.00 37.89  ? 36  ILE A N   1 
ATOM   229  C CA  . ILE A 1 36 ? -11.965 10.516  7.208   1.00 35.04  ? 36  ILE A CA  1 
ATOM   230  C C   . ILE A 1 36 ? -12.122 9.422   8.262   1.00 35.47  ? 36  ILE A C   1 
ATOM   231  O O   . ILE A 1 36 ? -13.234 8.962   8.539   1.00 43.01  ? 36  ILE A O   1 
ATOM   232  C CB  . ILE A 1 36 ? -11.351 9.958   5.912   1.00 36.10  ? 36  ILE A CB  1 
ATOM   233  C CG1 . ILE A 1 36 ? -11.465 10.990  4.787   1.00 32.86  ? 36  ILE A CG1 1 
ATOM   234  C CG2 . ILE A 1 36 ? -12.022 8.663   5.512   1.00 38.54  ? 36  ILE A CG2 1 
ATOM   235  C CD1 . ILE A 1 36 ? -10.719 10.598  3.541   1.00 37.11  ? 36  ILE A CD1 1 
ATOM   236  N N   . MET A 1 37 ? -11.011 9.008   8.875   1.00 37.63  ? 37  MET A N   1 
ATOM   237  C CA  . MET A 1 37 ? -10.970 7.825   9.733   1.00 35.95  ? 37  MET A CA  1 
ATOM   238  C C   . MET A 1 37 ? -11.120 8.129   11.217  1.00 42.41  ? 37  MET A C   1 
ATOM   239  O O   . MET A 1 37 ? -11.434 7.216   11.991  1.00 38.66  ? 37  MET A O   1 
ATOM   240  C CB  . MET A 1 37 ? -9.642  7.087   9.529   1.00 33.55  ? 37  MET A CB  1 
ATOM   241  C CG  . MET A 1 37 ? -9.393  6.589   8.124   1.00 38.89  ? 37  MET A CG  1 
ATOM   242  S SD  . MET A 1 37 ? -10.325 5.087   7.755   1.00 39.37  ? 37  MET A SD  1 
ATOM   243  C CE  . MET A 1 37 ? -9.532  3.862   8.819   1.00 36.15  ? 37  MET A CE  1 
ATOM   244  N N   . GLY A 1 38 ? -10.898 9.369   11.632  1.00 34.64  ? 38  GLY A N   1 
ATOM   245  C CA  . GLY A 1 38 ? -10.802 9.695   13.038  1.00 32.26  ? 38  GLY A CA  1 
ATOM   246  C C   . GLY A 1 38 ? -9.392  9.497   13.557  1.00 33.65  ? 38  GLY A C   1 
ATOM   247  O O   . GLY A 1 38 ? -8.459  9.165   12.822  1.00 39.96  ? 38  GLY A O   1 
ATOM   248  N N   . ASN A 1 39 ? -9.233  9.696   14.862  1.00 37.98  ? 39  ASN A N   1 
ATOM   249  C CA  . ASN A 1 39 ? -7.916  9.559   15.464  1.00 32.56  ? 39  ASN A CA  1 
ATOM   250  C C   . ASN A 1 39 ? -7.464  8.098   15.433  1.00 36.87  ? 39  ASN A C   1 
ATOM   251  O O   . ASN A 1 39 ? -8.246  7.198   15.754  1.00 38.34  ? 39  ASN A O   1 
ATOM   252  C CB  . ASN A 1 39 ? -7.924  10.056  16.904  1.00 38.12  ? 39  ASN A CB  1 
ATOM   253  C CG  . ASN A 1 39 ? -8.289  11.506  17.019  1.00 41.61  ? 39  ASN A CG  1 
ATOM   254  O OD1 . ASN A 1 39 ? -7.875  12.331  16.205  1.00 41.46  ? 39  ASN A OD1 1 
ATOM   255  N ND2 . ASN A 1 39 ? -9.072  11.833  18.037  1.00 39.47  ? 39  ASN A ND2 1 
ATOM   256  N N   . PRO A 1 40 ? -6.211  7.834   15.071  1.00 33.47  ? 40  PRO A N   1 
ATOM   257  C CA  . PRO A 1 40 ? -5.729  6.450   15.047  1.00 32.44  ? 40  PRO A CA  1 
ATOM   258  C C   . PRO A 1 40 ? -5.740  5.828   16.436  1.00 40.34  ? 40  PRO A C   1 
ATOM   259  O O   . PRO A 1 40 ? -5.620  6.509   17.457  1.00 37.84  ? 40  PRO A O   1 
ATOM   260  C CB  . PRO A 1 40 ? -4.304  6.581   14.498  1.00 34.86  ? 40  PRO A CB  1 
ATOM   261  C CG  . PRO A 1 40 ? -3.927  8.001   14.779  1.00 37.62  ? 40  PRO A CG  1 
ATOM   262  C CD  . PRO A 1 40 ? -5.173  8.789   14.665  1.00 37.67  ? 40  PRO A CD  1 
ATOM   263  N N   . LEU A 1 41 ? -5.917  4.510   16.459  1.00 41.26  ? 41  LEU A N   1 
ATOM   264  C CA  . LEU A 1 41 ? -5.925  3.767   17.712  1.00 38.47  ? 41  LEU A CA  1 
ATOM   265  C C   . LEU A 1 41 ? -4.513  3.586   18.263  1.00 33.97  ? 41  LEU A C   1 
ATOM   266  O O   . LEU A 1 41 ? -4.270  3.798   19.455  1.00 39.20  ? 41  LEU A O   1 
ATOM   267  C CB  . LEU A 1 41 ? -6.608  2.425   17.485  1.00 40.72  ? 41  LEU A CB  1 
ATOM   268  C CG  . LEU A 1 41 ? -6.821  1.520   18.680  1.00 36.64  ? 41  LEU A CG  1 
ATOM   269  C CD1 . LEU A 1 41 ? -7.512  2.293   19.781  1.00 42.49  ? 41  LEU A CD1 1 
ATOM   270  C CD2 . LEU A 1 41 ? -7.673  0.360   18.216  1.00 40.98  ? 41  LEU A CD2 1 
ATOM   271  N N   . ILE A 1 42 ? -3.568  3.211   17.403  1.00 34.18  ? 42  ILE A N   1 
ATOM   272  C CA  . ILE A 1 42 ? -2.159  3.084   17.759  1.00 34.23  ? 42  ILE A CA  1 
ATOM   273  C C   . ILE A 1 42 ? -1.316  3.738   16.672  1.00 40.91  ? 42  ILE A C   1 
ATOM   274  O O   . ILE A 1 42 ? -1.625  3.620   15.480  1.00 38.20  ? 42  ILE A O   1 
ATOM   275  C CB  . ILE A 1 42 ? -1.754  1.606   17.936  1.00 35.79  ? 42  ILE A CB  1 
ATOM   276  C CG1 . ILE A 1 42 ? -2.563  0.962   19.056  1.00 39.51  ? 42  ILE A CG1 1 
ATOM   277  C CG2 . ILE A 1 42 ? -0.253  1.477   18.203  1.00 42.99  ? 42  ILE A CG2 1 
ATOM   278  C CD1 . ILE A 1 42 ? -2.311  -0.522  19.194  1.00 37.80  ? 42  ILE A CD1 1 
ATOM   279  N N   . VAL A 1 43 ? -0.249  4.421   17.085  1.00 40.40  ? 43  VAL A N   1 
ATOM   280  C CA  . VAL A 1 43 ? 0.685   5.069   16.171  1.00 44.72  ? 43  VAL A CA  1 
ATOM   281  C C   . VAL A 1 43 ? 2.094   4.580   16.470  1.00 41.63  ? 43  VAL A C   1 
ATOM   282  O O   . VAL A 1 43 ? 2.501   4.523   17.635  1.00 51.18  ? 43  VAL A O   1 
ATOM   283  C CB  . VAL A 1 43 ? 0.624   6.600   16.284  1.00 39.04  ? 43  VAL A CB  1 
ATOM   284  C CG1 . VAL A 1 43 ? 1.640   7.224   15.352  1.00 45.63  ? 43  VAL A CG1 1 
ATOM   285  C CG2 . VAL A 1 43 ? -0.765  7.085   15.960  1.00 43.46  ? 43  VAL A CG2 1 
ATOM   286  N N   . ASP A 1 44 ? 2.838   4.242   15.419  1.00 39.32  ? 44  ASP A N   1 
ATOM   287  C CA  . ASP A 1 44 ? 4.214   3.784   15.534  1.00 42.89  ? 44  ASP A CA  1 
ATOM   288  C C   . ASP A 1 44 ? 5.073   4.518   14.515  1.00 52.77  ? 44  ASP A C   1 
ATOM   289  O O   . ASP A 1 44 ? 4.588   4.935   13.461  1.00 50.82  ? 44  ASP A O   1 
ATOM   290  C CB  . ASP A 1 44 ? 4.308   2.257   15.315  1.00 51.66  ? 44  ASP A CB  1 
ATOM   291  C CG  . ASP A 1 44 ? 5.641   1.672   15.765  1.00 56.05  ? 44  ASP A CG  1 
ATOM   292  O OD1 . ASP A 1 44 ? 6.456   2.408   16.362  1.00 62.09  ? 44  ASP A OD1 1 
ATOM   293  O OD2 . ASP A 1 44 ? 5.872   0.466   15.518  1.00 61.38  ? 44  ASP A OD2 1 
ATOM   294  N N   . THR A 1 45 ? 6.351   4.692   14.848  1.00 49.78  ? 45  THR A N   1 
ATOM   295  C CA  . THR A 1 45 ? 7.355   5.183   13.915  1.00 48.27  ? 45  THR A CA  1 
ATOM   296  C C   . THR A 1 45 ? 8.485   4.165   13.825  1.00 52.19  ? 45  THR A C   1 
ATOM   297  O O   . THR A 1 45 ? 8.836   3.530   14.824  1.00 55.88  ? 45  THR A O   1 
ATOM   298  C CB  . THR A 1 45 ? 7.921   6.550   14.335  1.00 54.54  ? 45  THR A CB  1 
ATOM   299  O OG1 . THR A 1 45 ? 9.006   6.359   15.248  1.00 71.80  ? 45  THR A OG1 1 
ATOM   300  C CG2 . THR A 1 45 ? 6.850   7.400   15.006  1.00 51.86  ? 45  THR A CG2 1 
ATOM   301  N N   . PHE A 1 46 ? 9.045   4.002   12.629  1.00 50.40  ? 46  PHE A N   1 
ATOM   302  C CA  . PHE A 1 46 ? 10.109  3.029   12.416  1.00 55.54  ? 46  PHE A CA  1 
ATOM   303  C C   . PHE A 1 46 ? 10.884  3.402   11.157  1.00 57.48  ? 46  PHE A C   1 
ATOM   304  O O   . PHE A 1 46 ? 10.567  4.373   10.467  1.00 53.74  ? 46  PHE A O   1 
ATOM   305  C CB  . PHE A 1 46 ? 9.548   1.609   12.324  1.00 54.12  ? 46  PHE A CB  1 
ATOM   306  C CG  . PHE A 1 46 ? 8.512   1.433   11.254  1.00 52.12  ? 46  PHE A CG  1 
ATOM   307  C CD1 . PHE A 1 46 ? 8.882   1.140   9.950   1.00 47.91  ? 46  PHE A CD1 1 
ATOM   308  C CD2 . PHE A 1 46 ? 7.167   1.550   11.551  1.00 59.72  ? 46  PHE A CD2 1 
ATOM   309  C CE1 . PHE A 1 46 ? 7.935   0.977   8.968   1.00 50.30  ? 46  PHE A CE1 1 
ATOM   310  C CE2 . PHE A 1 46 ? 6.210   1.386   10.567  1.00 58.59  ? 46  PHE A CE2 1 
ATOM   311  C CZ  . PHE A 1 46 ? 6.597   1.101   9.274   1.00 55.40  ? 46  PHE A CZ  1 
ATOM   312  N N   . HIS A 1 47 ? 11.910  2.605   10.867  1.00 65.06  ? 47  HIS A N   1 
ATOM   313  C CA  . HIS A 1 47 ? 12.728  2.776   9.675   1.00 62.14  ? 47  HIS A CA  1 
ATOM   314  C C   . HIS A 1 47 ? 12.134  1.942   8.548   1.00 54.98  ? 47  HIS A C   1 
ATOM   315  O O   . HIS A 1 47 ? 11.995  0.721   8.679   1.00 59.33  ? 47  HIS A O   1 
ATOM   316  C CB  . HIS A 1 47 ? 14.172  2.354   9.942   1.00 71.27  ? 47  HIS A CB  1 
ATOM   317  C CG  . HIS A 1 47 ? 14.841  3.143   11.022  1.00 75.04  ? 47  HIS A CG  1 
ATOM   318  N ND1 . HIS A 1 47 ? 15.409  2.553   12.131  1.00 77.29  ? 47  HIS A ND1 1 
ATOM   319  C CD2 . HIS A 1 47 ? 15.039  4.476   11.162  1.00 71.04  ? 47  HIS A CD2 1 
ATOM   320  C CE1 . HIS A 1 47 ? 15.925  3.488   12.908  1.00 78.75  ? 47  HIS A CE1 1 
ATOM   321  N NE2 . HIS A 1 47 ? 15.714  4.663   12.343  1.00 74.25  ? 47  HIS A NE2 1 
ATOM   322  N N   . ALA A 1 48 ? 11.783  2.598   7.452   1.00 53.46  ? 48  ALA A N   1 
ATOM   323  C CA  . ALA A 1 48 ? 11.200  1.927   6.302   1.00 49.97  ? 48  ALA A CA  1 
ATOM   324  C C   . ALA A 1 48 ? 12.166  1.980   5.132   1.00 51.04  ? 48  ALA A C   1 
ATOM   325  O O   . ALA A 1 48 ? 13.137  2.738   5.129   1.00 54.05  ? 48  ALA A O   1 
ATOM   326  C CB  . ALA A 1 48 ? 9.858   2.563   5.921   1.00 46.75  ? 48  ALA A CB  1 
ATOM   327  N N   . ASN A 1 49 ? 11.895  1.150   4.133   1.00 46.45  ? 49  ASN A N   1 
ATOM   328  C CA  . ASN A 1 49 ? 12.656  1.149   2.895   1.00 43.84  ? 49  ASN A CA  1 
ATOM   329  C C   . ASN A 1 49 ? 11.693  1.276   1.729   1.00 45.30  ? 49  ASN A C   1 
ATOM   330  O O   . ASN A 1 49 ? 10.589  0.730   1.766   1.00 44.52  ? 49  ASN A O   1 
ATOM   331  C CB  . ASN A 1 49 ? 13.496  -0.123  2.744   1.00 41.69  ? 49  ASN A CB  1 
ATOM   332  C CG  . ASN A 1 49 ? 14.567  -0.242  3.809   1.00 49.57  ? 49  ASN A CG  1 
ATOM   333  O OD1 . ASN A 1 49 ? 15.569  0.470   3.779   1.00 56.25  ? 49  ASN A OD1 1 
ATOM   334  N ND2 . ASN A 1 49 ? 14.362  -1.150  4.754   1.00 51.45  ? 49  ASN A ND2 1 
ATOM   335  N N   . ARG A 1 50 ? 12.108  2.014   0.703   1.00 38.79  ? 50  ARG A N   1 
ATOM   336  C CA  . ARG A 1 50 ? 11.351  2.140   -0.533  1.00 31.30  ? 50  ARG A CA  1 
ATOM   337  C C   . ARG A 1 50 ? 12.205  1.594   -1.666  1.00 38.12  ? 50  ARG A C   1 
ATOM   338  O O   . ARG A 1 50 ? 13.403  1.887   -1.737  1.00 40.80  ? 50  ARG A O   1 
ATOM   339  C CB  . ARG A 1 50 ? 10.962  3.605   -0.819  1.00 36.22  ? 50  ARG A CB  1 
ATOM   340  C CG  . ARG A 1 50 ? 10.016  3.775   -2.008  1.00 35.85  ? 50  ARG A CG  1 
ATOM   341  C CD  . ARG A 1 50 ? 9.887   5.241   -2.443  1.00 41.76  ? 50  ARG A CD  1 
ATOM   342  N NE  . ARG A 1 50 ? 11.138  5.710   -3.028  1.00 48.81  ? 50  ARG A NE  1 
ATOM   343  C CZ  . ARG A 1 50 ? 11.961  6.574   -2.448  1.00 45.35  ? 50  ARG A CZ  1 
ATOM   344  N NH1 . ARG A 1 50 ? 11.654  7.105   -1.270  1.00 44.28  ? 50  ARG A NH1 1 
ATOM   345  N NH2 . ARG A 1 50 ? 13.088  6.921   -3.056  1.00 48.06  ? 50  ARG A NH2 1 
ATOM   346  N N   . TRP A 1 51 ? 11.593  0.789   -2.530  1.00 34.42  ? 51  TRP A N   1 
ATOM   347  C CA  . TRP A 1 51 ? 12.234  0.253   -3.726  1.00 32.44  ? 51  TRP A CA  1 
ATOM   348  C C   . TRP A 1 51 ? 11.535  0.823   -4.950  1.00 35.32  ? 51  TRP A C   1 
ATOM   349  O O   . TRP A 1 51 ? 10.318  0.672   -5.092  1.00 39.10  ? 51  TRP A O   1 
ATOM   350  C CB  . TRP A 1 51 ? 12.159  -1.275  -3.749  1.00 33.23  ? 51  TRP A CB  1 
ATOM   351  C CG  . TRP A 1 51 ? 13.128  -1.945  -2.870  1.00 34.01  ? 51  TRP A CG  1 
ATOM   352  C CD1 . TRP A 1 51 ? 13.857  -1.384  -1.864  1.00 34.14  ? 51  TRP A CD1 1 
ATOM   353  C CD2 . TRP A 1 51 ? 13.495  -3.329  -2.908  1.00 35.37  ? 51  TRP A CD2 1 
ATOM   354  N NE1 . TRP A 1 51 ? 14.653  -2.335  -1.274  1.00 41.62  ? 51  TRP A NE1 1 
ATOM   355  C CE2 . TRP A 1 51 ? 14.455  -3.534  -1.904  1.00 38.26  ? 51  TRP A CE2 1 
ATOM   356  C CE3 . TRP A 1 51 ? 13.110  -4.411  -3.706  1.00 43.04  ? 51  TRP A CE3 1 
ATOM   357  C CZ2 . TRP A 1 51 ? 15.026  -4.785  -1.663  1.00 35.10  ? 51  TRP A CZ2 1 
ATOM   358  C CZ3 . TRP A 1 51 ? 13.682  -5.647  -3.466  1.00 37.97  ? 51  TRP A CZ3 1 
ATOM   359  C CH2 . TRP A 1 51 ? 14.632  -5.818  -2.462  1.00 39.07  ? 51  TRP A CH2 1 
ATOM   360  N N   . ASP A 1 52 ? 12.298  1.460   -5.836  1.00 41.52  ? 52  ASP A N   1 
ATOM   361  C CA  . ASP A 1 52 ? 11.756  2.092   -7.032  1.00 34.79  ? 52  ASP A CA  1 
ATOM   362  C C   . ASP A 1 52 ? 12.089  1.279   -8.275  1.00 33.96  ? 52  ASP A C   1 
ATOM   363  O O   . ASP A 1 52 ? 13.218  0.807   -8.434  1.00 38.31  ? 52  ASP A O   1 
ATOM   364  C CB  . ASP A 1 52 ? 12.302  3.516   -7.204  1.00 32.55  ? 52  ASP A CB  1 
ATOM   365  C CG  . ASP A 1 52 ? 11.857  4.454   -6.096  1.00 40.97  ? 52  ASP A CG  1 
ATOM   366  O OD1 . ASP A 1 52 ? 10.690  4.359   -5.654  1.00 42.49  ? 52  ASP A OD1 1 
ATOM   367  O OD2 . ASP A 1 52 ? 12.676  5.299   -5.670  1.00 45.28  ? 52  ASP A OD2 1 
ATOM   368  N N   . TYR A 1 53 ? 11.109  1.136   -9.167  1.00 38.96  ? 53  TYR A N   1 
ATOM   369  C CA  . TYR A 1 53 ? 11.292  0.433   -10.430 1.00 39.03  ? 53  TYR A CA  1 
ATOM   370  C C   . TYR A 1 53 ? 10.685  1.213   -11.587 1.00 39.32  ? 53  TYR A C   1 
ATOM   371  O O   . TYR A 1 53 ? 9.596   1.778   -11.463 1.00 42.31  ? 53  TYR A O   1 
ATOM   372  C CB  . TYR A 1 53 ? 10.637  -0.948  -10.417 1.00 36.52  ? 53  TYR A CB  1 
ATOM   373  C CG  . TYR A 1 53 ? 11.238  -1.974  -9.466  1.00 37.54  ? 53  TYR A CG  1 
ATOM   374  C CD1 . TYR A 1 53 ? 10.935  -1.953  -8.110  1.00 39.86  ? 53  TYR A CD1 1 
ATOM   375  C CD2 . TYR A 1 53 ? 12.077  -2.975  -9.937  1.00 40.32  ? 53  TYR A CD2 1 
ATOM   376  C CE1 . TYR A 1 53 ? 11.468  -2.900  -7.239  1.00 37.60  ? 53  TYR A CE1 1 
ATOM   377  C CE2 . TYR A 1 53 ? 12.611  -3.937  -9.070  1.00 35.96  ? 53  TYR A CE2 1 
ATOM   378  C CZ  . TYR A 1 53 ? 12.309  -3.882  -7.724  1.00 36.79  ? 53  TYR A CZ  1 
ATOM   379  O OH  . TYR A 1 53 ? 12.830  -4.820  -6.860  1.00 37.61  ? 53  TYR A OH  1 
ATOM   380  N N   . LEU A 1 54 ? 11.382  1.207   -12.718 1.00 40.28  ? 54  LEU A N   1 
ATOM   381  C CA  . LEU A 1 54 ? 10.772  1.460   -14.016 1.00 40.33  ? 54  LEU A CA  1 
ATOM   382  C C   . LEU A 1 54 ? 10.185  0.160   -14.544 1.00 48.98  ? 54  LEU A C   1 
ATOM   383  O O   . LEU A 1 54 ? 10.823  -0.892  -14.459 1.00 44.24  ? 54  LEU A O   1 
ATOM   384  C CB  . LEU A 1 54 ? 11.801  1.978   -15.014 1.00 37.57  ? 54  LEU A CB  1 
ATOM   385  C CG  . LEU A 1 54 ? 12.365  3.379   -14.821 1.00 43.88  ? 54  LEU A CG  1 
ATOM   386  C CD1 . LEU A 1 54 ? 13.505  3.590   -15.802 1.00 38.91  ? 54  LEU A CD1 1 
ATOM   387  C CD2 . LEU A 1 54 ? 11.268  4.398   -15.028 1.00 45.20  ? 54  LEU A CD2 1 
ATOM   388  N N   . TYR A 1 55 ? 8.980   0.231   -15.106 1.00 42.90  ? 55  TYR A N   1 
ATOM   389  C CA  . TYR A 1 55 ? 8.373   -0.961  -15.685 1.00 49.61  ? 55  TYR A CA  1 
ATOM   390  C C   . TYR A 1 55 ? 7.750   -0.631  -17.033 1.00 51.69  ? 55  TYR A C   1 
ATOM   391  O O   . TYR A 1 55 ? 7.490   0.530   -17.360 1.00 51.17  ? 55  TYR A O   1 
ATOM   392  C CB  . TYR A 1 55 ? 7.332   -1.596  -14.750 1.00 44.59  ? 55  TYR A CB  1 
ATOM   393  C CG  . TYR A 1 55 ? 6.041   -0.826  -14.594 1.00 46.00  ? 55  TYR A CG  1 
ATOM   394  C CD1 . TYR A 1 55 ? 5.929   0.198   -13.665 1.00 43.40  ? 55  TYR A CD1 1 
ATOM   395  C CD2 . TYR A 1 55 ? 4.920   -1.150  -15.348 1.00 44.41  ? 55  TYR A CD2 1 
ATOM   396  C CE1 . TYR A 1 55 ? 4.744   0.896   -13.508 1.00 46.52  ? 55  TYR A CE1 1 
ATOM   397  C CE2 . TYR A 1 55 ? 3.734   -0.462  -15.199 1.00 53.84  ? 55  TYR A CE2 1 
ATOM   398  C CZ  . TYR A 1 55 ? 3.651   0.560   -14.278 1.00 51.42  ? 55  TYR A CZ  1 
ATOM   399  O OH  . TYR A 1 55 ? 2.470   1.247   -14.128 1.00 57.05  ? 55  TYR A OH  1 
ATOM   400  N N   . SER A 1 56 ? 7.532   -1.682  -17.820 1.00 56.87  ? 56  SER A N   1 
ATOM   401  C CA  . SER A 1 56 ? 7.001   -1.582  -19.172 1.00 54.98  ? 56  SER A CA  1 
ATOM   402  C C   . SER A 1 56 ? 5.602   -2.178  -19.226 1.00 60.09  ? 56  SER A C   1 
ATOM   403  O O   . SER A 1 56 ? 5.376   -3.292  -18.744 1.00 66.19  ? 56  SER A O   1 
ATOM   404  C CB  . SER A 1 56 ? 7.904   -2.302  -20.175 1.00 57.36  ? 56  SER A CB  1 
ATOM   405  O OG  . SER A 1 56 ? 9.207   -1.747  -20.179 1.00 61.43  ? 56  SER A OG  1 
ATOM   406  N N   . ILE A 1 57 ? 4.675   -1.431  -19.810 1.00 73.00  ? 57  ILE A N   1 
ATOM   407  C CA  . ILE A 1 57 ? 3.337   -1.911  -20.132 1.00 79.66  ? 57  ILE A CA  1 
ATOM   408  C C   . ILE A 1 57 ? 3.307   -2.213  -21.623 1.00 91.87  ? 57  ILE A C   1 
ATOM   409  O O   . ILE A 1 57 ? 3.809   -1.416  -22.429 1.00 97.00  ? 57  ILE A O   1 
ATOM   410  C CB  . ILE A 1 57 ? 2.266   -0.872  -19.742 1.00 82.93  ? 57  ILE A CB  1 
ATOM   411  C CG1 . ILE A 1 57 ? 0.953   -1.135  -20.482 1.00 88.71  ? 57  ILE A CG1 1 
ATOM   412  C CG2 . ILE A 1 57 ? 2.773   0.546   -20.004 1.00 75.28  ? 57  ILE A CG2 1 
ATOM   413  C CD1 . ILE A 1 57 ? -0.087  -0.045  -20.297 1.00 78.20  ? 57  ILE A CD1 1 
ATOM   414  N N   . GLN A 1 58 ? 2.719   -3.361  -21.999 1.00 88.64  ? 58  GLN A N   1 
ATOM   415  C CA  . GLN A 1 58 ? 2.799   -3.847  -23.376 1.00 98.46  ? 58  GLN A CA  1 
ATOM   416  C C   . GLN A 1 58 ? 4.266   -3.948  -23.775 1.00 98.12  ? 58  GLN A C   1 
ATOM   417  O O   . GLN A 1 58 ? 4.795   -3.052  -24.445 1.00 98.63  ? 58  GLN A O   1 
ATOM   418  C CB  . GLN A 1 58 ? 2.021   -2.941  -24.338 1.00 99.92  ? 58  GLN A CB  1 
ATOM   419  C CG  . GLN A 1 58 ? 1.844   -3.511  -25.745 1.00 106.46 ? 58  GLN A CG  1 
ATOM   420  C CD  . GLN A 1 58 ? 2.945   -3.085  -26.705 1.00 113.64 ? 58  GLN A CD  1 
ATOM   421  O OE1 . GLN A 1 58 ? 3.482   -1.982  -26.602 1.00 108.78 ? 58  GLN A OE1 1 
ATOM   422  N NE2 . GLN A 1 58 ? 3.290   -3.965  -27.640 1.00 106.21 ? 58  GLN A NE2 1 
ATOM   423  N N   . PRO A 1 59 ? 4.963   -4.994  -23.330 1.00 101.35 ? 59  PRO A N   1 
ATOM   424  C CA  . PRO A 1 59 ? 6.425   -5.038  -23.471 1.00 105.21 ? 59  PRO A CA  1 
ATOM   425  C C   . PRO A 1 59 ? 6.884   -4.812  -24.906 1.00 105.18 ? 59  PRO A C   1 
ATOM   426  O O   . PRO A 1 59 ? 6.210   -5.188  -25.868 1.00 101.80 ? 59  PRO A O   1 
ATOM   427  C CB  . PRO A 1 59 ? 6.784   -6.448  -22.984 1.00 97.88  ? 59  PRO A CB  1 
ATOM   428  C CG  . PRO A 1 59 ? 5.513   -7.232  -23.101 1.00 96.04  ? 59  PRO A CG  1 
ATOM   429  C CD  . PRO A 1 59 ? 4.422   -6.256  -22.800 1.00 97.51  ? 59  PRO A CD  1 
ATOM   430  N N   . GLY A 1 60 ? 8.046   -4.172  -25.029 1.00 104.29 ? 60  GLY A N   1 
ATOM   431  C CA  . GLY A 1 60 ? 8.589   -3.762  -26.305 1.00 90.08  ? 60  GLY A CA  1 
ATOM   432  C C   . GLY A 1 60 ? 8.402   -2.296  -26.632 1.00 87.84  ? 60  GLY A C   1 
ATOM   433  O O   . GLY A 1 60 ? 8.826   -1.867  -27.710 1.00 91.25  ? 60  GLY A O   1 
ATOM   434  N N   . GLY A 1 61 ? 7.814   -1.512  -25.725 1.00 85.46  ? 61  GLY A N   1 
ATOM   435  C CA  . GLY A 1 61 ? 7.416   -0.146  -26.008 1.00 87.43  ? 61  GLY A CA  1 
ATOM   436  C C   . GLY A 1 61 ? 8.528   0.879   -26.064 1.00 78.23  ? 61  GLY A C   1 
ATOM   437  O O   . GLY A 1 61 ? 8.294   1.991   -26.555 1.00 83.75  ? 61  GLY A O   1 
ATOM   438  N N   . GLY A 1 62 ? 9.719   0.549   -25.580 1.00 69.86  ? 62  GLY A N   1 
ATOM   439  C CA  . GLY A 1 62 ? 10.843  1.462   -25.621 1.00 62.06  ? 62  GLY A CA  1 
ATOM   440  C C   . GLY A 1 62 ? 11.048  2.194   -24.305 1.00 52.99  ? 62  GLY A C   1 
ATOM   441  O O   . GLY A 1 62 ? 10.172  2.253   -23.438 1.00 51.33  ? 62  GLY A O   1 
ATOM   442  N N   . ARG A 1 63 ? 12.238  2.793   -24.184 1.00 59.74  ? 63  ARG A N   1 
ATOM   443  C CA  . ARG A 1 63 ? 12.656  3.388   -22.917 1.00 50.30  ? 63  ARG A CA  1 
ATOM   444  C C   . ARG A 1 63 ? 11.738  4.525   -22.492 1.00 48.85  ? 63  ARG A C   1 
ATOM   445  O O   . ARG A 1 63 ? 11.446  4.684   -21.301 1.00 50.21  ? 63  ARG A O   1 
ATOM   446  C CB  . ARG A 1 63 ? 14.100  3.885   -23.017 1.00 43.90  ? 63  ARG A CB  1 
ATOM   447  C CG  . ARG A 1 63 ? 15.099  2.791   -23.313 1.00 62.23  ? 63  ARG A CG  1 
ATOM   448  C CD  . ARG A 1 63 ? 16.529  3.297   -23.254 1.00 73.05  ? 63  ARG A CD  1 
ATOM   449  N NE  . ARG A 1 63 ? 17.489  2.201   -23.374 1.00 78.68  ? 63  ARG A NE  1 
ATOM   450  C CZ  . ARG A 1 63 ? 18.809  2.348   -23.330 1.00 80.19  ? 63  ARG A CZ  1 
ATOM   451  N NH1 . ARG A 1 63 ? 19.598  1.288   -23.450 1.00 86.70  ? 63  ARG A NH1 1 
ATOM   452  N NH2 . ARG A 1 63 ? 19.343  3.553   -23.167 1.00 79.73  ? 63  ARG A NH2 1 
ATOM   453  N N   . ARG A 1 64 ? 11.283  5.342   -23.442 1.00 49.84  ? 64  ARG A N   1 
ATOM   454  C CA  . ARG A 1 64 ? 10.469  6.489   -23.064 1.00 43.12  ? 64  ARG A CA  1 
ATOM   455  C C   . ARG A 1 64 ? 9.050   6.098   -22.664 1.00 49.48  ? 64  ARG A C   1 
ATOM   456  O O   . ARG A 1 64 ? 8.362   6.902   -22.031 1.00 53.57  ? 64  ARG A O   1 
ATOM   457  C CB  . ARG A 1 64 ? 10.437  7.511   -24.200 1.00 48.60  ? 64  ARG A CB  1 
ATOM   458  C CG  . ARG A 1 64 ? 11.774  8.194   -24.429 1.00 40.09  ? 64  ARG A CG  1 
ATOM   459  C CD  . ARG A 1 64 ? 11.712  9.189   -25.578 1.00 50.92  ? 64  ARG A CD  1 
ATOM   460  N NE  . ARG A 1 64 ? 10.964  10.399  -25.244 1.00 45.39  ? 64  ARG A NE  1 
ATOM   461  C CZ  . ARG A 1 64 ? 11.482  11.438  -24.594 1.00 50.59  ? 64  ARG A CZ  1 
ATOM   462  N NH1 . ARG A 1 64 ? 12.750  11.405  -24.199 1.00 36.53  ? 64  ARG A NH1 1 
ATOM   463  N NH2 . ARG A 1 64 ? 10.738  12.509  -24.336 1.00 49.72  ? 64  ARG A NH2 1 
ATOM   464  N N   . GLN A 1 65 ? 8.602   4.889   -22.994 1.00 53.91  ? 65  GLN A N   1 
ATOM   465  C CA  . GLN A 1 65 ? 7.257   4.452   -22.637 1.00 55.79  ? 65  GLN A CA  1 
ATOM   466  C C   . GLN A 1 65 ? 7.190   3.774   -21.274 1.00 49.93  ? 65  GLN A C   1 
ATOM   467  O O   . GLN A 1 65 ? 6.117   3.304   -20.887 1.00 48.19  ? 65  GLN A O   1 
ATOM   468  C CB  . GLN A 1 65 ? 6.699   3.507   -23.707 1.00 58.79  ? 65  GLN A CB  1 
ATOM   469  C CG  . GLN A 1 65 ? 6.436   4.163   -25.063 1.00 73.69  ? 65  GLN A CG  1 
ATOM   470  C CD  . GLN A 1 65 ? 5.186   5.041   -25.090 1.00 85.13  ? 65  GLN A CD  1 
ATOM   471  O OE1 . GLN A 1 65 ? 4.655   5.437   -24.049 1.00 74.71  ? 65  GLN A OE1 1 
ATOM   472  N NE2 . GLN A 1 65 ? 4.710   5.344   -26.293 1.00 94.89  ? 65  GLN A NE2 1 
ATOM   473  N N   . GLN A 1 66 ? 8.298   3.716   -20.541 1.00 47.78  ? 66  GLN A N   1 
ATOM   474  C CA  . GLN A 1 66 ? 8.295   3.119   -19.214 1.00 45.63  ? 66  GLN A CA  1 
ATOM   475  C C   . GLN A 1 66 ? 7.583   4.023   -18.215 1.00 52.13  ? 66  GLN A C   1 
ATOM   476  O O   . GLN A 1 66 ? 7.540   5.245   -18.370 1.00 47.40  ? 66  GLN A O   1 
ATOM   477  C CB  . GLN A 1 66 ? 9.725   2.864   -18.742 1.00 46.52  ? 66  GLN A CB  1 
ATOM   478  C CG  . GLN A 1 66 ? 10.456  1.798   -19.528 1.00 41.36  ? 66  GLN A CG  1 
ATOM   479  C CD  . GLN A 1 66 ? 11.930  1.736   -19.186 1.00 56.54  ? 66  GLN A CD  1 
ATOM   480  O OE1 . GLN A 1 66 ? 12.412  0.738   -18.640 1.00 52.32  ? 66  GLN A OE1 1 
ATOM   481  N NE2 . GLN A 1 66 ? 12.662  2.801   -19.512 1.00 46.63  ? 66  GLN A NE2 1 
ATOM   482  N N   . GLU A 1 67 ? 7.024   3.410   -17.179 1.00 43.63  ? 67  GLU A N   1 
ATOM   483  C CA  . GLU A 1 67 ? 6.375   4.125   -16.086 1.00 48.63  ? 67  GLU A CA  1 
ATOM   484  C C   . GLU A 1 67 ? 7.032   3.742   -14.760 1.00 47.00  ? 67  GLU A C   1 
ATOM   485  O O   . GLU A 1 67 ? 7.960   2.933   -14.713 1.00 44.79  ? 67  GLU A O   1 
ATOM   486  C CB  . GLU A 1 67 ? 4.872   3.845   -16.070 1.00 52.25  ? 67  GLU A CB  1 
ATOM   487  C CG  . GLU A 1 67 ? 4.158   4.324   -17.323 1.00 64.90  ? 67  GLU A CG  1 
ATOM   488  C CD  . GLU A 1 67 ? 2.648   4.226   -17.216 1.00 83.36  ? 67  GLU A CD  1 
ATOM   489  O OE1 . GLU A 1 67 ? 2.157   3.435   -16.382 1.00 94.40  ? 67  GLU A OE1 1 
ATOM   490  O OE2 . GLU A 1 67 ? 1.953   4.947   -17.963 1.00 90.36  ? 67  GLU A OE2 1 
ATOM   491  N N   . ARG A 1 68 ? 6.543   4.334   -13.673 1.00 42.15  ? 68  ARG A N   1 
ATOM   492  C CA  . ARG A 1 68 ? 7.213   4.274   -12.380 1.00 39.23  ? 68  ARG A CA  1 
ATOM   493  C C   . ARG A 1 68 ? 6.354   3.563   -11.346 1.00 45.37  ? 68  ARG A C   1 
ATOM   494  O O   . ARG A 1 68 ? 5.137   3.764   -11.286 1.00 45.80  ? 68  ARG A O   1 
ATOM   495  C CB  . ARG A 1 68 ? 7.561   5.685   -11.894 1.00 48.56  ? 68  ARG A CB  1 
ATOM   496  C CG  . ARG A 1 68 ? 8.686   6.313   -12.695 1.00 40.52  ? 68  ARG A CG  1 
ATOM   497  C CD  . ARG A 1 68 ? 8.445   7.778   -13.035 1.00 45.55  ? 68  ARG A CD  1 
ATOM   498  N NE  . ARG A 1 68 ? 9.368   8.209   -14.085 1.00 55.22  ? 68  ARG A NE  1 
ATOM   499  C CZ  . ARG A 1 68 ? 9.151   8.051   -15.389 1.00 45.51  ? 68  ARG A CZ  1 
ATOM   500  N NH1 . ARG A 1 68 ? 8.031   7.487   -15.819 1.00 55.58  ? 68  ARG A NH1 1 
ATOM   501  N NH2 . ARG A 1 68 ? 10.053  8.462   -16.269 1.00 54.42  ? 68  ARG A NH2 1 
ATOM   502  N N   . VAL A 1 69 ? 6.997   2.728   -10.531 1.00 42.13  ? 69  VAL A N   1 
ATOM   503  C CA  . VAL A 1 69 ? 6.339   2.046   -9.421  1.00 42.14  ? 69  VAL A CA  1 
ATOM   504  C C   . VAL A 1 69 ? 7.287   2.049   -8.228  1.00 32.18  ? 69  VAL A C   1 
ATOM   505  O O   . VAL A 1 69 ? 8.504   1.914   -8.390  1.00 38.15  ? 69  VAL A O   1 
ATOM   506  C CB  . VAL A 1 69 ? 5.908   0.614   -9.811  1.00 51.71  ? 69  VAL A CB  1 
ATOM   507  C CG1 . VAL A 1 69 ? 7.102   -0.233  -10.216 1.00 40.39  ? 69  VAL A CG1 1 
ATOM   508  C CG2 . VAL A 1 69 ? 5.156   -0.039  -8.681  1.00 47.54  ? 69  VAL A CG2 1 
ATOM   509  N N   . SER A 1 70 ? 6.741   2.273   -7.034  1.00 33.83  ? 70  SER A N   1 
ATOM   510  C CA  . SER A 1 70 ? 7.528   2.267   -5.806  1.00 36.04  ? 70  SER A CA  1 
ATOM   511  C C   . SER A 1 70 ? 6.921   1.284   -4.813  1.00 35.40  ? 70  SER A C   1 
ATOM   512  O O   . SER A 1 70 ? 5.697   1.206   -4.671  1.00 37.25  ? 70  SER A O   1 
ATOM   513  C CB  . SER A 1 70 ? 7.611   3.662   -5.175  1.00 48.09  ? 70  SER A CB  1 
ATOM   514  O OG  . SER A 1 70 ? 8.414   4.539   -5.955  1.00 42.22  ? 70  SER A OG  1 
ATOM   515  N N   . LEU A 1 71 ? 7.785   0.539   -4.129  1.00 39.39  ? 71  LEU A N   1 
ATOM   516  C CA  . LEU A 1 71 ? 7.376   -0.478  -3.168  1.00 31.93  ? 71  LEU A CA  1 
ATOM   517  C C   . LEU A 1 71 ? 7.887   -0.104  -1.787  1.00 31.62  ? 71  LEU A C   1 
ATOM   518  O O   . LEU A 1 71 ? 9.072   0.197   -1.622  1.00 38.73  ? 71  LEU A O   1 
ATOM   519  C CB  . LEU A 1 71 ? 7.907   -1.868  -3.556  1.00 33.69  ? 71  LEU A CB  1 
ATOM   520  C CG  . LEU A 1 71 ? 7.373   -2.592  -4.797  1.00 34.43  ? 71  LEU A CG  1 
ATOM   521  C CD1 . LEU A 1 71 ? 7.674   -1.865  -6.087  1.00 42.75  ? 71  LEU A CD1 1 
ATOM   522  C CD2 . LEU A 1 71 ? 7.946   -3.991  -4.863  1.00 39.97  ? 71  LEU A CD2 1 
ATOM   523  N N   . PHE A 1 72 ? 7.010   -0.169  -0.789  1.00 36.71  ? 72  PHE A N   1 
ATOM   524  C CA  . PHE A 1 72 ? 7.341   0.217   0.576   1.00 35.08  ? 72  PHE A CA  1 
ATOM   525  C C   . PHE A 1 72 ? 7.355   -1.009  1.479   1.00 37.99  ? 72  PHE A C   1 
ATOM   526  O O   . PHE A 1 72 ? 6.439   -1.834  1.422   1.00 44.99  ? 72  PHE A O   1 
ATOM   527  C CB  . PHE A 1 72 ? 6.346   1.250   1.101   1.00 38.61  ? 72  PHE A CB  1 
ATOM   528  C CG  . PHE A 1 72 ? 6.433   2.573   0.395   1.00 44.69  ? 72  PHE A CG  1 
ATOM   529  C CD1 . PHE A 1 72 ? 5.726   2.801   -0.776  1.00 54.98  ? 72  PHE A CD1 1 
ATOM   530  C CD2 . PHE A 1 72 ? 7.241   3.584   0.892   1.00 56.73  ? 72  PHE A CD2 1 
ATOM   531  C CE1 . PHE A 1 72 ? 5.816   4.031   -1.438  1.00 46.17  ? 72  PHE A CE1 1 
ATOM   532  C CE2 . PHE A 1 72 ? 7.332   4.810   0.239   1.00 60.31  ? 72  PHE A CE2 1 
ATOM   533  C CZ  . PHE A 1 72 ? 6.619   5.032   -0.924  1.00 48.73  ? 72  PHE A CZ  1 
ATOM   534  N N   . PHE A 1 73 ? 8.386   -1.116  2.315   1.00 36.69  ? 73  PHE A N   1 
ATOM   535  C CA  . PHE A 1 73 ? 8.536   -2.218  3.257   1.00 36.18  ? 73  PHE A CA  1 
ATOM   536  C C   . PHE A 1 73 ? 8.470   -1.685  4.683   1.00 51.03  ? 73  PHE A C   1 
ATOM   537  O O   . PHE A 1 73 ? 8.974   -0.593  4.972   1.00 47.78  ? 73  PHE A O   1 
ATOM   538  C CB  . PHE A 1 73 ? 9.855   -2.956  3.036   1.00 43.00  ? 73  PHE A CB  1 
ATOM   539  C CG  . PHE A 1 73 ? 9.947   -3.649  1.704   1.00 46.71  ? 73  PHE A CG  1 
ATOM   540  C CD1 . PHE A 1 73 ? 9.463   -4.938  1.543   1.00 40.96  ? 73  PHE A CD1 1 
ATOM   541  C CD2 . PHE A 1 73 ? 10.528  -3.017  0.617   1.00 43.55  ? 73  PHE A CD2 1 
ATOM   542  C CE1 . PHE A 1 73 ? 9.546   -5.577  0.319   1.00 41.13  ? 73  PHE A CE1 1 
ATOM   543  C CE2 . PHE A 1 73 ? 10.616  -3.650  -0.609  1.00 43.01  ? 73  PHE A CE2 1 
ATOM   544  C CZ  . PHE A 1 73 ? 10.124  -4.937  -0.757  1.00 43.61  ? 73  PHE A CZ  1 
ATOM   545  N N   . ASN A 1 74 ? 7.848   -2.458  5.571   1.00 52.66  ? 74  ASN A N   1 
ATOM   546  C CA  . ASN A 1 74 ? 7.567   -2.000  6.923   1.00 45.04  ? 74  ASN A CA  1 
ATOM   547  C C   . ASN A 1 74 ? 8.683   -2.410  7.881   1.00 54.25  ? 74  ASN A C   1 
ATOM   548  O O   . ASN A 1 74 ? 9.781   -2.799  7.477   1.00 55.66  ? 74  ASN A O   1 
ATOM   549  C CB  . ASN A 1 74 ? 6.198   -2.501  7.388   1.00 57.71  ? 74  ASN A CB  1 
ATOM   550  C CG  . ASN A 1 74 ? 6.125   -4.020  7.527   1.00 55.32  ? 74  ASN A CG  1 
ATOM   551  O OD1 . ASN A 1 74 ? 7.128   -4.695  7.759   1.00 57.79  ? 74  ASN A OD1 1 
ATOM   552  N ND2 . ASN A 1 74 ? 4.919   -4.559  7.391   1.00 55.85  ? 74  ASN A ND2 1 
ATOM   553  N N   . ASP A 1 75 ? 8.386   -2.319  9.180   1.00 58.59  ? 75  ASP A N   1 
ATOM   554  C CA  . ASP A 1 75 ? 9.373   -2.627  10.208  1.00 60.77  ? 75  ASP A CA  1 
ATOM   555  C C   . ASP A 1 75 ? 9.860   -4.066  10.100  1.00 64.63  ? 75  ASP A C   1 
ATOM   556  O O   . ASP A 1 75 ? 11.055  -4.342  10.269  1.00 64.68  ? 75  ASP A O   1 
ATOM   557  C CB  . ASP A 1 75 ? 8.772   -2.368  11.587  1.00 60.66  ? 75  ASP A CB  1 
ATOM   558  C CG  . ASP A 1 75 ? 9.779   -1.810  12.559  1.00 72.89  ? 75  ASP A CG  1 
ATOM   559  O OD1 . ASP A 1 75 ? 10.926  -1.555  12.133  1.00 68.68  ? 75  ASP A OD1 1 
ATOM   560  O OD2 . ASP A 1 75 ? 9.425   -1.622  13.742  1.00 85.33  ? 75  ASP A OD2 1 
ATOM   561  N N   . SER A 1 76 ? 8.951   -4.996  9.817   1.00 62.36  ? 76  SER A N   1 
ATOM   562  C CA  . SER A 1 76 ? 9.290   -6.404  9.642   1.00 65.97  ? 76  SER A CA  1 
ATOM   563  C C   . SER A 1 76 ? 9.908   -6.694  8.283   1.00 67.19  ? 76  SER A C   1 
ATOM   564  O O   . SER A 1 76 ? 10.055  -7.868  7.923   1.00 56.95  ? 76  SER A O   1 
ATOM   565  C CB  . SER A 1 76 ? 8.046   -7.271  9.834   1.00 61.56  ? 76  SER A CB  1 
ATOM   566  O OG  . SER A 1 76 ? 7.481   -7.056  11.113  1.00 68.63  ? 76  SER A OG  1 
ATOM   567  N N   . ASP A 1 77 ? 10.263  -5.652  7.531   1.00 62.90  ? 77  ASP A N   1 
ATOM   568  C CA  . ASP A 1 77 ? 10.848  -5.794  6.200   1.00 59.97  ? 77  ASP A CA  1 
ATOM   569  C C   . ASP A 1 77 ? 9.926   -6.593  5.280   1.00 60.63  ? 77  ASP A C   1 
ATOM   570  O O   . ASP A 1 77 ? 10.375  -7.413  4.478   1.00 65.70  ? 77  ASP A O   1 
ATOM   571  C CB  . ASP A 1 77 ? 12.242  -6.421  6.276   1.00 70.77  ? 77  ASP A CB  1 
ATOM   572  C CG  . ASP A 1 77 ? 13.198  -5.610  7.142   1.00 77.49  ? 77  ASP A CG  1 
ATOM   573  O OD1 . ASP A 1 77 ? 13.055  -4.368  7.188   1.00 79.94  ? 77  ASP A OD1 1 
ATOM   574  O OD2 . ASP A 1 77 ? 14.090  -6.211  7.779   1.00 84.74  ? 77  ASP A OD2 1 
ATOM   575  N N   . GLN A 1 78 ? 8.624   -6.345  5.400   1.00 57.35  ? 78  GLN A N   1 
ATOM   576  C CA  . GLN A 1 78 ? 7.610   -6.993  4.584   1.00 53.54  ? 78  GLN A CA  1 
ATOM   577  C C   . GLN A 1 78 ? 6.863   -5.956  3.758   1.00 44.87  ? 78  GLN A C   1 
ATOM   578  O O   . GLN A 1 78 ? 6.693   -4.806  4.177   1.00 46.47  ? 78  GLN A O   1 
ATOM   579  C CB  . GLN A 1 78 ? 6.630   -7.779  5.449   1.00 54.88  ? 78  GLN A CB  1 
ATOM   580  C CG  . GLN A 1 78 ? 7.293   -8.876  6.252   1.00 59.77  ? 78  GLN A CG  1 
ATOM   581  C CD  . GLN A 1 78 ? 6.306   -9.644  7.100   1.00 77.17  ? 78  GLN A CD  1 
ATOM   582  O OE1 . GLN A 1 78 ? 5.300   -9.095  7.552   1.00 77.67  ? 78  GLN A OE1 1 
ATOM   583  N NE2 . GLN A 1 78 ? 6.583   -10.926 7.316   1.00 75.18  ? 78  GLN A NE2 1 
ATOM   584  N N   . LEU A 1 79 ? 6.416   -6.374  2.575   1.00 45.72  ? 79  LEU A N   1 
ATOM   585  C CA  . LEU A 1 79 ? 5.795   -5.448  1.639   1.00 45.91  ? 79  LEU A CA  1 
ATOM   586  C C   . LEU A 1 79 ? 4.504   -4.888  2.217   1.00 49.67  ? 79  LEU A C   1 
ATOM   587  O O   . LEU A 1 79 ? 3.610   -5.638  2.617   1.00 50.17  ? 79  LEU A O   1 
ATOM   588  C CB  . LEU A 1 79 ? 5.517   -6.144  0.311   1.00 44.29  ? 79  LEU A CB  1 
ATOM   589  C CG  . LEU A 1 79 ? 5.111   -5.174  -0.795  1.00 39.47  ? 79  LEU A CG  1 
ATOM   590  C CD1 . LEU A 1 79 ? 6.266   -4.240  -1.122  1.00 45.14  ? 79  LEU A CD1 1 
ATOM   591  C CD2 . LEU A 1 79 ? 4.642   -5.902  -2.043  1.00 42.93  ? 79  LEU A CD2 1 
ATOM   592  N N   . ALA A 1 80 ? 4.399   -3.557  2.239   1.00 41.62  ? 80  ALA A N   1 
ATOM   593  C CA  . ALA A 1 80 ? 3.272   -2.890  2.871   1.00 45.29  ? 80  ALA A CA  1 
ATOM   594  C C   . ALA A 1 80 ? 2.609   -1.833  2.004   1.00 47.94  ? 80  ALA A C   1 
ATOM   595  O O   . ALA A 1 80 ? 1.546   -1.335  2.389   1.00 53.37  ? 80  ALA A O   1 
ATOM   596  C CB  . ALA A 1 80 ? 3.709   -2.242  4.194   1.00 46.16  ? 80  ALA A CB  1 
ATOM   597  N N   . GLY A 1 81 ? 3.182   -1.479  0.858   1.00 43.66  ? 81  GLY A N   1 
ATOM   598  C CA  . GLY A 1 81 ? 2.587   -0.471  0.004   1.00 46.15  ? 81  GLY A CA  1 
ATOM   599  C C   . GLY A 1 81 ? 3.093   -0.580  -1.413  1.00 51.10  ? 81  GLY A C   1 
ATOM   600  O O   . GLY A 1 81 ? 4.203   -1.060  -1.662  1.00 44.65  ? 81  GLY A O   1 
ATOM   601  N N   . LEU A 1 82 ? 2.263   -0.131  -2.352  1.00 48.34  ? 82  LEU A N   1 
ATOM   602  C CA  . LEU A 1 82 ? 2.625   -0.055  -3.761  1.00 51.90  ? 82  LEU A CA  1 
ATOM   603  C C   . LEU A 1 82 ? 2.229   1.322   -4.277  1.00 62.15  ? 82  LEU A C   1 
ATOM   604  O O   . LEU A 1 82 ? 1.045   1.674   -4.257  1.00 75.72  ? 82  LEU A O   1 
ATOM   605  C CB  . LEU A 1 82 ? 1.933   -1.151  -4.574  1.00 44.40  ? 82  LEU A CB  1 
ATOM   606  C CG  . LEU A 1 82 ? 2.752   -2.322  -5.112  1.00 55.48  ? 82  LEU A CG  1 
ATOM   607  C CD1 . LEU A 1 82 ? 1.957   -3.070  -6.162  1.00 67.35  ? 82  LEU A CD1 1 
ATOM   608  C CD2 . LEU A 1 82 ? 4.045   -1.826  -5.696  1.00 58.28  ? 82  LEU A CD2 1 
ATOM   609  N N   . ASN A 1 83 ? 3.213   2.102   -4.719  1.00 53.03  ? 83  ASN A N   1 
ATOM   610  C CA  . ASN A 1 83 ? 2.978   3.401   -5.335  1.00 71.80  ? 83  ASN A CA  1 
ATOM   611  C C   . ASN A 1 83 ? 3.212   3.305   -6.837  1.00 63.46  ? 83  ASN A C   1 
ATOM   612  O O   . ASN A 1 83 ? 4.197   2.713   -7.284  1.00 61.24  ? 83  ASN A O   1 
ATOM   613  C CB  . ASN A 1 83 ? 3.884   4.485   -4.738  1.00 76.03  ? 83  ASN A CB  1 
ATOM   614  C CG  . ASN A 1 83 ? 3.162   5.370   -3.732  1.00 78.81  ? 83  ASN A CG  1 
ATOM   615  O OD1 . ASN A 1 83 ? 1.931   5.387   -3.670  1.00 80.27  ? 83  ASN A OD1 1 
ATOM   616  N ND2 . ASN A 1 83 ? 3.931   6.123   -2.947  1.00 69.12  ? 83  ASN A ND2 1 
ATOM   617  N N   . GLY A 1 84 ? 2.313   3.902   -7.607  1.00 79.03  ? 84  GLY A N   1 
ATOM   618  C CA  . GLY A 1 84 ? 2.363   3.796   -9.050  1.00 82.25  ? 84  GLY A CA  1 
ATOM   619  C C   . GLY A 1 84 ? 1.105   4.372   -9.666  1.00 97.27  ? 84  GLY A C   1 
ATOM   620  O O   . GLY A 1 84 ? 0.317   5.046   -8.999  1.00 97.73  ? 84  GLY A O   1 
ATOM   621  N N   . ASP A 1 85 ? 0.929   4.090   -10.956 1.00 102.42 ? 85  ASP A N   1 
ATOM   622  C CA  . ASP A 1 85 ? -0.206  4.590   -11.731 1.00 107.95 ? 85  ASP A CA  1 
ATOM   623  C C   . ASP A 1 85 ? -0.835  3.404   -12.458 1.00 111.69 ? 85  ASP A C   1 
ATOM   624  O O   . ASP A 1 85 ? -0.423  3.054   -13.567 1.00 108.34 ? 85  ASP A O   1 
ATOM   625  C CB  . ASP A 1 85 ? 0.231   5.681   -12.703 1.00 110.80 ? 85  ASP A CB  1 
ATOM   626  C CG  . ASP A 1 85 ? 1.649   6.154   -12.447 1.00 110.53 ? 85  ASP A CG  1 
ATOM   627  O OD1 . ASP A 1 85 ? 2.583   5.334   -12.601 1.00 100.16 ? 85  ASP A OD1 1 
ATOM   628  O OD2 . ASP A 1 85 ? 1.832   7.340   -12.096 1.00 105.44 ? 85  ASP A OD2 1 
ATOM   629  N N   . PHE A 1 86 ? -1.837  2.791   -11.830 1.00 114.17 ? 86  PHE A N   1 
ATOM   630  C CA  . PHE A 1 86 ? -2.540  1.658   -12.414 1.00 121.89 ? 86  PHE A CA  1 
ATOM   631  C C   . PHE A 1 86 ? -3.990  1.956   -12.758 1.00 133.46 ? 86  PHE A C   1 
ATOM   632  O O   . PHE A 1 86 ? -4.515  1.379   -13.712 1.00 138.94 ? 86  PHE A O   1 
ATOM   633  C CB  . PHE A 1 86 ? -2.486  0.457   -11.462 1.00 117.21 ? 86  PHE A CB  1 
ATOM   634  C CG  . PHE A 1 86 ? -1.103  0.144   -10.965 1.00 111.24 ? 86  PHE A CG  1 
ATOM   635  C CD1 . PHE A 1 86 ? -0.228  -0.603  -11.735 1.00 95.98  ? 86  PHE A CD1 1 
ATOM   636  C CD2 . PHE A 1 86 ? -0.673  0.609   -9.732  1.00 105.48 ? 86  PHE A CD2 1 
ATOM   637  C CE1 . PHE A 1 86 ? 1.046   -0.885  -11.285 1.00 85.22  ? 86  PHE A CE1 1 
ATOM   638  C CE2 . PHE A 1 86 ? 0.600   0.328   -9.276  1.00 94.01  ? 86  PHE A CE2 1 
ATOM   639  C CZ  . PHE A 1 86 ? 1.460   -0.419  -10.054 1.00 86.20  ? 86  PHE A CZ  1 
ATOM   640  N N   . MET A 1 87 ? -4.632  2.853   -12.014 1.00 137.36 ? 87  MET A N   1 
ATOM   641  C CA  . MET A 1 87 ? -6.011  3.262   -12.254 1.00 139.78 ? 87  MET A CA  1 
ATOM   642  C C   . MET A 1 87 ? -6.985  2.091   -12.423 1.00 150.79 ? 87  MET A C   1 
ATOM   643  O O   . MET A 1 87 ? -7.636  1.964   -13.464 1.00 152.15 ? 87  MET A O   1 
ATOM   644  C CB  . MET A 1 87 ? -6.081  4.190   -13.460 1.00 128.67 ? 87  MET A CB  1 
ATOM   645  N N   . PRO A 1 88 ? -7.115  1.212   -11.408 1.00 152.20 ? 88  PRO A N   1 
ATOM   646  C CA  . PRO A 1 88 ? -8.167  0.187   -11.468 1.00 149.28 ? 88  PRO A CA  1 
ATOM   647  C C   . PRO A 1 88 ? -9.480  0.668   -10.868 1.00 147.85 ? 88  PRO A C   1 
ATOM   648  O O   . PRO A 1 88 ? -10.371 -0.142  -10.591 1.00 148.03 ? 88  PRO A O   1 
ATOM   649  C CB  . PRO A 1 88 ? -7.567  -0.965  -10.655 1.00 138.41 ? 88  PRO A CB  1 
ATOM   650  C CG  . PRO A 1 88 ? -6.765  -0.273  -9.608  1.00 134.51 ? 88  PRO A CG  1 
ATOM   651  C CD  . PRO A 1 88 ? -6.249  1.019   -10.228 1.00 144.46 ? 88  PRO A CD  1 
ATOM   652  N N   . GLY A 1 89 ? -9.614  1.976   -10.658 1.00 141.38 ? 89  GLY A N   1 
ATOM   653  C CA  . GLY A 1 89 ? -10.738 2.491   -9.903  1.00 133.02 ? 89  GLY A CA  1 
ATOM   654  C C   . GLY A 1 89 ? -10.555 2.184   -8.432  1.00 127.98 ? 89  GLY A C   1 
ATOM   655  O O   . GLY A 1 89 ? -11.312 1.401   -7.851  1.00 128.55 ? 89  GLY A O   1 
ATOM   656  N N   . VAL A 1 90 ? -9.537  2.801   -7.827  1.00 122.14 ? 90  VAL A N   1 
ATOM   657  C CA  . VAL A 1 90 ? -9.056  2.375   -6.517  1.00 113.95 ? 90  VAL A CA  1 
ATOM   658  C C   . VAL A 1 90 ? -10.157 2.545   -5.476  1.00 113.94 ? 90  VAL A C   1 
ATOM   659  O O   . VAL A 1 90 ? -10.627 3.659   -5.212  1.00 110.79 ? 90  VAL A O   1 
ATOM   660  C CB  . VAL A 1 90 ? -7.780  3.143   -6.142  1.00 104.93 ? 90  VAL A CB  1 
ATOM   661  C CG1 . VAL A 1 90 ? -6.656  2.767   -7.083  1.00 109.17 ? 90  VAL A CG1 1 
ATOM   662  C CG2 . VAL A 1 90 ? -8.000  4.645   -6.214  1.00 100.73 ? 90  VAL A CG2 1 
ATOM   663  N N   . SER A 1 91 ? -10.598 1.426   -4.898  1.00 114.96 ? 91  SER A N   1 
ATOM   664  C CA  . SER A 1 91 ? -11.543 1.460   -3.787  1.00 106.60 ? 91  SER A CA  1 
ATOM   665  C C   . SER A 1 91 ? -10.799 1.411   -2.455  1.00 91.91  ? 91  SER A C   1 
ATOM   666  O O   . SER A 1 91 ? -10.873 2.351   -1.657  1.00 79.27  ? 91  SER A O   1 
ATOM   667  C CB  . SER A 1 91 ? -12.538 0.295   -3.899  1.00 108.98 ? 91  SER A CB  1 
ATOM   668  O OG  . SER A 1 91 ? -13.242 0.326   -5.131  1.00 103.41 ? 91  SER A OG  1 
ATOM   669  N N   . ARG A 1 92 ? -10.070 0.325   -2.217  1.00 96.88  ? 92  ARG A N   1 
ATOM   670  C CA  . ARG A 1 92 ? -9.099  0.224   -1.141  1.00 87.33  ? 92  ARG A CA  1 
ATOM   671  C C   . ARG A 1 92 ? -7.745  -0.079  -1.764  1.00 91.49  ? 92  ARG A C   1 
ATOM   672  O O   . ARG A 1 92 ? -7.668  -0.748  -2.799  1.00 98.19  ? 92  ARG A O   1 
ATOM   673  C CB  . ARG A 1 92 ? -9.483  -0.864  -0.130  1.00 74.49  ? 92  ARG A CB  1 
ATOM   674  N N   . ASP A 1 93 ? -6.677  0.440   -1.152  1.00 93.59  ? 93  ASP A N   1 
ATOM   675  C CA  . ASP A 1 93 ? -5.354  0.294   -1.754  1.00 85.70  ? 93  ASP A CA  1 
ATOM   676  C C   . ASP A 1 93 ? -5.006  -1.185  -1.902  1.00 77.45  ? 93  ASP A C   1 
ATOM   677  O O   . ASP A 1 93 ? -4.910  -1.683  -3.026  1.00 85.27  ? 93  ASP A O   1 
ATOM   678  C CB  . ASP A 1 93 ? -4.291  1.045   -0.938  1.00 79.97  ? 93  ASP A CB  1 
ATOM   679  C CG  . ASP A 1 93 ? -4.548  2.549   -0.882  1.00 62.18  ? 93  ASP A CG  1 
ATOM   680  O OD1 . ASP A 1 93 ? -5.693  2.954   -1.159  1.00 64.82  ? 93  ASP A OD1 1 
ATOM   681  O OD2 . ASP A 1 93 ? -3.620  3.330   -0.568  1.00 47.96  ? 93  ASP A OD2 1 
ATOM   682  N N   . GLU A 1 94 ? -4.836  -1.893  -0.783  1.00 77.63  ? 94  GLU A N   1 
ATOM   683  C CA  . GLU A 1 94 ? -4.833  -3.355  -0.755  1.00 84.40  ? 94  GLU A CA  1 
ATOM   684  C C   . GLU A 1 94 ? -4.566  -3.869  0.646   1.00 95.55  ? 94  GLU A C   1 
ATOM   685  O O   . GLU A 1 94 ? -4.403  -3.076  1.580   1.00 96.34  ? 94  GLU A O   1 
ATOM   686  C CB  . GLU A 1 94 ? -3.785  -3.960  -1.686  1.00 85.04  ? 94  GLU A CB  1 
ATOM   687  N N   . ALA A 1 95 ? -4.547  -5.198  0.769   1.00 87.51  ? 95  ALA A N   1 
ATOM   688  C CA  . ALA A 1 95 ? -3.878  -5.956  1.827   1.00 81.00  ? 95  ALA A CA  1 
ATOM   689  C C   . ALA A 1 95 ? -4.377  -7.395  1.822   1.00 95.53  ? 95  ALA A C   1 
ATOM   690  O O   . ALA A 1 95 ? -3.993  -8.198  2.672   1.00 102.69 ? 95  ALA A O   1 
ATOM   691  C CB  . ALA A 1 95 ? -4.092  -5.350  3.167   1.00 76.75  ? 95  ALA A CB  1 
ATOM   692  N N   . ILE B 1 8  ? 16.679  3.607   -27.548 1.00 79.65  ? 8   ILE B N   1 
ATOM   693  C CA  . ILE B 1 8  ? 15.243  3.392   -27.675 1.00 76.46  ? 8   ILE B CA  1 
ATOM   694  C C   . ILE B 1 8  ? 14.856  2.039   -27.087 1.00 71.40  ? 8   ILE B C   1 
ATOM   695  O O   . ILE B 1 8  ? 13.943  1.951   -26.270 1.00 69.01  ? 8   ILE B O   1 
ATOM   696  C CB  . ILE B 1 8  ? 14.789  3.500   -29.146 1.00 70.83  ? 8   ILE B CB  1 
ATOM   697  N N   . ASP B 1 9  ? 15.561  0.987   -27.503 1.00 86.35  ? 9   ASP B N   1 
ATOM   698  C CA  . ASP B 1 9  ? 15.295  -0.369  -27.037 1.00 87.62  ? 9   ASP B CA  1 
ATOM   699  C C   . ASP B 1 9  ? 16.016  -0.618  -25.717 1.00 79.42  ? 9   ASP B C   1 
ATOM   700  O O   . ASP B 1 9  ? 17.229  -0.410  -25.614 1.00 76.73  ? 9   ASP B O   1 
ATOM   701  C CB  . ASP B 1 9  ? 15.732  -1.397  -28.082 1.00 87.17  ? 9   ASP B CB  1 
ATOM   702  N N   . ILE B 1 10 ? 15.264  -1.073  -24.713 1.00 76.42  ? 10  ILE B N   1 
ATOM   703  C CA  . ILE B 1 10 ? 15.835  -1.325  -23.395 1.00 79.35  ? 10  ILE B CA  1 
ATOM   704  C C   . ILE B 1 10 ? 16.810  -2.497  -23.474 1.00 87.19  ? 10  ILE B C   1 
ATOM   705  O O   . ILE B 1 10 ? 16.673  -3.398  -24.314 1.00 80.64  ? 10  ILE B O   1 
ATOM   706  C CB  . ILE B 1 10 ? 14.712  -1.590  -22.375 1.00 71.54  ? 10  ILE B CB  1 
ATOM   707  C CG1 . ILE B 1 10 ? 13.600  -0.551  -22.536 1.00 69.42  ? 10  ILE B CG1 1 
ATOM   708  C CG2 . ILE B 1 10 ? 15.249  -1.571  -20.946 1.00 67.64  ? 10  ILE B CG2 1 
ATOM   709  C CD1 . ILE B 1 10 ? 12.423  -0.761  -21.608 1.00 58.04  ? 10  ILE B CD1 1 
ATOM   710  N N   . GLN B 1 11 ? 17.811  -2.485  -22.593 1.00 89.88  ? 11  GLN B N   1 
ATOM   711  C CA  . GLN B 1 11 ? 18.840  -3.515  -22.608 1.00 90.61  ? 11  GLN B CA  1 
ATOM   712  C C   . GLN B 1 11 ? 18.277  -4.837  -22.082 1.00 91.48  ? 11  GLN B C   1 
ATOM   713  O O   . GLN B 1 11 ? 17.084  -4.972  -21.794 1.00 89.24  ? 11  GLN B O   1 
ATOM   714  C CB  . GLN B 1 11 ? 20.063  -3.064  -21.809 1.00 92.64  ? 11  GLN B CB  1 
ATOM   715  C CG  . GLN B 1 11 ? 19.823  -2.828  -20.326 1.00 95.70  ? 11  GLN B CG  1 
ATOM   716  C CD  . GLN B 1 11 ? 21.104  -2.487  -19.579 1.00 98.57  ? 11  GLN B CD  1 
ATOM   717  O OE1 . GLN B 1 11 ? 22.206  -2.646  -20.106 1.00 87.62  ? 11  GLN B OE1 1 
ATOM   718  N NE2 . GLN B 1 11 ? 20.961  -2.013  -18.344 1.00 94.67  ? 11  GLN B NE2 1 
ATOM   719  N N   . GLN B 1 12 ? 19.160  -5.826  -21.956 1.00 98.15  ? 12  GLN B N   1 
ATOM   720  C CA  . GLN B 1 12 ? 18.758  -7.225  -21.842 1.00 94.08  ? 12  GLN B CA  1 
ATOM   721  C C   . GLN B 1 12 ? 17.908  -7.551  -20.617 1.00 94.97  ? 12  GLN B C   1 
ATOM   722  O O   . GLN B 1 12 ? 16.726  -7.885  -20.754 1.00 88.17  ? 12  GLN B O   1 
ATOM   723  C CB  . GLN B 1 12 ? 20.005  -8.115  -21.846 1.00 94.57  ? 12  GLN B CB  1 
ATOM   724  C CG  . GLN B 1 12 ? 20.298  -8.782  -23.184 1.00 102.80 ? 12  GLN B CG  1 
ATOM   725  C CD  . GLN B 1 12 ? 19.403  -9.981  -23.450 1.00 108.22 ? 12  GLN B CD  1 
ATOM   726  O OE1 . GLN B 1 12 ? 18.807  -10.541 -22.530 1.00 112.13 ? 12  GLN B OE1 1 
ATOM   727  N NE2 . GLN B 1 12 ? 19.306  -10.379 -24.714 1.00 102.72 ? 12  GLN B NE2 1 
ATOM   728  N N   . GLY B 1 13 ? 18.481  -7.445  -19.421 1.00 93.50  ? 13  GLY B N   1 
ATOM   729  C CA  . GLY B 1 13 ? 17.885  -8.100  -18.272 1.00 85.84  ? 13  GLY B CA  1 
ATOM   730  C C   . GLY B 1 13 ? 17.367  -7.221  -17.154 1.00 81.56  ? 13  GLY B C   1 
ATOM   731  O O   . GLY B 1 13 ? 17.558  -7.543  -15.979 1.00 85.99  ? 13  GLY B O   1 
ATOM   732  N N   . ASN B 1 14 ? 16.712  -6.114  -17.491 1.00 87.99  ? 14  ASN B N   1 
ATOM   733  C CA  . ASN B 1 14 ? 16.074  -5.273  -16.482 1.00 86.33  ? 14  ASN B CA  1 
ATOM   734  C C   . ASN B 1 14 ? 14.705  -4.806  -16.960 1.00 78.38  ? 14  ASN B C   1 
ATOM   735  O O   . ASN B 1 14 ? 14.279  -3.684  -16.673 1.00 70.51  ? 14  ASN B O   1 
ATOM   736  C CB  . ASN B 1 14 ? 16.958  -4.081  -16.109 1.00 82.34  ? 14  ASN B CB  1 
ATOM   737  C CG  . ASN B 1 14 ? 17.835  -3.623  -17.256 1.00 81.98  ? 14  ASN B CG  1 
ATOM   738  O OD1 . ASN B 1 14 ? 19.052  -3.799  -17.226 1.00 86.58  ? 14  ASN B OD1 1 
ATOM   739  N ND2 . ASN B 1 14 ? 17.220  -3.036  -18.275 1.00 75.41  ? 14  ASN B ND2 1 
ATOM   740  N N   . VAL B 1 15 ? 13.992  -5.664  -17.685 1.00 76.16  ? 15  VAL B N   1 
ATOM   741  C CA  . VAL B 1 15 ? 12.666  -5.336  -18.199 1.00 57.47  ? 15  VAL B CA  1 
ATOM   742  C C   . VAL B 1 15 ? 11.625  -5.820  -17.198 1.00 56.46  ? 15  VAL B C   1 
ATOM   743  O O   . VAL B 1 15 ? 11.392  -7.024  -17.059 1.00 60.53  ? 15  VAL B O   1 
ATOM   744  C CB  . VAL B 1 15 ? 12.428  -5.957  -19.579 1.00 66.14  ? 15  VAL B CB  1 
ATOM   745  C CG1 . VAL B 1 15 ? 10.969  -5.787  -19.981 1.00 60.17  ? 15  VAL B CG1 1 
ATOM   746  C CG2 . VAL B 1 15 ? 13.349  -5.323  -20.607 1.00 67.93  ? 15  VAL B CG2 1 
ATOM   747  N N   . VAL B 1 16 ? 10.987  -4.880  -16.511 1.00 46.95  ? 16  VAL B N   1 
ATOM   748  C CA  . VAL B 1 16 ? 9.952   -5.177  -15.530 1.00 45.07  ? 16  VAL B CA  1 
ATOM   749  C C   . VAL B 1 16 ? 8.597   -4.978  -16.187 1.00 51.31  ? 16  VAL B C   1 
ATOM   750  O O   . VAL B 1 16 ? 8.349   -3.946  -16.822 1.00 54.71  ? 16  VAL B O   1 
ATOM   751  C CB  . VAL B 1 16 ? 10.096  -4.292  -14.280 1.00 52.52  ? 16  VAL B CB  1 
ATOM   752  C CG1 . VAL B 1 16 ? 8.943   -4.539  -13.330 1.00 51.70  ? 16  VAL B CG1 1 
ATOM   753  C CG2 . VAL B 1 16 ? 11.425  -4.564  -13.587 1.00 48.47  ? 16  VAL B CG2 1 
ATOM   754  N N   . THR B 1 17 ? 7.717   -5.959  -16.031 1.00 44.04  ? 17  THR B N   1 
ATOM   755  C CA  . THR B 1 17 ? 6.438   -5.981  -16.720 1.00 44.25  ? 17  THR B CA  1 
ATOM   756  C C   . THR B 1 17 ? 5.292   -5.856  -15.727 1.00 47.12  ? 17  THR B C   1 
ATOM   757  O O   . THR B 1 17 ? 5.460   -6.015  -14.515 1.00 49.48  ? 17  THR B O   1 
ATOM   758  C CB  . THR B 1 17 ? 6.291   -7.272  -17.528 1.00 49.23  ? 17  THR B CB  1 
ATOM   759  O OG1 . THR B 1 17 ? 6.174   -8.375  -16.622 1.00 52.12  ? 17  THR B OG1 1 
ATOM   760  C CG2 . THR B 1 17 ? 7.509   -7.477  -18.415 1.00 48.85  ? 17  THR B CG2 1 
ATOM   761  N N   . GLN B 1 18 ? 4.105   -5.577  -16.272 1.00 52.36  ? 18  GLN B N   1 
ATOM   762  C CA  . GLN B 1 18 ? 2.901   -5.551  -15.451 1.00 47.10  ? 18  GLN B CA  1 
ATOM   763  C C   . GLN B 1 18 ? 2.640   -6.897  -14.793 1.00 51.37  ? 18  GLN B C   1 
ATOM   764  O O   . GLN B 1 18 ? 2.149   -6.949  -13.660 1.00 50.07  ? 18  GLN B O   1 
ATOM   765  C CB  . GLN B 1 18 ? 1.699   -5.149  -16.303 1.00 51.43  ? 18  GLN B CB  1 
ATOM   766  C CG  . GLN B 1 18 ? 1.236   -3.731  -16.074 1.00 67.23  ? 18  GLN B CG  1 
ATOM   767  C CD  . GLN B 1 18 ? 0.638   -3.538  -14.695 1.00 77.47  ? 18  GLN B CD  1 
ATOM   768  O OE1 . GLN B 1 18 ? 0.317   -4.504  -13.999 1.00 64.43  ? 18  GLN B OE1 1 
ATOM   769  N NE2 . GLN B 1 18 ? 0.484   -2.282  -14.290 1.00 80.19  ? 18  GLN B NE2 1 
ATOM   770  N N   . ASP B 1 19 ? 2.963   -7.991  -15.484 1.00 52.38  ? 19  ASP B N   1 
ATOM   771  C CA  . ASP B 1 19 ? 2.739   -9.315  -14.919 1.00 55.77  ? 19  ASP B CA  1 
ATOM   772  C C   . ASP B 1 19 ? 3.537   -9.500  -13.636 1.00 61.12  ? 19  ASP B C   1 
ATOM   773  O O   . ASP B 1 19 ? 3.036   -10.072 -12.662 1.00 57.02  ? 19  ASP B O   1 
ATOM   774  C CB  . ASP B 1 19 ? 3.098   -10.389 -15.948 1.00 62.69  ? 19  ASP B CB  1 
ATOM   775  C CG  . ASP B 1 19 ? 2.905   -11.803 -15.416 1.00 83.07  ? 19  ASP B CG  1 
ATOM   776  O OD1 . ASP B 1 19 ? 1.751   -12.175 -15.111 1.00 88.39  ? 19  ASP B OD1 1 
ATOM   777  O OD2 . ASP B 1 19 ? 3.907   -12.546 -15.307 1.00 80.30  ? 19  ASP B OD2 1 
ATOM   778  N N   . MET B 1 20 ? 4.780   -9.011  -13.615 1.00 48.82  ? 20  MET B N   1 
ATOM   779  C CA  . MET B 1 20 ? 5.590   -9.101  -12.404 1.00 50.30  ? 20  MET B CA  1 
ATOM   780  C C   . MET B 1 20 ? 4.976   -8.295  -11.264 1.00 51.84  ? 20  MET B C   1 
ATOM   781  O O   . MET B 1 20 ? 4.948   -8.755  -10.116 1.00 45.36  ? 20  MET B O   1 
ATOM   782  C CB  . MET B 1 20 ? 7.014   -8.633  -12.694 1.00 46.00  ? 20  MET B CB  1 
ATOM   783  C CG  . MET B 1 20 ? 7.694   -9.394  -13.819 1.00 41.60  ? 20  MET B CG  1 
ATOM   784  S SD  . MET B 1 20 ? 9.316   -8.711  -14.185 1.00 47.29  ? 20  MET B SD  1 
ATOM   785  C CE  . MET B 1 20 ? 9.723   -9.583  -15.688 1.00 46.86  ? 20  MET B CE  1 
ATOM   786  N N   . ILE B 1 21 ? 4.473   -7.092  -11.556 1.00 38.78  ? 21  ILE B N   1 
ATOM   787  C CA  . ILE B 1 21 ? 3.807   -6.301  -10.527 1.00 35.09  ? 21  ILE B CA  1 
ATOM   788  C C   . ILE B 1 21 ? 2.581   -7.038  -9.997  1.00 41.07  ? 21  ILE B C   1 
ATOM   789  O O   . ILE B 1 21 ? 2.281   -6.997  -8.798  1.00 44.17  ? 21  ILE B O   1 
ATOM   790  C CB  . ILE B 1 21 ? 3.442   -4.911  -11.081 1.00 42.41  ? 21  ILE B CB  1 
ATOM   791  C CG1 . ILE B 1 21 ? 4.704   -4.185  -11.546 1.00 40.25  ? 21  ILE B CG1 1 
ATOM   792  C CG2 . ILE B 1 21 ? 2.700   -4.087  -10.039 1.00 49.02  ? 21  ILE B CG2 1 
ATOM   793  C CD1 . ILE B 1 21 ? 4.426   -2.836  -12.185 1.00 44.36  ? 21  ILE B CD1 1 
ATOM   794  N N   . ASP B 1 22 ? 1.859   -7.730  -10.878 1.00 44.73  ? 22  ASP B N   1 
ATOM   795  C CA  . ASP B 1 22 ? 0.648   -8.422  -10.455 1.00 50.51  ? 22  ASP B CA  1 
ATOM   796  C C   . ASP B 1 22 ? 0.931   -9.575  -9.500  1.00 50.29  ? 22  ASP B C   1 
ATOM   797  O O   . ASP B 1 22 ? 0.047   -9.943  -8.721  1.00 51.84  ? 22  ASP B O   1 
ATOM   798  C CB  . ASP B 1 22 ? -0.120  -8.931  -11.671 1.00 53.84  ? 22  ASP B CB  1 
ATOM   799  C CG  . ASP B 1 22 ? -0.828  -7.821  -12.413 1.00 63.85  ? 22  ASP B CG  1 
ATOM   800  O OD1 . ASP B 1 22 ? -1.314  -6.880  -11.751 1.00 67.72  ? 22  ASP B OD1 1 
ATOM   801  O OD2 . ASP B 1 22 ? -0.895  -7.889  -13.658 1.00 72.14  ? 22  ASP B OD2 1 
ATOM   802  N N   . GLN B 1 23 ? 2.135   -10.148 -9.534  1.00 43.27  ? 23  GLN B N   1 
ATOM   803  C CA  . GLN B 1 23 ? 2.465   -11.244 -8.628  1.00 39.72  ? 23  GLN B CA  1 
ATOM   804  C C   . GLN B 1 23 ? 2.721   -10.777 -7.205  1.00 45.46  ? 23  GLN B C   1 
ATOM   805  O O   . GLN B 1 23 ? 2.733   -11.608 -6.290  1.00 48.77  ? 23  GLN B O   1 
ATOM   806  C CB  . GLN B 1 23 ? 3.694   -11.997 -9.134  1.00 43.19  ? 23  GLN B CB  1 
ATOM   807  C CG  . GLN B 1 23 ? 3.538   -12.553 -10.531 1.00 47.39  ? 23  GLN B CG  1 
ATOM   808  C CD  . GLN B 1 23 ? 4.799   -13.220 -11.033 1.00 62.72  ? 23  GLN B CD  1 
ATOM   809  O OE1 . GLN B 1 23 ? 5.454   -13.972 -10.302 1.00 50.43  ? 23  GLN B OE1 1 
ATOM   810  N NE2 . GLN B 1 23 ? 5.153   -12.947 -12.286 1.00 58.15  ? 23  GLN B NE2 1 
ATOM   811  N N   . LEU B 1 24 ? 2.935   -9.481  -6.993  1.00 44.41  ? 24  LEU B N   1 
ATOM   812  C CA  . LEU B 1 24 ? 3.276   -8.990  -5.665  1.00 42.23  ? 24  LEU B CA  1 
ATOM   813  C C   . LEU B 1 24 ? 2.087   -9.106  -4.721  1.00 40.85  ? 24  LEU B C   1 
ATOM   814  O O   . LEU B 1 24 ? 0.936   -8.921  -5.120  1.00 49.10  ? 24  LEU B O   1 
ATOM   815  C CB  . LEU B 1 24 ? 3.753   -7.542  -5.746  1.00 44.86  ? 24  LEU B CB  1 
ATOM   816  C CG  . LEU B 1 24 ? 5.044   -7.326  -6.538  1.00 40.05  ? 24  LEU B CG  1 
ATOM   817  C CD1 . LEU B 1 24 ? 5.290   -5.830  -6.744  1.00 38.51  ? 24  LEU B CD1 1 
ATOM   818  C CD2 . LEU B 1 24 ? 6.234   -7.978  -5.848  1.00 39.13  ? 24  LEU B CD2 1 
ATOM   819  N N   . ARG B 1 25 ? 2.370   -9.434  -3.464  1.00 39.35  ? 25  ARG B N   1 
ATOM   820  C CA  . ARG B 1 25 ? 1.354   -9.552  -2.430  1.00 36.48  ? 25  ARG B CA  1 
ATOM   821  C C   . ARG B 1 25 ? 1.863   -8.906  -1.154  1.00 38.88  ? 25  ARG B C   1 
ATOM   822  O O   . ARG B 1 25 ? 3.069   -8.940  -0.878  1.00 40.43  ? 25  ARG B O   1 
ATOM   823  C CB  . ARG B 1 25 ? 1.008   -11.023 -2.133  1.00 37.20  ? 25  ARG B CB  1 
ATOM   824  C CG  . ARG B 1 25 ? 0.535   -11.809 -3.329  1.00 45.00  ? 25  ARG B CG  1 
ATOM   825  C CD  . ARG B 1 25 ? -0.864  -11.412 -3.720  1.00 49.52  ? 25  ARG B CD  1 
ATOM   826  N NE  . ARG B 1 25 ? -1.378  -12.277 -4.772  1.00 54.96  ? 25  ARG B NE  1 
ATOM   827  C CZ  . ARG B 1 25 ? -1.194  -12.060 -6.068  1.00 59.66  ? 25  ARG B CZ  1 
ATOM   828  N NH1 . ARG B 1 25 ? -0.509  -11.001 -6.469  1.00 53.43  ? 25  ARG B NH1 1 
ATOM   829  N NH2 . ARG B 1 25 ? -1.694  -12.900 -6.962  1.00 63.43  ? 25  ARG B NH2 1 
ATOM   830  N N   . PRO B 1 26 ? 0.969   -8.348  -0.341  1.00 43.22  ? 26  PRO B N   1 
ATOM   831  C CA  . PRO B 1 26 ? 1.392   -7.828  0.961   1.00 38.98  ? 26  PRO B CA  1 
ATOM   832  C C   . PRO B 1 26 ? 2.007   -8.927  1.807   1.00 47.74  ? 26  PRO B C   1 
ATOM   833  O O   . PRO B 1 26 ? 1.639   -10.098 1.708   1.00 45.62  ? 26  PRO B O   1 
ATOM   834  C CB  . PRO B 1 26 ? 0.092   -7.303  1.583   1.00 32.14  ? 26  PRO B CB  1 
ATOM   835  C CG  . PRO B 1 26 ? -1.004  -7.890  0.775   1.00 43.97  ? 26  PRO B CG  1 
ATOM   836  C CD  . PRO B 1 26 ? -0.460  -8.113  -0.595  1.00 46.30  ? 26  PRO B CD  1 
ATOM   837  N N   . GLY B 1 27 ? 2.984   -8.540  2.619   1.00 47.55  ? 27  GLY B N   1 
ATOM   838  C CA  . GLY B 1 27 ? 3.682   -9.475  3.463   1.00 44.32  ? 27  GLY B CA  1 
ATOM   839  C C   . GLY B 1 27 ? 4.910   -10.103 2.846   1.00 40.21  ? 27  GLY B C   1 
ATOM   840  O O   . GLY B 1 27 ? 5.710   -10.702 3.579   1.00 54.19  ? 27  GLY B O   1 
ATOM   841  N N   . MET B 1 28 ? 5.091   -9.986  1.531   1.00 39.66  ? 28  MET B N   1 
ATOM   842  C CA  . MET B 1 28 ? 6.289   -10.521 0.896   1.00 38.05  ? 28  MET B CA  1 
ATOM   843  C C   . MET B 1 28 ? 7.534   -9.836  1.434   1.00 46.85  ? 28  MET B C   1 
ATOM   844  O O   . MET B 1 28 ? 7.540   -8.626  1.684   1.00 44.88  ? 28  MET B O   1 
ATOM   845  C CB  . MET B 1 28 ? 6.230   -10.345 -0.619  1.00 37.39  ? 28  MET B CB  1 
ATOM   846  C CG  . MET B 1 28 ? 5.292   -11.280 -1.333  1.00 43.61  ? 28  MET B CG  1 
ATOM   847  S SD  . MET B 1 28 ? 5.381   -11.048 -3.115  1.00 48.27  ? 28  MET B SD  1 
ATOM   848  C CE  . MET B 1 28 ? 4.437   -12.474 -3.658  1.00 45.13  ? 28  MET B CE  1 
ATOM   849  N N   . THR B 1 29 ? 8.592   -10.618 1.605   1.00 42.19  ? 29  THR B N   1 
ATOM   850  C CA  . THR B 1 29 ? 9.873   -10.092 2.036   1.00 40.75  ? 29  THR B CA  1 
ATOM   851  C C   . THR B 1 29 ? 10.604  -9.438  0.870   1.00 36.32  ? 29  THR B C   1 
ATOM   852  O O   . THR B 1 29 ? 10.218  -9.558  -0.296  1.00 37.98  ? 29  THR B O   1 
ATOM   853  C CB  . THR B 1 29 ? 10.750  -11.194 2.614   1.00 42.64  ? 29  THR B CB  1 
ATOM   854  O OG1 . THR B 1 29 ? 11.209  -12.035 1.546   1.00 39.40  ? 29  THR B OG1 1 
ATOM   855  C CG2 . THR B 1 29 ? 9.965   -12.031 3.607   1.00 42.31  ? 29  THR B CG2 1 
ATOM   856  N N   . ARG B 1 30 ? 11.701  -8.759  1.201   1.00 40.86  ? 30  ARG B N   1 
ATOM   857  C CA  . ARG B 1 30 ? 12.530  -8.161  0.165   1.00 40.99  ? 30  ARG B CA  1 
ATOM   858  C C   . ARG B 1 30 ? 13.151  -9.219  -0.735  1.00 40.44  ? 30  ARG B C   1 
ATOM   859  O O   . ARG B 1 30 ? 13.333  -8.981  -1.930  1.00 37.01  ? 30  ARG B O   1 
ATOM   860  C CB  . ARG B 1 30 ? 13.607  -7.289  0.805   1.00 46.07  ? 30  ARG B CB  1 
ATOM   861  C CG  . ARG B 1 30 ? 13.039  -6.093  1.550   1.00 49.47  ? 30  ARG B CG  1 
ATOM   862  C CD  . ARG B 1 30 ? 14.114  -5.080  1.845   1.00 49.21  ? 30  ARG B CD  1 
ATOM   863  N NE  . ARG B 1 30 ? 15.023  -5.525  2.893   1.00 62.14  ? 30  ARG B NE  1 
ATOM   864  C CZ  . ARG B 1 30 ? 15.012  -5.051  4.133   1.00 76.40  ? 30  ARG B CZ  1 
ATOM   865  N NH1 . ARG B 1 30 ? 14.138  -4.112  4.474   1.00 73.88  ? 30  ARG B NH1 1 
ATOM   866  N NH2 . ARG B 1 30 ? 15.877  -5.509  5.030   1.00 74.07  ? 30  ARG B NH2 1 
ATOM   867  N N   . ARG B 1 31 ? 13.480  -10.396 -0.188  1.00 34.81  ? 31  ARG B N   1 
ATOM   868  C CA  . ARG B 1 31 ? 14.028  -11.456 -1.030  1.00 38.44  ? 31  ARG B CA  1 
ATOM   869  C C   . ARG B 1 31 ? 12.999  -11.966 -2.031  1.00 37.19  ? 31  ARG B C   1 
ATOM   870  O O   . ARG B 1 31 ? 13.328  -12.200 -3.199  1.00 33.95  ? 31  ARG B O   1 
ATOM   871  C CB  . ARG B 1 31 ? 14.547  -12.602 -0.161  1.00 41.12  ? 31  ARG B CB  1 
ATOM   872  C CG  . ARG B 1 31 ? 16.000  -12.448 0.260   1.00 54.99  ? 31  ARG B CG  1 
ATOM   873  C CD  . ARG B 1 31 ? 16.482  -13.650 1.066   1.00 49.63  ? 31  ARG B CD  1 
ATOM   874  N NE  . ARG B 1 31 ? 16.679  -14.846 0.250   1.00 61.96  ? 31  ARG B NE  1 
ATOM   875  C CZ  . ARG B 1 31 ? 17.808  -15.136 -0.393  1.00 54.94  ? 31  ARG B CZ  1 
ATOM   876  N NH1 . ARG B 1 31 ? 17.898  -16.247 -1.106  1.00 66.76  ? 31  ARG B NH1 1 
ATOM   877  N NH2 . ARG B 1 31 ? 18.844  -14.311 -0.329  1.00 62.60  ? 31  ARG B NH2 1 
ATOM   878  N N   . GLN B 1 32 ? 11.750  -12.151 -1.598  1.00 34.73  ? 32  GLN B N   1 
ATOM   879  C CA  . GLN B 1 32 ? 10.705  -12.600 -2.516  1.00 32.68  ? 32  GLN B CA  1 
ATOM   880  C C   . GLN B 1 32 ? 10.447  -11.577 -3.618  1.00 37.22  ? 32  GLN B C   1 
ATOM   881  O O   . GLN B 1 32 ? 10.256  -11.938 -4.786  1.00 37.34  ? 32  GLN B O   1 
ATOM   882  C CB  . GLN B 1 32 ? 9.423   -12.887 -1.742  1.00 38.82  ? 32  GLN B CB  1 
ATOM   883  C CG  . GLN B 1 32 ? 9.491   -14.173 -0.930  1.00 38.46  ? 32  GLN B CG  1 
ATOM   884  C CD  . GLN B 1 32 ? 8.298   -14.350 -0.026  1.00 46.87  ? 32  GLN B CD  1 
ATOM   885  O OE1 . GLN B 1 32 ? 7.754   -13.382 0.494   1.00 37.51  ? 32  GLN B OE1 1 
ATOM   886  N NE2 . GLN B 1 32 ? 7.884   -15.598 0.170   1.00 36.49  ? 32  GLN B NE2 1 
ATOM   887  N N   . VAL B 1 33 ? 10.416  -10.297 -3.261  1.00 35.73  ? 33  VAL B N   1 
ATOM   888  C CA  . VAL B 1 33 ? 10.245  -9.244  -4.262  1.00 33.22  ? 33  VAL B CA  1 
ATOM   889  C C   . VAL B 1 33 ? 11.411  -9.244  -5.242  1.00 33.67  ? 33  VAL B C   1 
ATOM   890  O O   . VAL B 1 33 ? 11.217  -9.146  -6.462  1.00 36.54  ? 33  VAL B O   1 
ATOM   891  C CB  . VAL B 1 33 ? 10.089  -7.881  -3.565  1.00 33.76  ? 33  VAL B CB  1 
ATOM   892  C CG1 . VAL B 1 33 ? 10.156  -6.738  -4.594  1.00 32.55  ? 33  VAL B CG1 1 
ATOM   893  C CG2 . VAL B 1 33 ? 8.787   -7.833  -2.793  1.00 34.30  ? 33  VAL B CG2 1 
ATOM   894  N N   . ARG B 1 34 ? 12.638  -9.359  -4.725  1.00 36.82  ? 34  ARG B N   1 
ATOM   895  C CA  . ARG B 1 34 ? 13.808  -9.372  -5.594  1.00 34.11  ? 34  ARG B CA  1 
ATOM   896  C C   . ARG B 1 34 ? 13.725  -10.501 -6.608  1.00 40.47  ? 34  ARG B C   1 
ATOM   897  O O   . ARG B 1 34 ? 14.109  -10.324 -7.769  1.00 36.71  ? 34  ARG B O   1 
ATOM   898  C CB  . ARG B 1 34 ? 15.091  -9.490  -4.771  1.00 38.24  ? 34  ARG B CB  1 
ATOM   899  C CG  . ARG B 1 34 ? 16.348  -9.297  -5.601  1.00 39.37  ? 34  ARG B CG  1 
ATOM   900  C CD  . ARG B 1 34 ? 17.630  -9.496  -4.816  1.00 37.17  ? 34  ARG B CD  1 
ATOM   901  N NE  . ARG B 1 34 ? 17.705  -8.675  -3.614  1.00 43.46  ? 34  ARG B NE  1 
ATOM   902  C CZ  . ARG B 1 34 ? 18.177  -7.433  -3.586  1.00 49.21  ? 34  ARG B CZ  1 
ATOM   903  N NH1 . ARG B 1 34 ? 18.613  -6.863  -4.703  1.00 45.85  ? 34  ARG B NH1 1 
ATOM   904  N NH2 . ARG B 1 34 ? 18.211  -6.760  -2.444  1.00 45.36  ? 34  ARG B NH2 1 
ATOM   905  N N   . PHE B 1 35 ? 13.233  -11.676 -6.196  1.00 34.85  ? 35  PHE B N   1 
ATOM   906  C CA  . PHE B 1 35 ? 13.054  -12.755 -7.161  1.00 36.04  ? 35  PHE B CA  1 
ATOM   907  C C   . PHE B 1 35 ? 12.070  -12.354 -8.252  1.00 39.40  ? 35  PHE B C   1 
ATOM   908  O O   . PHE B 1 35 ? 12.320  -12.575 -9.444  1.00 43.18  ? 35  PHE B O   1 
ATOM   909  C CB  . PHE B 1 35 ? 12.578  -14.041 -6.471  1.00 35.54  ? 35  PHE B CB  1 
ATOM   910  C CG  . PHE B 1 35 ? 12.428  -15.198 -7.419  1.00 38.23  ? 35  PHE B CG  1 
ATOM   911  C CD1 . PHE B 1 35 ? 11.266  -15.367 -8.158  1.00 33.93  ? 35  PHE B CD1 1 
ATOM   912  C CD2 . PHE B 1 35 ? 13.464  -16.093 -7.599  1.00 37.51  ? 35  PHE B CD2 1 
ATOM   913  C CE1 . PHE B 1 35 ? 11.140  -16.406 -9.051  1.00 43.22  ? 35  PHE B CE1 1 
ATOM   914  C CE2 . PHE B 1 35 ? 13.343  -17.143 -8.493  1.00 36.62  ? 35  PHE B CE2 1 
ATOM   915  C CZ  . PHE B 1 35 ? 12.180  -17.301 -9.219  1.00 37.26  ? 35  PHE B CZ  1 
ATOM   916  N N   . ILE B 1 36 ? 10.936  -11.775 -7.861  1.00 37.22  ? 36  ILE B N   1 
ATOM   917  C CA  . ILE B 1 36 ? 9.872   -11.490 -8.818  1.00 35.78  ? 36  ILE B CA  1 
ATOM   918  C C   . ILE B 1 36 ? 10.232  -10.290 -9.693  1.00 31.44  ? 36  ILE B C   1 
ATOM   919  O O   . ILE B 1 36 ? 10.087  -10.331 -10.919 1.00 39.83  ? 36  ILE B O   1 
ATOM   920  C CB  . ILE B 1 36 ? 8.540   -11.264 -8.080  1.00 42.08  ? 36  ILE B CB  1 
ATOM   921  C CG1 . ILE B 1 36 ? 8.081   -12.549 -7.392  1.00 40.59  ? 36  ILE B CG1 1 
ATOM   922  C CG2 . ILE B 1 36 ? 7.472   -10.758 -9.037  1.00 39.26  ? 36  ILE B CG2 1 
ATOM   923  C CD1 . ILE B 1 36 ? 6.831   -12.374 -6.566  1.00 42.30  ? 36  ILE B CD1 1 
ATOM   924  N N   . MET B 1 37 ? 10.724  -9.214  -9.076  1.00 40.66  ? 37  MET B N   1 
ATOM   925  C CA  . MET B 1 37 ? 10.902  -7.930  -9.751  1.00 33.57  ? 37  MET B CA  1 
ATOM   926  C C   . MET B 1 37 ? 12.314  -7.687  -10.266 1.00 43.93  ? 37  MET B C   1 
ATOM   927  O O   . MET B 1 37 ? 12.505  -6.791  -11.096 1.00 39.30  ? 37  MET B O   1 
ATOM   928  C CB  . MET B 1 37 ? 10.551  -6.784  -8.794  1.00 32.29  ? 37  MET B CB  1 
ATOM   929  C CG  . MET B 1 37 ? 9.116   -6.748  -8.319  1.00 40.93  ? 37  MET B CG  1 
ATOM   930  S SD  . MET B 1 37 ? 7.969   -6.168  -9.582  1.00 37.31  ? 37  MET B SD  1 
ATOM   931  C CE  . MET B 1 37 ? 8.450   -4.441  -9.791  1.00 34.89  ? 37  MET B CE  1 
ATOM   932  N N   . GLY B 1 38 ? 13.299  -8.436  -9.788  1.00 33.54  ? 38  GLY B N   1 
ATOM   933  C CA  . GLY B 1 38 ? 14.691  -8.126  -10.043 1.00 33.30  ? 38  GLY B CA  1 
ATOM   934  C C   . GLY B 1 38 ? 15.229  -7.108  -9.057  1.00 36.77  ? 38  GLY B C   1 
ATOM   935  O O   . GLY B 1 38 ? 14.550  -6.666  -8.126  1.00 40.61  ? 38  GLY B O   1 
ATOM   936  N N   . ASN B 1 39 ? 16.481  -6.715  -9.273  1.00 37.95  ? 39  ASN B N   1 
ATOM   937  C CA  . ASN B 1 39 ? 17.108  -5.749  -8.385  1.00 34.20  ? 39  ASN B CA  1 
ATOM   938  C C   . ASN B 1 39 ? 16.434  -4.384  -8.521  1.00 39.17  ? 39  ASN B C   1 
ATOM   939  O O   . ASN B 1 39 ? 16.179  -3.925  -9.637  1.00 37.87  ? 39  ASN B O   1 
ATOM   940  C CB  . ASN B 1 39 ? 18.597  -5.616  -8.693  1.00 38.79  ? 39  ASN B CB  1 
ATOM   941  C CG  . ASN B 1 39 ? 19.359  -6.896  -8.476  1.00 44.33  ? 39  ASN B CG  1 
ATOM   942  O OD1 . ASN B 1 39 ? 19.048  -7.675  -7.575  1.00 41.84  ? 39  ASN B OD1 1 
ATOM   943  N ND2 . ASN B 1 39 ? 20.369  -7.121  -9.303  1.00 41.64  ? 39  ASN B ND2 1 
ATOM   944  N N   . PRO B 1 40 ? 16.141  -3.714  -7.412  1.00 35.61  ? 40  PRO B N   1 
ATOM   945  C CA  . PRO B 1 40 ? 15.512  -2.395  -7.497  1.00 33.54  ? 40  PRO B CA  1 
ATOM   946  C C   . PRO B 1 40 ? 16.436  -1.380  -8.152  1.00 39.89  ? 40  PRO B C   1 
ATOM   947  O O   . PRO B 1 40 ? 17.664  -1.484  -8.102  1.00 34.26  ? 40  PRO B O   1 
ATOM   948  C CB  . PRO B 1 40 ? 15.234  -2.042  -6.031  1.00 37.13  ? 40  PRO B CB  1 
ATOM   949  C CG  . PRO B 1 40 ? 16.230  -2.836  -5.271  1.00 39.84  ? 40  PRO B CG  1 
ATOM   950  C CD  . PRO B 1 40 ? 16.430  -4.100  -6.024  1.00 37.48  ? 40  PRO B CD  1 
ATOM   951  N N   . LEU B 1 41 ? 15.812  -0.408  -8.809  1.00 41.01  ? 41  LEU B N   1 
ATOM   952  C CA  . LEU B 1 41 ? 16.554  0.637   -9.503  1.00 37.00  ? 41  LEU B CA  1 
ATOM   953  C C   . LEU B 1 41 ? 17.123  1.659   -8.525  1.00 33.54  ? 41  LEU B C   1 
ATOM   954  O O   . LEU B 1 41 ? 18.283  2.073   -8.642  1.00 39.26  ? 41  LEU B O   1 
ATOM   955  C CB  . LEU B 1 41 ? 15.629  1.299   -10.516 1.00 38.97  ? 41  LEU B CB  1 
ATOM   956  C CG  . LEU B 1 41 ? 16.165  2.372   -11.435 1.00 34.53  ? 41  LEU B CG  1 
ATOM   957  C CD1 . LEU B 1 41 ? 17.341  1.828   -12.209 1.00 41.76  ? 41  LEU B CD1 1 
ATOM   958  C CD2 . LEU B 1 41 ? 15.031  2.754   -12.368 1.00 37.40  ? 41  LEU B CD2 1 
ATOM   959  N N   . ILE B 1 42 ? 16.314  2.082   -7.558  1.00 36.03  ? 42  ILE B N   1 
ATOM   960  C CA  . ILE B 1 42 ? 16.721  3.004   -6.506  1.00 33.28  ? 42  ILE B CA  1 
ATOM   961  C C   . ILE B 1 42 ? 16.201  2.474   -5.176  1.00 40.38  ? 42  ILE B C   1 
ATOM   962  O O   . ILE B 1 42 ? 15.085  1.946   -5.103  1.00 39.91  ? 42  ILE B O   1 
ATOM   963  C CB  . ILE B 1 42 ? 16.192  4.430   -6.767  1.00 37.83  ? 42  ILE B CB  1 
ATOM   964  C CG1 . ILE B 1 42 ? 16.764  4.982   -8.073  1.00 34.95  ? 42  ILE B CG1 1 
ATOM   965  C CG2 . ILE B 1 42 ? 16.513  5.347   -5.593  1.00 44.63  ? 42  ILE B CG2 1 
ATOM   966  C CD1 . ILE B 1 42 ? 16.177  6.336   -8.477  1.00 38.22  ? 42  ILE B CD1 1 
ATOM   967  N N   . VAL B 1 43 ? 17.011  2.605   -4.128  1.00 41.99  ? 43  VAL B N   1 
ATOM   968  C CA  . VAL B 1 43 ? 16.629  2.215   -2.777  1.00 43.87  ? 43  VAL B CA  1 
ATOM   969  C C   . VAL B 1 43 ? 16.815  3.407   -1.850  1.00 46.25  ? 43  VAL B C   1 
ATOM   970  O O   . VAL B 1 43 ? 17.847  4.084   -1.900  1.00 48.93  ? 43  VAL B O   1 
ATOM   971  C CB  . VAL B 1 43 ? 17.445  1.010   -2.281  1.00 40.25  ? 43  VAL B CB  1 
ATOM   972  C CG1 . VAL B 1 43 ? 17.049  0.666   -0.862  1.00 44.99  ? 43  VAL B CG1 1 
ATOM   973  C CG2 . VAL B 1 43 ? 17.225  -0.167  -3.197  1.00 40.72  ? 43  VAL B CG2 1 
ATOM   974  N N   . ASP B 1 44 ? 15.816  3.656   -1.008  1.00 36.35  ? 44  ASP B N   1 
ATOM   975  C CA  . ASP B 1 44 ? 15.860  4.717   -0.016  1.00 44.76  ? 44  ASP B CA  1 
ATOM   976  C C   . ASP B 1 44 ? 15.401  4.156   1.322   1.00 51.63  ? 44  ASP B C   1 
ATOM   977  O O   . ASP B 1 44 ? 14.606  3.213   1.372   1.00 54.26  ? 44  ASP B O   1 
ATOM   978  C CB  . ASP B 1 44 ? 14.967  5.895   -0.441  1.00 55.68  ? 44  ASP B CB  1 
ATOM   979  C CG  . ASP B 1 44 ? 15.163  7.133   0.422   1.00 61.48  ? 44  ASP B CG  1 
ATOM   980  O OD1 . ASP B 1 44 ? 16.147  7.188   1.193   1.00 64.03  ? 44  ASP B OD1 1 
ATOM   981  O OD2 . ASP B 1 44 ? 14.322  8.055   0.323   1.00 64.71  ? 44  ASP B OD2 1 
ATOM   982  N N   . THR B 1 45 ? 15.924  4.724   2.408   1.00 48.85  ? 45  THR B N   1 
ATOM   983  C CA  . THR B 1 45 ? 15.449  4.422   3.752   1.00 48.65  ? 45  THR B CA  1 
ATOM   984  C C   . THR B 1 45 ? 15.100  5.725   4.457   1.00 50.62  ? 45  THR B C   1 
ATOM   985  O O   . THR B 1 45 ? 15.785  6.735   4.278   1.00 57.29  ? 45  THR B O   1 
ATOM   986  C CB  . THR B 1 45 ? 16.485  3.638   4.580   1.00 57.90  ? 45  THR B CB  1 
ATOM   987  O OG1 . THR B 1 45 ? 17.116  4.520   5.514   1.00 66.35  ? 45  THR B OG1 1 
ATOM   988  C CG2 . THR B 1 45 ? 17.546  3.014   3.683   1.00 55.01  ? 45  THR B CG2 1 
ATOM   989  N N   . PHE B 1 46 ? 14.036  5.701   5.256   1.00 52.22  ? 46  PHE B N   1 
ATOM   990  C CA  . PHE B 1 46 ? 13.527  6.911   5.889   1.00 56.62  ? 46  PHE B CA  1 
ATOM   991  C C   . PHE B 1 46 ? 12.716  6.525   7.122   1.00 57.94  ? 46  PHE B C   1 
ATOM   992  O O   . PHE B 1 46 ? 12.539  5.345   7.435   1.00 52.32  ? 46  PHE B O   1 
ATOM   993  C CB  . PHE B 1 46 ? 12.682  7.730   4.912   1.00 57.23  ? 46  PHE B CB  1 
ATOM   994  C CG  . PHE B 1 46 ? 11.479  6.998   4.394   1.00 54.44  ? 46  PHE B CG  1 
ATOM   995  C CD1 . PHE B 1 46 ? 10.267  7.064   5.061   1.00 49.70  ? 46  PHE B CD1 1 
ATOM   996  C CD2 . PHE B 1 46 ? 11.559  6.242   3.237   1.00 63.54  ? 46  PHE B CD2 1 
ATOM   997  C CE1 . PHE B 1 46 ? 9.164   6.391   4.590   1.00 49.33  ? 46  PHE B CE1 1 
ATOM   998  C CE2 . PHE B 1 46 ? 10.455  5.562   2.759   1.00 57.68  ? 46  PHE B CE2 1 
ATOM   999  C CZ  . PHE B 1 46 ? 9.258   5.638   3.437   1.00 55.68  ? 46  PHE B CZ  1 
ATOM   1000 N N   . HIS B 1 47 ? 12.210  7.542   7.815   1.00 67.53  ? 47  HIS B N   1 
ATOM   1001 C CA  . HIS B 1 47 ? 11.357  7.350   8.981   1.00 61.65  ? 47  HIS B CA  1 
ATOM   1002 C C   . HIS B 1 47 ? 9.901   7.354   8.537   1.00 54.14  ? 47  HIS B C   1 
ATOM   1003 O O   . HIS B 1 47 ? 9.436   8.317   7.917   1.00 56.34  ? 47  HIS B O   1 
ATOM   1004 C CB  . HIS B 1 47 ? 11.602  8.445   10.018  1.00 72.89  ? 47  HIS B CB  1 
ATOM   1005 C CG  . HIS B 1 47 ? 12.992  8.449   10.571  1.00 76.01  ? 47  HIS B CG  1 
ATOM   1006 N ND1 . HIS B 1 47 ? 13.791  9.574   10.565  1.00 83.67  ? 47  HIS B ND1 1 
ATOM   1007 C CD2 . HIS B 1 47 ? 13.725  7.469   11.148  1.00 72.76  ? 47  HIS B CD2 1 
ATOM   1008 C CE1 . HIS B 1 47 ? 14.957  9.284   11.115  1.00 83.84  ? 47  HIS B CE1 1 
ATOM   1009 N NE2 . HIS B 1 47 ? 14.942  8.013   11.477  1.00 82.26  ? 47  HIS B NE2 1 
ATOM   1010 N N   . ALA B 1 48 ? 9.187   6.281   8.848   1.00 55.00  ? 48  ALA B N   1 
ATOM   1011 C CA  . ALA B 1 48 ? 7.799   6.122   8.454   1.00 48.44  ? 48  ALA B CA  1 
ATOM   1012 C C   . ALA B 1 48 ? 6.910   6.095   9.688   1.00 48.18  ? 48  ALA B C   1 
ATOM   1013 O O   . ALA B 1 48 ? 7.378   5.972   10.822  1.00 51.28  ? 48  ALA B O   1 
ATOM   1014 C CB  . ALA B 1 48 ? 7.612   4.845   7.625   1.00 44.59  ? 48  ALA B CB  1 
ATOM   1015 N N   . ASN B 1 49 ? 5.608   6.224   9.451   1.00 45.73  ? 49  ASN B N   1 
ATOM   1016 C CA  . ASN B 1 49 ? 4.610   6.140   10.504  1.00 44.83  ? 49  ASN B CA  1 
ATOM   1017 C C   . ASN B 1 49 ? 3.549   5.133   10.099  1.00 44.22  ? 49  ASN B C   1 
ATOM   1018 O O   . ASN B 1 49 ? 3.208   5.025   8.919   1.00 40.97  ? 49  ASN B O   1 
ATOM   1019 C CB  . ASN B 1 49 ? 3.959   7.499   10.781  1.00 42.20  ? 49  ASN B CB  1 
ATOM   1020 C CG  . ASN B 1 49 ? 4.946   8.520   11.297  1.00 48.57  ? 49  ASN B CG  1 
ATOM   1021 O OD1 . ASN B 1 49 ? 5.430   8.415   12.420  1.00 56.05  ? 49  ASN B OD1 1 
ATOM   1022 N ND2 . ASN B 1 49 ? 5.248   9.519   10.481  1.00 49.85  ? 49  ASN B ND2 1 
ATOM   1023 N N   . ARG B 1 50 ? 3.043   4.387   11.075  1.00 38.88  ? 50  ARG B N   1 
ATOM   1024 C CA  . ARG B 1 50 ? 1.931   3.474   10.866  1.00 35.45  ? 50  ARG B CA  1 
ATOM   1025 C C   . ARG B 1 50 ? 0.790   3.880   11.785  1.00 33.75  ? 50  ARG B C   1 
ATOM   1026 O O   . ARG B 1 50 ? 1.016   4.211   12.954  1.00 37.37  ? 50  ARG B O   1 
ATOM   1027 C CB  . ARG B 1 50 ? 2.326   2.009   11.138  1.00 39.28  ? 50  ARG B CB  1 
ATOM   1028 C CG  . ARG B 1 50 ? 1.269   0.996   10.714  1.00 33.72  ? 50  ARG B CG  1 
ATOM   1029 C CD  . ARG B 1 50 ? 1.539   -0.399  11.307  1.00 38.82  ? 50  ARG B CD  1 
ATOM   1030 N NE  . ARG B 1 50 ? 1.392   -0.387  12.758  1.00 44.10  ? 50  ARG B NE  1 
ATOM   1031 C CZ  . ARG B 1 50 ? 2.397   -0.490  13.622  1.00 44.21  ? 50  ARG B CZ  1 
ATOM   1032 N NH1 . ARG B 1 50 ? 3.642   -0.651  13.189  1.00 43.29  ? 50  ARG B NH1 1 
ATOM   1033 N NH2 . ARG B 1 50 ? 2.151   -0.450  14.925  1.00 45.48  ? 50  ARG B NH2 1 
ATOM   1034 N N   . TRP B 1 51 ? -0.428  3.874   11.242  1.00 33.36  ? 51  TRP B N   1 
ATOM   1035 C CA  . TRP B 1 51 ? -1.649  4.187   11.979  1.00 34.43  ? 51  TRP B CA  1 
ATOM   1036 C C   . TRP B 1 51 ? -2.535  2.953   11.999  1.00 37.66  ? 51  TRP B C   1 
ATOM   1037 O O   . TRP B 1 51 ? -2.921  2.448   10.941  1.00 40.85  ? 51  TRP B O   1 
ATOM   1038 C CB  . TRP B 1 51 ? -2.405  5.353   11.338  1.00 33.64  ? 51  TRP B CB  1 
ATOM   1039 C CG  . TRP B 1 51 ? -1.846  6.672   11.642  1.00 33.95  ? 51  TRP B CG  1 
ATOM   1040 C CD1 . TRP B 1 51 ? -0.610  6.948   12.138  1.00 36.84  ? 51  TRP B CD1 1 
ATOM   1041 C CD2 . TRP B 1 51 ? -2.502  7.932   11.467  1.00 31.90  ? 51  TRP B CD2 1 
ATOM   1042 N NE1 . TRP B 1 51 ? -0.455  8.304   12.283  1.00 39.53  ? 51  TRP B NE1 1 
ATOM   1043 C CE2 . TRP B 1 51 ? -1.607  8.929   11.887  1.00 35.88  ? 51  TRP B CE2 1 
ATOM   1044 C CE3 . TRP B 1 51 ? -3.770  8.308   11.013  1.00 37.62  ? 51  TRP B CE3 1 
ATOM   1045 C CZ2 . TRP B 1 51 ? -1.930  10.286  11.854  1.00 36.26  ? 51  TRP B CZ2 1 
ATOM   1046 C CZ3 . TRP B 1 51 ? -4.087  9.655   10.978  1.00 38.67  ? 51  TRP B CZ3 1 
ATOM   1047 C CH2 . TRP B 1 51 ? -3.173  10.624  11.400  1.00 38.38  ? 51  TRP B CH2 1 
ATOM   1048 N N   . ASP B 1 52 ? -2.882  2.490   13.196  1.00 41.03  ? 52  ASP B N   1 
ATOM   1049 C CA  . ASP B 1 52 ? -3.678  1.284   13.370  1.00 36.25  ? 52  ASP B CA  1 
ATOM   1050 C C   . ASP B 1 52 ? -5.113  1.627   13.741  1.00 33.49  ? 52  ASP B C   1 
ATOM   1051 O O   . ASP B 1 52 ? -5.353  2.494   14.587  1.00 37.79  ? 52  ASP B O   1 
ATOM   1052 C CB  . ASP B 1 52 ? -3.069  0.392   14.454  1.00 31.80  ? 52  ASP B CB  1 
ATOM   1053 C CG  . ASP B 1 52 ? -1.728  -0.188  14.044  1.00 45.13  ? 52  ASP B CG  1 
ATOM   1054 O OD1 . ASP B 1 52 ? -1.548  -0.481  12.842  1.00 45.13  ? 52  ASP B OD1 1 
ATOM   1055 O OD2 . ASP B 1 52 ? -0.853  -0.357  14.923  1.00 49.02  ? 52  ASP B OD2 1 
ATOM   1056 N N   . TYR B 1 53 ? -6.067  0.931   13.118  1.00 38.27  ? 53  TYR B N   1 
ATOM   1057 C CA  . TYR B 1 53 ? -7.488  1.119   13.392  1.00 39.95  ? 53  TYR B CA  1 
ATOM   1058 C C   . TYR B 1 53 ? -8.204  -0.218  13.540  1.00 39.78  ? 53  TYR B C   1 
ATOM   1059 O O   . TYR B 1 53 ? -7.946  -1.160  12.787  1.00 38.62  ? 53  TYR B O   1 
ATOM   1060 C CB  . TYR B 1 53 ? -8.190  1.896   12.275  1.00 36.93  ? 53  TYR B CB  1 
ATOM   1061 C CG  . TYR B 1 53 ? -7.795  3.354   12.118  1.00 39.37  ? 53  TYR B CG  1 
ATOM   1062 C CD1 . TYR B 1 53 ? -6.627  3.710   11.451  1.00 40.93  ? 53  TYR B CD1 1 
ATOM   1063 C CD2 . TYR B 1 53 ? -8.610  4.370   12.596  1.00 43.01  ? 53  TYR B CD2 1 
ATOM   1064 C CE1 . TYR B 1 53 ? -6.271  5.041   11.289  1.00 38.35  ? 53  TYR B CE1 1 
ATOM   1065 C CE2 . TYR B 1 53 ? -8.265  5.709   12.431  1.00 35.28  ? 53  TYR B CE2 1 
ATOM   1066 C CZ  . TYR B 1 53 ? -7.090  6.032   11.785  1.00 40.05  ? 53  TYR B CZ  1 
ATOM   1067 O OH  . TYR B 1 53 ? -6.732  7.350   11.611  1.00 39.17  ? 53  TYR B OH  1 
ATOM   1068 N N   . LEU B 1 54 ? -9.135  -0.274  14.488  1.00 38.46  ? 54  LEU B N   1 
ATOM   1069 C CA  . LEU B 1 54 ? -10.201 -1.267  14.474  1.00 39.96  ? 54  LEU B CA  1 
ATOM   1070 C C   . LEU B 1 54 ? -11.364 -0.727  13.657  1.00 50.50  ? 54  LEU B C   1 
ATOM   1071 O O   . LEU B 1 54 ? -11.686 0.463   13.737  1.00 44.76  ? 54  LEU B O   1 
ATOM   1072 C CB  . LEU B 1 54 ? -10.684 -1.578  15.889  1.00 40.71  ? 54  LEU B CB  1 
ATOM   1073 C CG  . LEU B 1 54 ? -9.745  -2.333  16.818  1.00 46.35  ? 54  LEU B CG  1 
ATOM   1074 C CD1 . LEU B 1 54 ? -10.345 -2.364  18.214  1.00 43.78  ? 54  LEU B CD1 1 
ATOM   1075 C CD2 . LEU B 1 54 ? -9.529  -3.732  16.278  1.00 38.29  ? 54  LEU B CD2 1 
ATOM   1076 N N   . TYR B 1 55 ? -12.004 -1.598  12.877  1.00 36.98  ? 55  TYR B N   1 
ATOM   1077 C CA  . TYR B 1 55 ? -13.144 -1.168  12.083  1.00 49.49  ? 55  TYR B CA  1 
ATOM   1078 C C   . TYR B 1 55 ? -14.224 -2.242  12.088  1.00 52.86  ? 55  TYR B C   1 
ATOM   1079 O O   . TYR B 1 55 ? -13.973 -3.412  12.398  1.00 47.15  ? 55  TYR B O   1 
ATOM   1080 C CB  . TYR B 1 55 ? -12.737 -0.802  10.642  1.00 43.99  ? 55  TYR B CB  1 
ATOM   1081 C CG  . TYR B 1 55 ? -12.371 -1.969  9.753   1.00 51.99  ? 55  TYR B CG  1 
ATOM   1082 C CD1 . TYR B 1 55 ? -11.091 -2.503  9.764   1.00 48.09  ? 55  TYR B CD1 1 
ATOM   1083 C CD2 . TYR B 1 55 ? -13.301 -2.519  8.878   1.00 50.50  ? 55  TYR B CD2 1 
ATOM   1084 C CE1 . TYR B 1 55 ? -10.750 -3.563  8.942   1.00 47.23  ? 55  TYR B CE1 1 
ATOM   1085 C CE2 . TYR B 1 55 ? -12.970 -3.577  8.055   1.00 51.74  ? 55  TYR B CE2 1 
ATOM   1086 C CZ  . TYR B 1 55 ? -11.695 -4.096  8.089   1.00 53.97  ? 55  TYR B CZ  1 
ATOM   1087 O OH  . TYR B 1 55 ? -11.363 -5.152  7.271   1.00 63.53  ? 55  TYR B OH  1 
ATOM   1088 N N   . SER B 1 56 ? -15.443 -1.814  11.770  1.00 51.86  ? 56  SER B N   1 
ATOM   1089 C CA  . SER B 1 56 ? -16.611 -2.684  11.732  1.00 55.14  ? 56  SER B CA  1 
ATOM   1090 C C   . SER B 1 56 ? -16.946 -3.021  10.286  1.00 58.94  ? 56  SER B C   1 
ATOM   1091 O O   . SER B 1 56 ? -16.967 -2.136  9.427   1.00 62.72  ? 56  SER B O   1 
ATOM   1092 C CB  . SER B 1 56 ? -17.813 -2.020  12.404  1.00 53.54  ? 56  SER B CB  1 
ATOM   1093 O OG  . SER B 1 56 ? -17.553 -1.769  13.771  1.00 57.54  ? 56  SER B OG  1 
ATOM   1094 N N   . ILE B 1 57 ? -17.198 -4.304  10.024  1.00 72.28  ? 57  ILE B N   1 
ATOM   1095 C CA  . ILE B 1 57 ? -17.491 -4.736  8.660   1.00 79.20  ? 57  ILE B CA  1 
ATOM   1096 C C   . ILE B 1 57 ? -18.862 -4.236  8.216   1.00 83.92  ? 57  ILE B C   1 
ATOM   1097 O O   . ILE B 1 57 ? -19.029 -3.762  7.085   1.00 81.84  ? 57  ILE B O   1 
ATOM   1098 C CB  . ILE B 1 57 ? -17.370 -6.270  8.557   1.00 84.20  ? 57  ILE B CB  1 
ATOM   1099 C CG1 . ILE B 1 57 ? -17.916 -6.770  7.217   1.00 87.69  ? 57  ILE B CG1 1 
ATOM   1100 C CG2 . ILE B 1 57 ? -18.061 -6.948  9.738   1.00 82.12  ? 57  ILE B CG2 1 
ATOM   1101 C CD1 . ILE B 1 57 ? -17.760 -8.265  7.008   1.00 85.98  ? 57  ILE B CD1 1 
ATOM   1102 N N   . GLN B 1 58 ? -19.856 -4.323  9.092   1.00 86.00  ? 58  GLN B N   1 
ATOM   1103 C CA  . GLN B 1 58 ? -21.223 -3.923  8.802   1.00 87.77  ? 58  GLN B CA  1 
ATOM   1104 C C   . GLN B 1 58 ? -21.799 -3.247  10.036  1.00 92.43  ? 58  GLN B C   1 
ATOM   1105 O O   . GLN B 1 58 ? -21.323 -3.478  11.153  1.00 89.46  ? 58  GLN B O   1 
ATOM   1106 C CB  . GLN B 1 58 ? -22.077 -5.131  8.393   1.00 95.37  ? 58  GLN B CB  1 
ATOM   1107 C CG  . GLN B 1 58 ? -22.133 -6.239  9.429   1.00 100.49 ? 58  GLN B CG  1 
ATOM   1108 C CD  . GLN B 1 58 ? -23.274 -6.064  10.409  1.00 105.08 ? 58  GLN B CD  1 
ATOM   1109 O OE1 . GLN B 1 58 ? -24.392 -5.718  10.023  1.00 106.62 ? 58  GLN B OE1 1 
ATOM   1110 N NE2 . GLN B 1 58 ? -22.999 -6.299  11.687  1.00 102.80 ? 58  GLN B NE2 1 
ATOM   1111 N N   . PRO B 1 59 ? -22.820 -2.402  9.869   1.00 97.42  ? 59  PRO B N   1 
ATOM   1112 C CA  . PRO B 1 59 ? -23.358 -1.661  11.019  1.00 101.06 ? 59  PRO B CA  1 
ATOM   1113 C C   . PRO B 1 59 ? -23.902 -2.586  12.099  1.00 99.58  ? 59  PRO B C   1 
ATOM   1114 O O   . PRO B 1 59 ? -24.480 -3.637  11.814  1.00 95.97  ? 59  PRO B O   1 
ATOM   1115 C CB  . PRO B 1 59 ? -24.469 -0.802  10.400  1.00 100.07 ? 59  PRO B CB  1 
ATOM   1116 C CG  . PRO B 1 59 ? -24.821 -1.494  9.123   1.00 98.42  ? 59  PRO B CG  1 
ATOM   1117 C CD  . PRO B 1 59 ? -23.531 -2.063  8.624   1.00 96.82  ? 59  PRO B CD  1 
ATOM   1118 N N   . GLY B 1 60 ? -23.727 -2.170  13.352  1.00 97.38  ? 60  GLY B N   1 
ATOM   1119 C CA  . GLY B 1 60 ? -24.152 -2.972  14.484  1.00 86.71  ? 60  GLY B CA  1 
ATOM   1120 C C   . GLY B 1 60 ? -23.360 -4.253  14.620  1.00 84.98  ? 60  GLY B C   1 
ATOM   1121 O O   . GLY B 1 60 ? -23.937 -5.337  14.742  1.00 89.82  ? 60  GLY B O   1 
ATOM   1122 N N   . GLY B 1 61 ? -22.034 -4.148  14.584  1.00 81.92  ? 61  GLY B N   1 
ATOM   1123 C CA  . GLY B 1 61 ? -21.189 -5.324  14.608  1.00 77.56  ? 61  GLY B CA  1 
ATOM   1124 C C   . GLY B 1 61 ? -20.881 -5.863  15.990  1.00 73.51  ? 61  GLY B C   1 
ATOM   1125 O O   . GLY B 1 61 ? -20.888 -7.080  16.204  1.00 80.68  ? 61  GLY B O   1 
ATOM   1126 N N   . GLY B 1 62 ? -20.613 -4.974  16.937  1.00 70.40  ? 62  GLY B N   1 
ATOM   1127 C CA  . GLY B 1 62 ? -20.155 -5.378  18.248  1.00 58.92  ? 62  GLY B CA  1 
ATOM   1128 C C   . GLY B 1 62 ? -18.639 -5.444  18.329  1.00 48.01  ? 62  GLY B C   1 
ATOM   1129 O O   . GLY B 1 62 ? -17.936 -5.588  17.331  1.00 50.41  ? 62  GLY B O   1 
ATOM   1130 N N   . ARG B 1 63 ? -18.136 -5.358  19.565  1.00 57.47  ? 63  ARG B N   1 
ATOM   1131 C CA  . ARG B 1 63 ? -16.696 -5.225  19.775  1.00 49.89  ? 63  ARG B CA  1 
ATOM   1132 C C   . ARG B 1 63 ? -15.930 -6.430  19.249  1.00 48.86  ? 63  ARG B C   1 
ATOM   1133 O O   . ARG B 1 63 ? -14.836 -6.281  18.694  1.00 46.91  ? 63  ARG B O   1 
ATOM   1134 C CB  . ARG B 1 63 ? -16.395 -5.010  21.257  1.00 48.75  ? 63  ARG B CB  1 
ATOM   1135 C CG  . ARG B 1 63 ? -16.417 -3.560  21.649  1.00 60.87  ? 63  ARG B CG  1 
ATOM   1136 C CD  . ARG B 1 63 ? -16.265 -3.345  23.141  1.00 71.05  ? 63  ARG B CD  1 
ATOM   1137 N NE  . ARG B 1 63 ? -16.724 -2.006  23.511  1.00 73.78  ? 63  ARG B NE  1 
ATOM   1138 C CZ  . ARG B 1 63 ? -16.603 -1.469  24.720  1.00 82.74  ? 63  ARG B CZ  1 
ATOM   1139 N NH1 . ARG B 1 63 ? -17.058 -0.243  24.948  1.00 90.53  ? 63  ARG B NH1 1 
ATOM   1140 N NH2 . ARG B 1 63 ? -16.021 -2.151  25.702  1.00 85.59  ? 63  ARG B NH2 1 
ATOM   1141 N N   . ARG B 1 64 ? -16.473 -7.630  19.420  1.00 49.32  ? 64  ARG B N   1 
ATOM   1142 C CA  . ARG B 1 64 ? -15.731 -8.813  19.006  1.00 44.11  ? 64  ARG B CA  1 
ATOM   1143 C C   . ARG B 1 64 ? -15.747 -9.037  17.499  1.00 49.13  ? 64  ARG B C   1 
ATOM   1144 O O   . ARG B 1 64 ? -14.938 -9.828  17.006  1.00 53.25  ? 64  ARG B O   1 
ATOM   1145 C CB  . ARG B 1 64 ? -16.269 -10.049 19.729  1.00 48.06  ? 64  ARG B CB  1 
ATOM   1146 C CG  . ARG B 1 64 ? -16.045 -10.005 21.230  1.00 42.09  ? 64  ARG B CG  1 
ATOM   1147 C CD  . ARG B 1 64 ? -16.569 -11.254 21.914  1.00 53.69  ? 64  ARG B CD  1 
ATOM   1148 N NE  . ARG B 1 64 ? -15.768 -12.435 21.605  1.00 42.51  ? 64  ARG B NE  1 
ATOM   1149 C CZ  . ARG B 1 64 ? -14.642 -12.760 22.240  1.00 49.18  ? 64  ARG B CZ  1 
ATOM   1150 N NH1 . ARG B 1 64 ? -14.179 -11.984 23.213  1.00 36.49  ? 64  ARG B NH1 1 
ATOM   1151 N NH2 . ARG B 1 64 ? -13.978 -13.859 21.903  1.00 47.78  ? 64  ARG B NH2 1 
ATOM   1152 N N   . GLN B 1 65 ? -16.619 -8.360  16.754  1.00 52.51  ? 65  GLN B N   1 
ATOM   1153 C CA  . GLN B 1 65 ? -16.673 -8.527  15.305  1.00 52.26  ? 65  GLN B CA  1 
ATOM   1154 C C   . GLN B 1 65 ? -15.775 -7.551  14.556  1.00 53.49  ? 65  GLN B C   1 
ATOM   1155 O O   . GLN B 1 65 ? -15.734 -7.593  13.322  1.00 50.07  ? 65  GLN B O   1 
ATOM   1156 C CB  . GLN B 1 65 ? -18.115 -8.381  14.801  1.00 55.49  ? 65  GLN B CB  1 
ATOM   1157 C CG  . GLN B 1 65 ? -19.033 -9.551  15.149  1.00 75.02  ? 65  GLN B CG  1 
ATOM   1158 C CD  . GLN B 1 65 ? -18.654 -10.848 14.439  1.00 83.21  ? 65  GLN B CD  1 
ATOM   1159 O OE1 . GLN B 1 65 ? -17.799 -10.867 13.552  1.00 81.40  ? 65  GLN B OE1 1 
ATOM   1160 N NE2 . GLN B 1 65 ? -19.298 -11.941 14.832  1.00 89.20  ? 65  GLN B NE2 1 
ATOM   1161 N N   . GLN B 1 66 ? -15.052 -6.688  15.263  1.00 47.71  ? 66  GLN B N   1 
ATOM   1162 C CA  . GLN B 1 66 ? -14.177 -5.720  14.619  1.00 47.69  ? 66  GLN B CA  1 
ATOM   1163 C C   . GLN B 1 66 ? -12.956 -6.404  14.015  1.00 50.73  ? 66  GLN B C   1 
ATOM   1164 O O   . GLN B 1 66 ? -12.488 -7.438  14.500  1.00 45.95  ? 66  GLN B O   1 
ATOM   1165 C CB  . GLN B 1 66 ? -13.731 -4.660  15.625  1.00 50.58  ? 66  GLN B CB  1 
ATOM   1166 C CG  . GLN B 1 66 ? -14.859 -3.787  16.156  1.00 45.05  ? 66  GLN B CG  1 
ATOM   1167 C CD  . GLN B 1 66 ? -14.415 -2.884  17.294  1.00 57.81  ? 66  GLN B CD  1 
ATOM   1168 O OE1 . GLN B 1 66 ? -14.354 -1.661  17.146  1.00 55.51  ? 66  GLN B OE1 1 
ATOM   1169 N NE2 . GLN B 1 66 ? -14.109 -3.484  18.445  1.00 46.59  ? 66  GLN B NE2 1 
ATOM   1170 N N   . GLU B 1 67 ? -12.440 -5.814  12.943  1.00 42.14  ? 67  GLU B N   1 
ATOM   1171 C CA  . GLU B 1 67 ? -11.221 -6.276  12.293  1.00 46.75  ? 67  GLU B CA  1 
ATOM   1172 C C   . GLU B 1 67 ? -10.180 -5.160  12.306  1.00 47.58  ? 67  GLU B C   1 
ATOM   1173 O O   . GLU B 1 67 ? -10.420 -4.059  12.805  1.00 46.41  ? 67  GLU B O   1 
ATOM   1174 C CB  . GLU B 1 67 ? -11.508 -6.756  10.869  1.00 51.29  ? 67  GLU B CB  1 
ATOM   1175 C CG  . GLU B 1 67 ? -12.362 -8.012  10.813  1.00 71.85  ? 67  GLU B CG  1 
ATOM   1176 C CD  . GLU B 1 67 ? -12.418 -8.624  9.426   1.00 87.72  ? 67  GLU B CD  1 
ATOM   1177 O OE1 . GLU B 1 67 ? -12.330 -7.867  8.434   1.00 93.18  ? 67  GLU B OE1 1 
ATOM   1178 O OE2 . GLU B 1 67 ? -12.540 -9.863  9.329   1.00 87.46  ? 67  GLU B OE2 1 
ATOM   1179 N N   . ARG B 1 68 ? -9.009  -5.451  11.746  1.00 45.20  ? 68  ARG B N   1 
ATOM   1180 C CA  . ARG B 1 68 ? -7.839  -4.597  11.884  1.00 38.05  ? 68  ARG B CA  1 
ATOM   1181 C C   . ARG B 1 68 ? -7.395  -4.058  10.531  1.00 45.03  ? 68  ARG B C   1 
ATOM   1182 O O   . ARG B 1 68 ? -7.376  -4.789  9.536   1.00 45.18  ? 68  ARG B O   1 
ATOM   1183 C CB  . ARG B 1 68 ? -6.697  -5.373  12.554  1.00 50.48  ? 68  ARG B CB  1 
ATOM   1184 C CG  . ARG B 1 68 ? -6.979  -5.676  14.018  1.00 38.33  ? 68  ARG B CG  1 
ATOM   1185 C CD  . ARG B 1 68 ? -6.629  -7.105  14.432  1.00 43.20  ? 68  ARG B CD  1 
ATOM   1186 N NE  . ARG B 1 68 ? -7.224  -7.405  15.734  1.00 54.52  ? 68  ARG B NE  1 
ATOM   1187 C CZ  . ARG B 1 68 ? -8.450  -7.893  15.910  1.00 45.93  ? 68  ARG B CZ  1 
ATOM   1188 N NH1 . ARG B 1 68 ? -9.224  -8.159  14.867  1.00 52.23  ? 68  ARG B NH1 1 
ATOM   1189 N NH2 . ARG B 1 68 ? -8.906  -8.119  17.132  1.00 55.84  ? 68  ARG B NH2 1 
ATOM   1190 N N   . VAL B 1 69 ? -7.045  -2.772  10.501  1.00 42.01  ? 69  VAL B N   1 
ATOM   1191 C CA  . VAL B 1 69 ? -6.482  -2.131  9.317   1.00 41.79  ? 69  VAL B CA  1 
ATOM   1192 C C   . VAL B 1 69 ? -5.322  -1.244  9.751   1.00 32.15  ? 69  VAL B C   1 
ATOM   1193 O O   . VAL B 1 69 ? -5.391  -0.578  10.790  1.00 38.20  ? 69  VAL B O   1 
ATOM   1194 C CB  . VAL B 1 69 ? -7.545  -1.327  8.535   1.00 49.60  ? 69  VAL B CB  1 
ATOM   1195 C CG1 . VAL B 1 69 ? -8.185  -0.266  9.413   1.00 41.33  ? 69  VAL B CG1 1 
ATOM   1196 C CG2 . VAL B 1 69 ? -6.932  -0.694  7.303   1.00 47.28  ? 69  VAL B CG2 1 
ATOM   1197 N N   . SER B 1 70 ? -4.234  -1.268  8.982   1.00 36.23  ? 70  SER B N   1 
ATOM   1198 C CA  . SER B 1 70 ? -3.062  -0.444  9.253   1.00 36.81  ? 70  SER B CA  1 
ATOM   1199 C C   . SER B 1 70 ? -2.734  0.418   8.041   1.00 42.28  ? 70  SER B C   1 
ATOM   1200 O O   . SER B 1 70 ? -2.768  -0.052  6.899   1.00 38.06  ? 70  SER B O   1 
ATOM   1201 C CB  . SER B 1 70 ? -1.849  -1.297  9.627   1.00 46.93  ? 70  SER B CB  1 
ATOM   1202 O OG  . SER B 1 70 ? -1.991  -1.852  10.927  1.00 45.72  ? 70  SER B OG  1 
ATOM   1203 N N   . LEU B 1 71 ? -2.415  1.684   8.298   1.00 38.92  ? 71  LEU B N   1 
ATOM   1204 C CA  . LEU B 1 71 ? -2.121  2.664   7.261   1.00 34.32  ? 71  LEU B CA  1 
ATOM   1205 C C   . LEU B 1 71 ? -0.668  3.095   7.375   1.00 33.24  ? 71  LEU B C   1 
ATOM   1206 O O   . LEU B 1 71 ? -0.209  3.446   8.465   1.00 40.57  ? 71  LEU B O   1 
ATOM   1207 C CB  . LEU B 1 71 ? -3.043  3.885   7.379   1.00 31.43  ? 71  LEU B CB  1 
ATOM   1208 C CG  . LEU B 1 71 ? -4.499  3.790   6.908   1.00 34.80  ? 71  LEU B CG  1 
ATOM   1209 C CD1 . LEU B 1 71 ? -5.298  2.733   7.627   1.00 40.24  ? 71  LEU B CD1 1 
ATOM   1210 C CD2 . LEU B 1 71 ? -5.175  5.133   7.079   1.00 39.61  ? 71  LEU B CD2 1 
ATOM   1211 N N   . PHE B 1 72 ? 0.045   3.102   6.251   1.00 37.53  ? 72  PHE B N   1 
ATOM   1212 C CA  . PHE B 1 72 ? 1.459   3.451   6.224   1.00 35.75  ? 72  PHE B CA  1 
ATOM   1213 C C   . PHE B 1 72 ? 1.660   4.780   5.512   1.00 41.22  ? 72  PHE B C   1 
ATOM   1214 O O   . PHE B 1 72 ? 1.114   4.996   4.423   1.00 47.12  ? 72  PHE B O   1 
ATOM   1215 C CB  . PHE B 1 72 ? 2.279   2.357   5.543   1.00 40.80  ? 72  PHE B CB  1 
ATOM   1216 C CG  . PHE B 1 72 ? 2.404   1.110   6.364   1.00 41.59  ? 72  PHE B CG  1 
ATOM   1217 C CD1 . PHE B 1 72 ? 1.462   0.098   6.264   1.00 58.64  ? 72  PHE B CD1 1 
ATOM   1218 C CD2 . PHE B 1 72 ? 3.456   0.956   7.253   1.00 53.68  ? 72  PHE B CD2 1 
ATOM   1219 C CE1 . PHE B 1 72 ? 1.573   -1.058  7.032   1.00 51.15  ? 72  PHE B CE1 1 
ATOM   1220 C CE2 . PHE B 1 72 ? 3.570   -0.198  8.023   1.00 58.08  ? 72  PHE B CE2 1 
ATOM   1221 C CZ  . PHE B 1 72 ? 2.629   -1.203  7.910   1.00 49.32  ? 72  PHE B CZ  1 
ATOM   1222 N N   . PHE B 1 73 ? 2.449   5.659   6.120   1.00 35.00  ? 73  PHE B N   1 
ATOM   1223 C CA  . PHE B 1 73 ? 2.756   6.969   5.562   1.00 35.38  ? 73  PHE B CA  1 
ATOM   1224 C C   . PHE B 1 73 ? 4.238   7.053   5.224   1.00 51.94  ? 73  PHE B C   1 
ATOM   1225 O O   . PHE B 1 73 ? 5.090   6.619   6.007   1.00 53.14  ? 73  PHE B O   1 
ATOM   1226 C CB  . PHE B 1 73 ? 2.378   8.080   6.541   1.00 45.94  ? 73  PHE B CB  1 
ATOM   1227 C CG  . PHE B 1 73 ? 0.899   8.189   6.796   1.00 46.78  ? 73  PHE B CG  1 
ATOM   1228 C CD1 . PHE B 1 73 ? 0.084   8.904   5.930   1.00 38.48  ? 73  PHE B CD1 1 
ATOM   1229 C CD2 . PHE B 1 73 ? 0.327   7.586   7.906   1.00 42.33  ? 73  PHE B CD2 1 
ATOM   1230 C CE1 . PHE B 1 73 ? -1.274  9.005   6.163   1.00 39.61  ? 73  PHE B CE1 1 
ATOM   1231 C CE2 . PHE B 1 73 ? -1.032  7.682   8.144   1.00 42.13  ? 73  PHE B CE2 1 
ATOM   1232 C CZ  . PHE B 1 73 ? -1.834  8.397   7.270   1.00 39.78  ? 73  PHE B CZ  1 
ATOM   1233 N N   . ASN B 1 74 ? 4.545   7.614   4.058   1.00 50.36  ? 74  ASN B N   1 
ATOM   1234 C CA  . ASN B 1 74 ? 5.907   7.614   3.548   1.00 44.98  ? 74  ASN B CA  1 
ATOM   1235 C C   . ASN B 1 74 ? 6.678   8.819   4.079   1.00 54.41  ? 74  ASN B C   1 
ATOM   1236 O O   . ASN B 1 74 ? 6.266   9.491   5.029   1.00 58.04  ? 74  ASN B O   1 
ATOM   1237 C CB  . ASN B 1 74 ? 5.913   7.556   2.018   1.00 56.16  ? 74  ASN B CB  1 
ATOM   1238 C CG  . ASN B 1 74 ? 5.299   8.791   1.363   1.00 54.06  ? 74  ASN B CG  1 
ATOM   1239 O OD1 . ASN B 1 74 ? 5.250   9.873   1.945   1.00 57.84  ? 74  ASN B OD1 1 
ATOM   1240 N ND2 . ASN B 1 74 ? 4.834   8.623   0.131   1.00 57.92  ? 74  ASN B ND2 1 
ATOM   1241 N N   . ASP B 1 75 ? 7.824   9.090   3.454   1.00 57.35  ? 75  ASP B N   1 
ATOM   1242 C CA  . ASP B 1 75 ? 8.678   10.189  3.889   1.00 61.47  ? 75  ASP B CA  1 
ATOM   1243 C C   . ASP B 1 75 ? 7.976   11.530  3.739   1.00 67.96  ? 75  ASP B C   1 
ATOM   1244 O O   . ASP B 1 75 ? 8.158   12.432  4.567   1.00 69.39  ? 75  ASP B O   1 
ATOM   1245 C CB  . ASP B 1 75 ? 9.979   10.175  3.091   1.00 61.65  ? 75  ASP B CB  1 
ATOM   1246 C CG  . ASP B 1 75 ? 11.118  10.801  3.846   1.00 72.24  ? 75  ASP B CG  1 
ATOM   1247 O OD1 . ASP B 1 75 ? 10.946  11.049  5.059   1.00 64.93  ? 75  ASP B OD1 1 
ATOM   1248 O OD2 . ASP B 1 75 ? 12.177  11.046  3.232   1.00 87.42  ? 75  ASP B OD2 1 
ATOM   1249 N N   . SER B 1 76 ? 7.179   11.686  2.685   1.00 64.84  ? 76  SER B N   1 
ATOM   1250 C CA  . SER B 1 76 ? 6.426   12.910  2.435   1.00 69.50  ? 76  SER B CA  1 
ATOM   1251 C C   . SER B 1 76 ? 5.189   13.028  3.314   1.00 67.28  ? 76  SER B C   1 
ATOM   1252 O O   . SER B 1 76 ? 4.359   13.909  3.070   1.00 63.30  ? 76  SER B O   1 
ATOM   1253 C CB  . SER B 1 76 ? 6.017   12.982  0.963   1.00 63.80  ? 76  SER B CB  1 
ATOM   1254 O OG  . SER B 1 76 ? 7.143   12.848  0.116   1.00 70.38  ? 76  SER B OG  1 
ATOM   1255 N N   . ASP B 1 77 ? 5.054   12.162  4.318   1.00 65.66  ? 77  ASP B N   1 
ATOM   1256 C CA  . ASP B 1 77 ? 3.872   12.119  5.178   1.00 70.24  ? 77  ASP B CA  1 
ATOM   1257 C C   . ASP B 1 77 ? 2.603   11.952  4.350   1.00 65.49  ? 77  ASP B C   1 
ATOM   1258 O O   . ASP B 1 77 ? 1.572   12.572  4.620   1.00 70.49  ? 77  ASP B O   1 
ATOM   1259 C CB  . ASP B 1 77 ? 3.791   13.358  6.075   1.00 79.00  ? 77  ASP B CB  1 
ATOM   1260 C CG  . ASP B 1 77 ? 4.945   13.433  7.064   1.00 87.31  ? 77  ASP B CG  1 
ATOM   1261 O OD1 . ASP B 1 77 ? 5.484   12.366  7.433   1.00 87.96  ? 77  ASP B OD1 1 
ATOM   1262 O OD2 . ASP B 1 77 ? 5.308   14.555  7.474   1.00 93.52  ? 77  ASP B OD2 1 
ATOM   1263 N N   . GLN B 1 78 ? 2.683   11.105  3.328   1.00 54.27  ? 78  GLN B N   1 
ATOM   1264 C CA  . GLN B 1 78 ? 1.556   10.786  2.467   1.00 53.49  ? 78  GLN B CA  1 
ATOM   1265 C C   . GLN B 1 78 ? 1.237   9.300   2.560   1.00 46.91  ? 78  GLN B C   1 
ATOM   1266 O O   . GLN B 1 78 ? 2.125   8.467   2.766   1.00 47.69  ? 78  GLN B O   1 
ATOM   1267 C CB  . GLN B 1 78 ? 1.847   11.167  1.017   1.00 56.36  ? 78  GLN B CB  1 
ATOM   1268 C CG  . GLN B 1 78 ? 2.056   12.654  0.810   1.00 64.31  ? 78  GLN B CG  1 
ATOM   1269 C CD  . GLN B 1 78 ? 2.462   12.986  -0.611  1.00 77.20  ? 78  GLN B CD  1 
ATOM   1270 O OE1 . GLN B 1 78 ? 3.099   12.180  -1.294  1.00 73.63  ? 78  GLN B OE1 1 
ATOM   1271 N NE2 . GLN B 1 78 ? 2.090   14.179  -1.067  1.00 80.49  ? 78  GLN B NE2 1 
ATOM   1272 N N   . LEU B 1 79 ? -0.045  8.979   2.399   1.00 44.50  ? 79  LEU B N   1 
ATOM   1273 C CA  . LEU B 1 79 ? -0.509  7.604   2.511   1.00 48.84  ? 79  LEU B CA  1 
ATOM   1274 C C   . LEU B 1 79 ? 0.092   6.755   1.398   1.00 55.93  ? 79  LEU B C   1 
ATOM   1275 O O   . LEU B 1 79 ? -0.174  6.991   0.214   1.00 51.13  ? 79  LEU B O   1 
ATOM   1276 C CB  . LEU B 1 79 ? -2.032  7.557   2.455   1.00 40.98  ? 79  LEU B CB  1 
ATOM   1277 C CG  . LEU B 1 79 ? -2.587  6.187   2.835   1.00 41.52  ? 79  LEU B CG  1 
ATOM   1278 C CD1 . LEU B 1 79 ? -2.237  5.895   4.283   1.00 39.25  ? 79  LEU B CD1 1 
ATOM   1279 C CD2 . LEU B 1 79 ? -4.085  6.095   2.610   1.00 39.43  ? 79  LEU B CD2 1 
ATOM   1280 N N   . ALA B 1 80 ? 0.893   5.756   1.779   1.00 46.19  ? 80  ALA B N   1 
ATOM   1281 C CA  . ALA B 1 80 ? 1.617   4.936   0.820   1.00 47.93  ? 80  ALA B CA  1 
ATOM   1282 C C   . ALA B 1 80 ? 1.296   3.451   0.902   1.00 50.26  ? 80  ALA B C   1 
ATOM   1283 O O   . ALA B 1 80 ? 1.765   2.693   0.048   1.00 54.48  ? 80  ALA B O   1 
ATOM   1284 C CB  . ALA B 1 80 ? 3.133   5.128   0.993   1.00 49.83  ? 80  ALA B CB  1 
ATOM   1285 N N   . GLY B 1 81 ? 0.519   3.013   1.885   1.00 45.21  ? 81  GLY B N   1 
ATOM   1286 C CA  . GLY B 1 81 ? 0.158   1.613   1.960   1.00 47.47  ? 81  GLY B CA  1 
ATOM   1287 C C   . GLY B 1 81 ? -0.997  1.380   2.903   1.00 51.07  ? 81  GLY B C   1 
ATOM   1288 O O   . GLY B 1 81 ? -1.282  2.192   3.792   1.00 43.94  ? 81  GLY B O   1 
ATOM   1289 N N   . LEU B 1 82 ? -1.659  0.246   2.699   1.00 52.82  ? 82  LEU B N   1 
ATOM   1290 C CA  . LEU B 1 82 ? -2.737  -0.208  3.560   1.00 55.70  ? 82  LEU B CA  1 
ATOM   1291 C C   . LEU B 1 82 ? -2.490  -1.661  3.945   1.00 62.00  ? 82  LEU B C   1 
ATOM   1292 O O   . LEU B 1 82 ? -2.107  -2.476  3.099   1.00 73.29  ? 82  LEU B O   1 
ATOM   1293 C CB  . LEU B 1 82 ? -4.094  -0.068  2.863   1.00 49.03  ? 82  LEU B CB  1 
ATOM   1294 C CG  . LEU B 1 82 ? -5.173  0.744   3.575   1.00 59.85  ? 82  LEU B CG  1 
ATOM   1295 C CD1 . LEU B 1 82 ? -4.781  2.209   3.634   1.00 58.66  ? 82  LEU B CD1 1 
ATOM   1296 C CD2 . LEU B 1 82 ? -6.507  0.577   2.876   1.00 63.28  ? 82  LEU B CD2 1 
ATOM   1297 N N   . ASN B 1 83 ? -2.681  -1.976  5.225   1.00 60.46  ? 83  ASN B N   1 
ATOM   1298 C CA  . ASN B 1 83 ? -2.646  -3.345  5.723   1.00 70.72  ? 83  ASN B CA  1 
ATOM   1299 C C   . ASN B 1 83 ? -3.992  -3.677  6.349   1.00 59.87  ? 83  ASN B C   1 
ATOM   1300 O O   . ASN B 1 83 ? -4.585  -2.844  7.037   1.00 61.27  ? 83  ASN B O   1 
ATOM   1301 C CB  . ASN B 1 83 ? -1.521  -3.561  6.752   1.00 72.16  ? 83  ASN B CB  1 
ATOM   1302 C CG  . ASN B 1 83 ? -0.256  -4.136  6.131   1.00 69.92  ? 83  ASN B CG  1 
ATOM   1303 O OD1 . ASN B 1 83 ? -0.261  -4.595  4.989   1.00 72.25  ? 83  ASN B OD1 1 
ATOM   1304 N ND2 . ASN B 1 83 ? 0.834   -4.127  6.895   1.00 63.68  ? 83  ASN B ND2 1 
ATOM   1305 N N   . GLY B 1 84 ? -4.467  -4.892  6.112   1.00 76.90  ? 84  GLY B N   1 
ATOM   1306 C CA  . GLY B 1 84 ? -5.801  -5.283  6.518   1.00 76.87  ? 84  GLY B CA  1 
ATOM   1307 C C   . GLY B 1 84 ? -6.214  -6.562  5.814   1.00 93.73  ? 84  GLY B C   1 
ATOM   1308 O O   . GLY B 1 84 ? -5.403  -7.237  5.183   1.00 99.49  ? 84  GLY B O   1 
ATOM   1309 N N   . ASP B 1 85 ? -7.498  -6.885  5.948   1.00 100.94 ? 85  ASP B N   1 
ATOM   1310 C CA  . ASP B 1 85 ? -8.066  -8.096  5.354   1.00 107.97 ? 85  ASP B CA  1 
ATOM   1311 C C   . ASP B 1 85 ? -9.294  -7.701  4.542   1.00 110.29 ? 85  ASP B C   1 
ATOM   1312 O O   . ASP B 1 85 ? -10.386 -7.536  5.094   1.00 108.30 ? 85  ASP B O   1 
ATOM   1313 C CB  . ASP B 1 85 ? -8.419  -9.122  6.426   1.00 109.72 ? 85  ASP B CB  1 
ATOM   1314 C CG  . ASP B 1 85 ? -7.668  -8.893  7.720   1.00 110.70 ? 85  ASP B CG  1 
ATOM   1315 O OD1 . ASP B 1 85 ? -7.943  -7.872  8.386   1.00 101.09 ? 85  ASP B OD1 1 
ATOM   1316 O OD2 . ASP B 1 85 ? -6.807  -9.730  8.072   1.00 109.48 ? 85  ASP B OD2 1 
ATOM   1317 N N   . PHE B 1 86 ? -9.115  -7.550  3.234   1.00 114.74 ? 86  PHE B N   1 
ATOM   1318 C CA  . PHE B 1 86 ? -10.206 -7.199  2.337   1.00 126.99 ? 86  PHE B CA  1 
ATOM   1319 C C   . PHE B 1 86 ? -10.527 -8.279  1.317   1.00 137.70 ? 86  PHE B C   1 
ATOM   1320 O O   . PHE B 1 86 ? -11.690 -8.413  0.931   1.00 143.34 ? 86  PHE B O   1 
ATOM   1321 C CB  . PHE B 1 86 ? -9.886  -5.889  1.601   1.00 123.27 ? 86  PHE B CB  1 
ATOM   1322 C CG  . PHE B 1 86 ? -9.443  -4.780  2.515   1.00 115.93 ? 86  PHE B CG  1 
ATOM   1323 C CD1 . PHE B 1 86 ? -10.373 -3.980  3.156   1.00 101.66 ? 86  PHE B CD1 1 
ATOM   1324 C CD2 . PHE B 1 86 ? -8.096  -4.547  2.740   1.00 106.19 ? 86  PHE B CD2 1 
ATOM   1325 C CE1 . PHE B 1 86 ? -9.970  -2.965  4.000   1.00 91.51  ? 86  PHE B CE1 1 
ATOM   1326 C CE2 . PHE B 1 86 ? -7.686  -3.534  3.584   1.00 94.43  ? 86  PHE B CE2 1 
ATOM   1327 C CZ  . PHE B 1 86 ? -8.626  -2.743  4.214   1.00 91.48  ? 86  PHE B CZ  1 
ATOM   1328 N N   . MET B 1 87 ? -9.533  -9.053  0.888   1.00 140.78 ? 87  MET B N   1 
ATOM   1329 C CA  . MET B 1 87 ? -9.709  -10.135 -0.075  1.00 141.43 ? 87  MET B CA  1 
ATOM   1330 C C   . MET B 1 87 ? -10.500 -9.726  -1.322  1.00 153.14 ? 87  MET B C   1 
ATOM   1331 O O   . MET B 1 87 ? -11.536 -10.322 -1.628  1.00 155.43 ? 87  MET B O   1 
ATOM   1332 C CB  . MET B 1 87 ? -10.360 -11.337 0.597   1.00 136.03 ? 87  MET B CB  1 
ATOM   1333 N N   . PRO B 1 88 ? -10.034 -8.707  -2.074  1.00 156.75 ? 88  PRO B N   1 
ATOM   1334 C CA  . PRO B 1 88 ? -10.690 -8.396  -3.350  1.00 154.58 ? 88  PRO B CA  1 
ATOM   1335 C C   . PRO B 1 88 ? -10.088 -9.196  -4.494  1.00 150.63 ? 88  PRO B C   1 
ATOM   1336 O O   . PRO B 1 88 ? -10.299 -8.872  -5.668  1.00 147.56 ? 88  PRO B O   1 
ATOM   1337 C CB  . PRO B 1 88 ? -10.432 -6.894  -3.511  1.00 146.28 ? 88  PRO B CB  1 
ATOM   1338 C CG  . PRO B 1 88 ? -9.088  -6.706  -2.890  1.00 141.75 ? 88  PRO B CG  1 
ATOM   1339 C CD  . PRO B 1 88 ? -8.960  -7.738  -1.778  1.00 148.42 ? 88  PRO B CD  1 
ATOM   1340 N N   . GLY B 1 89 ? -9.335  -10.242 -4.161  1.00 144.23 ? 89  GLY B N   1 
ATOM   1341 C CA  . GLY B 1 89 ? -8.545  -10.938 -5.155  1.00 136.31 ? 89  GLY B CA  1 
ATOM   1342 C C   . GLY B 1 89 ? -7.410  -10.049 -5.613  1.00 133.75 ? 89  GLY B C   1 
ATOM   1343 O O   . GLY B 1 89 ? -7.397  -9.588  -6.759  1.00 136.01 ? 89  GLY B O   1 
ATOM   1344 N N   . VAL B 1 90 ? -6.457  -9.795  -4.714  1.00 128.87 ? 90  VAL B N   1 
ATOM   1345 C CA  . VAL B 1 90 ? -5.439  -8.766  -4.909  1.00 118.43 ? 90  VAL B CA  1 
ATOM   1346 C C   . VAL B 1 90 ? -4.652  -9.027  -6.185  1.00 111.89 ? 90  VAL B C   1 
ATOM   1347 O O   . VAL B 1 90 ? -3.923  -10.019 -6.292  1.00 105.52 ? 90  VAL B O   1 
ATOM   1348 C CB  . VAL B 1 90 ? -4.488  -8.687  -3.699  1.00 107.46 ? 90  VAL B CB  1 
ATOM   1349 C CG1 . VAL B 1 90 ? -4.500  -7.289  -3.102  1.00 97.85  ? 90  VAL B CG1 1 
ATOM   1350 C CG2 . VAL B 1 90 ? -4.861  -9.730  -2.652  1.00 112.38 ? 90  VAL B CG2 1 
ATOM   1351 N N   . SER B 1 91 ? -4.795  -8.128  -7.158  1.00 118.05 ? 91  SER B N   1 
ATOM   1352 C CA  . SER B 1 91 ? -3.949  -8.134  -8.347  1.00 111.36 ? 91  SER B CA  1 
ATOM   1353 C C   . SER B 1 91 ? -2.703  -7.291  -8.095  1.00 94.79  ? 91  SER B C   1 
ATOM   1354 O O   . SER B 1 91 ? -1.577  -7.791  -8.163  1.00 82.56  ? 91  SER B O   1 
ATOM   1355 C CB  . SER B 1 91 ? -4.729  -7.610  -9.561  1.00 117.69 ? 91  SER B CB  1 
ATOM   1356 O OG  . SER B 1 91 ? -5.921  -8.349  -9.770  1.00 121.05 ? 91  SER B OG  1 
ATOM   1357 N N   . ARG B 1 92 ? -2.902  -6.012  -7.789  1.00 100.97 ? 92  ARG B N   1 
ATOM   1358 C CA  . ARG B 1 92 ? -1.836  -5.132  -7.343  1.00 92.23  ? 92  ARG B CA  1 
ATOM   1359 C C   . ARG B 1 92 ? -2.346  -4.313  -6.169  1.00 93.12  ? 92  ARG B C   1 
ATOM   1360 O O   . ARG B 1 92 ? -3.534  -3.988  -6.091  1.00 98.39  ? 92  ARG B O   1 
ATOM   1361 C CB  . ARG B 1 92 ? -1.354  -4.201  -8.465  1.00 78.17  ? 92  ARG B CB  1 
ATOM   1362 N N   . ASP B 1 93 ? -1.443  -3.994  -5.246  1.00 95.18  ? 93  ASP B N   1 
ATOM   1363 C CA  . ASP B 1 93 ? -1.773  -3.039  -4.198  1.00 90.44  ? 93  ASP B CA  1 
ATOM   1364 C C   . ASP B 1 93 ? -1.989  -1.676  -4.847  1.00 82.79  ? 93  ASP B C   1 
ATOM   1365 O O   . ASP B 1 93 ? -1.113  -1.183  -5.567  1.00 88.86  ? 93  ASP B O   1 
ATOM   1366 C CB  . ASP B 1 93 ? -0.665  -2.994  -3.142  1.00 87.80  ? 93  ASP B CB  1 
ATOM   1367 C CG  . ASP B 1 93 ? -0.195  -4.387  -2.720  1.00 64.44  ? 93  ASP B CG  1 
ATOM   1368 O OD1 . ASP B 1 93 ? -0.572  -5.359  -3.400  1.00 69.41  ? 93  ASP B OD1 1 
ATOM   1369 O OD2 . ASP B 1 93 ? 0.552   -4.515  -1.720  1.00 50.89  ? 93  ASP B OD2 1 
ATOM   1370 N N   . GLU B 1 94 ? -3.159  -1.082  -4.626  1.00 81.10  ? 94  GLU B N   1 
ATOM   1371 C CA  . GLU B 1 94 ? -3.558  0.058   -5.441  1.00 93.33  ? 94  GLU B CA  1 
ATOM   1372 C C   . GLU B 1 94 ? -2.647  1.256   -5.194  1.00 94.39  ? 94  GLU B C   1 
ATOM   1373 O O   . GLU B 1 94 ? -1.948  1.352   -4.181  1.00 99.66  ? 94  GLU B O   1 
ATOM   1374 C CB  . GLU B 1 94 ? -5.011  0.443   -5.172  1.00 90.56  ? 94  GLU B CB  1 
ATOM   1375 N N   . ALA B 1 95 ? -2.665  2.178   -6.149  1.00 88.29  ? 95  ALA B N   1 
ATOM   1376 C CA  . ALA B 1 95 ? -1.694  3.254   -6.176  1.00 79.91  ? 95  ALA B CA  1 
ATOM   1377 C C   . ALA B 1 95 ? -2.230  4.475   -6.913  1.00 95.15  ? 95  ALA B C   1 
ATOM   1378 O O   . ALA B 1 95 ? -1.590  5.526   -6.940  1.00 98.89  ? 95  ALA B O   1 
ATOM   1379 C CB  . ALA B 1 95 ? -0.426  2.770   -6.819  1.00 79.96  ? 95  ALA B CB  1 
HETATM 1380 O O   . HOH C 2 .  ? 5.488   0.156   -21.874 1.00 57.53  ? 201 HOH A O   1 
HETATM 1381 O O   . HOH C 2 .  ? -8.952  5.162   17.134  1.00 52.56  ? 202 HOH A O   1 
HETATM 1382 O O   . HOH C 2 .  ? 18.671  5.425   -21.521 1.00 49.41  ? 203 HOH A O   1 
HETATM 1383 O O   . HOH C 2 .  ? -9.482  14.391  15.323  1.00 48.36  ? 204 HOH A O   1 
HETATM 1384 O O   . HOH C 2 .  ? -11.310 10.344  16.631  1.00 58.52  ? 205 HOH A O   1 
HETATM 1385 O O   . HOH C 2 .  ? -3.228  18.253  4.321   1.00 49.66  ? 206 HOH A O   1 
HETATM 1386 O O   . HOH C 2 .  ? -5.550  5.467   21.346  1.00 51.07  ? 207 HOH A O   1 
HETATM 1387 O O   . HOH C 2 .  ? 3.853   -0.310  17.452  1.00 58.39  ? 208 HOH A O   1 
HETATM 1388 O O   . HOH C 2 .  ? -15.773 9.739   7.363   1.00 51.05  ? 209 HOH A O   1 
HETATM 1389 O O   . HOH C 2 .  ? 13.571  8.034   -6.129  1.00 51.91  ? 210 HOH A O   1 
HETATM 1390 O O   . HOH C 2 .  ? 15.563  3.116   -19.400 1.00 51.93  ? 211 HOH A O   1 
HETATM 1391 O O   . HOH C 2 .  ? -21.422 -2.057  18.026  1.00 69.54  ? 212 HOH A O   1 
HETATM 1392 O O   . HOH C 2 .  ? -13.395 11.814  1.508   1.00 51.01  ? 213 HOH A O   1 
HETATM 1393 O O   . HOH C 2 .  ? -15.419 11.665  5.170   1.00 60.57  ? 214 HOH A O   1 
HETATM 1394 O O   . HOH C 2 .  ? -19.064 -8.336  21.170  1.00 47.62  ? 215 HOH A O   1 
HETATM 1395 O O   . HOH C 2 .  ? 20.389  3.407   -20.282 1.00 64.00  ? 216 HOH A O   1 
HETATM 1396 O O   . HOH C 2 .  ? -3.104  14.816  -0.742  1.00 49.54  ? 217 HOH A O   1 
HETATM 1397 O O   . HOH C 2 .  ? 8.972   8.000   0.138   1.00 40.43  ? 218 HOH A O   1 
HETATM 1398 O O   . HOH C 2 .  ? 12.174  5.121   -26.513 1.00 50.38  ? 219 HOH A O   1 
HETATM 1399 O O   . HOH C 2 .  ? 15.180  9.260   -24.068 1.00 32.41  ? 220 HOH A O   1 
HETATM 1400 O O   . HOH C 2 .  ? 13.305  -8.794  4.055   1.00 59.06  ? 221 HOH A O   1 
HETATM 1401 O O   . HOH C 2 .  ? 16.412  -2.463  1.477   1.00 40.97  ? 222 HOH A O   1 
HETATM 1402 O O   . HOH C 2 .  ? 4.897   7.044   -14.466 1.00 46.53  ? 223 HOH A O   1 
HETATM 1403 O O   . HOH C 2 .  ? -4.888  12.109  -3.007  1.00 63.08  ? 224 HOH A O   1 
HETATM 1404 O O   . HOH C 2 .  ? -3.651  20.945  6.102   1.00 59.09  ? 225 HOH A O   1 
HETATM 1405 O O   . HOH C 2 .  ? -2.599  14.862  11.446  1.00 42.95  ? 226 HOH A O   1 
HETATM 1406 O O   . HOH C 2 .  ? -14.603 8.442   12.743  1.00 52.37  ? 227 HOH A O   1 
HETATM 1407 O O   . HOH C 2 .  ? -0.054  4.932   20.524  1.00 30.99  ? 228 HOH A O   1 
HETATM 1408 O O   . HOH C 2 .  ? 6.109   5.868   -8.358  1.00 52.24  ? 229 HOH A O   1 
HETATM 1409 O O   . HOH C 2 .  ? 5.904   2.513   4.536   1.00 58.10  ? 230 HOH A O   1 
HETATM 1410 O O   . HOH C 2 .  ? -0.208  8.871   -17.489 1.00 73.19  ? 231 HOH A O   1 
HETATM 1411 O O   . HOH C 2 .  ? -7.256  12.291  -2.924  1.00 47.49  ? 232 HOH A O   1 
HETATM 1412 O O   . HOH C 2 .  ? -25.399 1.675   27.232  1.00 61.72  ? 233 HOH A O   1 
HETATM 1413 O O   . HOH C 2 .  ? -2.599  16.555  -4.080  1.00 68.26  ? 234 HOH A O   1 
HETATM 1414 O O   . HOH C 2 .  ? -29.810 3.142   27.400  1.00 66.70  ? 235 HOH A O   1 
HETATM 1415 O O   . HOH D 2 .  ? 16.450  -4.933  -19.634 1.00 92.78  ? 201 HOH B O   1 
HETATM 1416 O O   . HOH D 2 .  ? 16.359  -2.261  -11.446 1.00 49.72  ? 202 HOH B O   1 
HETATM 1417 O O   . HOH D 2 .  ? -13.948 -3.577  25.363  1.00 51.17  ? 203 HOH B O   1 
HETATM 1418 O O   . HOH D 2 .  ? 19.001  -10.248 -7.938  1.00 48.13  ? 204 HOH B O   1 
HETATM 1419 O O   . HOH D 2 .  ? 20.304  0.739   -9.794  1.00 52.64  ? 205 HOH B O   1 
HETATM 1420 O O   . HOH D 2 .  ? 8.079   -14.670 -10.637 1.00 56.36  ? 206 HOH B O   1 
HETATM 1421 O O   . HOH D 2 .  ? 12.239  -14.359 2.563   1.00 48.10  ? 207 HOH B O   1 
HETATM 1422 O O   . HOH D 2 .  ? 14.685  -5.444  -12.241 1.00 50.73  ? 208 HOH B O   1 
HETATM 1423 O O   . HOH D 2 .  ? 17.812  -7.662  -11.579 1.00 58.00  ? 209 HOH B O   1 
HETATM 1424 O O   . HOH D 2 .  ? 16.453  -18.459 -2.251  1.00 45.40  ? 210 HOH B O   1 
HETATM 1425 O O   . HOH D 2 .  ? -17.954 -4.596  14.595  1.00 58.66  ? 211 HOH B O   1 
HETATM 1426 O O   . HOH D 2 .  ? 17.777  6.958   -2.368  1.00 49.62  ? 212 HOH B O   1 
HETATM 1427 O O   . HOH D 2 .  ? -12.088 -16.077 21.925  1.00 52.67  ? 213 HOH B O   1 
HETATM 1428 O O   . HOH D 2 .  ? 0.238   -2.338  16.764  1.00 52.19  ? 214 HOH B O   1 
HETATM 1429 O O   . HOH D 2 .  ? -13.369 -2.329  21.033  1.00 49.88  ? 215 HOH B O   1 
HETATM 1430 O O   . HOH D 2 .  ? 2.450   -12.889 1.288   1.00 60.34  ? 216 HOH B O   1 
HETATM 1431 O O   . HOH D 2 .  ? 5.289   -15.217 -7.612  1.00 51.87  ? 217 HOH B O   1 
HETATM 1432 O O   . HOH D 2 .  ? -10.136 2.263   15.827  1.00 44.30  ? 218 HOH B O   1 
HETATM 1433 O O   . HOH D 2 .  ? 4.966   -2.175  10.840  1.00 39.94  ? 219 HOH B O   1 
HETATM 1434 O O   . HOH D 2 .  ? 16.708  -8.880  -0.574  1.00 42.69  ? 220 HOH B O   1 
HETATM 1435 O O   . HOH D 2 .  ? -14.650 -9.075  24.544  1.00 30.70  ? 221 HOH B O   1 
HETATM 1436 O O   . HOH D 2 .  ? 5.179   -16.290 1.834   1.00 52.64  ? 222 HOH B O   1 
HETATM 1437 O O   . HOH D 2 .  ? 2.102   10.306  12.869  1.00 38.61  ? 223 HOH B O   1 
HETATM 1438 O O   . HOH D 2 .  ? 14.940  -16.128 2.756   1.00 59.24  ? 224 HOH B O   1 
HETATM 1439 O O   . HOH D 2 .  ? 8.029   -17.342 2.983   1.00 65.42  ? 225 HOH B O   1 
HETATM 1440 O O   . HOH D 2 .  ? -8.692  -8.789  11.542  1.00 45.68  ? 226 HOH B O   1 
HETATM 1441 O O   . HOH D 2 .  ? 15.206  -3.177  -13.455 1.00 57.68  ? 227 HOH B O   1 
HETATM 1442 O O   . HOH D 2 .  ? -4.828  -9.811  16.308  1.00 51.14  ? 228 HOH B O   1 
HETATM 1443 O O   . HOH D 2 .  ? 20.228  3.522   -4.950  1.00 33.27  ? 229 HOH B O   1 
HETATM 1444 O O   . HOH D 2 .  ? -0.218  -13.481 -10.476 1.00 48.61  ? 230 HOH B O   1 
HETATM 1445 O O   . HOH D 2 .  ? 2.440   -14.291 -0.916  1.00 49.49  ? 231 HOH B O   1 
HETATM 1446 O O   . HOH D 2 .  ? -2.705  -12.156 10.762  1.00 64.15  ? 232 HOH B O   1 
# 
loop_
_pdbx_poly_seq_scheme.asym_id 
_pdbx_poly_seq_scheme.entity_id 
_pdbx_poly_seq_scheme.seq_id 
_pdbx_poly_seq_scheme.mon_id 
_pdbx_poly_seq_scheme.ndb_seq_num 
_pdbx_poly_seq_scheme.pdb_seq_num 
_pdbx_poly_seq_scheme.auth_seq_num 
_pdbx_poly_seq_scheme.pdb_mon_id 
_pdbx_poly_seq_scheme.auth_mon_id 
_pdbx_poly_seq_scheme.pdb_strand_id 
_pdbx_poly_seq_scheme.pdb_ins_code 
_pdbx_poly_seq_scheme.hetero 
A 1 1   SER 1   1   ?  ?   ?   A . n 
A 1 2   PHE 2   2   ?  ?   ?   A . n 
A 1 3   PRO 3   3   ?  ?   ?   A . n 
A 1 4   GLY 4   4   ?  ?   ?   A . n 
A 1 5   VAL 5   5   ?  ?   ?   A . n 
A 1 6   TYR 6   6   ?  ?   ?   A . n 
A 1 7   LYS 7   7   ?  ?   ?   A . n 
A 1 8   ILE 8   8   8  ILE ILE A . n 
A 1 9   ASP 9   9   9  ASP ASP A . n 
A 1 10  ILE 10  10  10 ILE ILE A . n 
A 1 11  GLN 11  11  11 GLN GLN A . n 
A 1 12  GLN 12  12  12 GLN GLN A . n 
A 1 13  GLY 13  13  13 GLY GLY A . n 
A 1 14  ASN 14  14  14 ASN ASN A . n 
A 1 15  VAL 15  15  15 VAL VAL A . n 
A 1 16  VAL 16  16  16 VAL VAL A . n 
A 1 17  THR 17  17  17 THR THR A . n 
A 1 18  GLN 18  18  18 GLN GLN A . n 
A 1 19  ASP 19  19  19 ASP ASP A . n 
A 1 20  MET 20  20  20 MET MET A . n 
A 1 21  ILE 21  21  21 ILE ILE A . n 
A 1 22  ASP 22  22  22 ASP ASP A . n 
A 1 23  GLN 23  23  23 GLN GLN A . n 
A 1 24  LEU 24  24  24 LEU LEU A . n 
A 1 25  ARG 25  25  25 ARG ARG A . n 
A 1 26  PRO 26  26  26 PRO PRO A . n 
A 1 27  GLY 27  27  27 GLY GLY A . n 
A 1 28  MET 28  28  28 MET MET A . n 
A 1 29  THR 29  29  29 THR THR A . n 
A 1 30  ARG 30  30  30 ARG ARG A . n 
A 1 31  ARG 31  31  31 ARG ARG A . n 
A 1 32  GLN 32  32  32 GLN GLN A . n 
A 1 33  VAL 33  33  33 VAL VAL A . n 
A 1 34  ARG 34  34  34 ARG ARG A . n 
A 1 35  PHE 35  35  35 PHE PHE A . n 
A 1 36  ILE 36  36  36 ILE ILE A . n 
A 1 37  MET 37  37  37 MET MET A . n 
A 1 38  GLY 38  38  38 GLY GLY A . n 
A 1 39  ASN 39  39  39 ASN ASN A . n 
A 1 40  PRO 40  40  40 PRO PRO A . n 
A 1 41  LEU 41  41  41 LEU LEU A . n 
A 1 42  ILE 42  42  42 ILE ILE A . n 
A 1 43  VAL 43  43  43 VAL VAL A . n 
A 1 44  ASP 44  44  44 ASP ASP A . n 
A 1 45  THR 45  45  45 THR THR A . n 
A 1 46  PHE 46  46  46 PHE PHE A . n 
A 1 47  HIS 47  47  47 HIS HIS A . n 
A 1 48  ALA 48  48  48 ALA ALA A . n 
A 1 49  ASN 49  49  49 ASN ASN A . n 
A 1 50  ARG 50  50  50 ARG ARG A . n 
A 1 51  TRP 51  51  51 TRP TRP A . n 
A 1 52  ASP 52  52  52 ASP ASP A . n 
A 1 53  TYR 53  53  53 TYR TYR A . n 
A 1 54  LEU 54  54  54 LEU LEU A . n 
A 1 55  TYR 55  55  55 TYR TYR A . n 
A 1 56  SER 56  56  56 SER SER A . n 
A 1 57  ILE 57  57  57 ILE ILE A . n 
A 1 58  GLN 58  58  58 GLN GLN A . n 
A 1 59  PRO 59  59  59 PRO PRO A . n 
A 1 60  GLY 60  60  60 GLY GLY A . n 
A 1 61  GLY 61  61  61 GLY GLY A . n 
A 1 62  GLY 62  62  62 GLY GLY A . n 
A 1 63  ARG 63  63  63 ARG ARG A . n 
A 1 64  ARG 64  64  64 ARG ARG A . n 
A 1 65  GLN 65  65  65 GLN GLN A . n 
A 1 66  GLN 66  66  66 GLN GLN A . n 
A 1 67  GLU 67  67  67 GLU GLU A . n 
A 1 68  ARG 68  68  68 ARG ARG A . n 
A 1 69  VAL 69  69  69 VAL VAL A . n 
A 1 70  SER 70  70  70 SER SER A . n 
A 1 71  LEU 71  71  71 LEU LEU A . n 
A 1 72  PHE 72  72  72 PHE PHE A . n 
A 1 73  PHE 73  73  73 PHE PHE A . n 
A 1 74  ASN 74  74  74 ASN ASN A . n 
A 1 75  ASP 75  75  75 ASP ASP A . n 
A 1 76  SER 76  76  76 SER SER A . n 
A 1 77  ASP 77  77  77 ASP ASP A . n 
A 1 78  GLN 78  78  78 GLN GLN A . n 
A 1 79  LEU 79  79  79 LEU LEU A . n 
A 1 80  ALA 80  80  80 ALA ALA A . n 
A 1 81  GLY 81  81  81 GLY GLY A . n 
A 1 82  LEU 82  82  82 LEU LEU A . n 
A 1 83  ASN 83  83  83 ASN ASN A . n 
A 1 84  GLY 84  84  84 GLY GLY A . n 
A 1 85  ASP 85  85  85 ASP ASP A . n 
A 1 86  PHE 86  86  86 PHE PHE A . n 
A 1 87  MET 87  87  87 MET MET A . n 
A 1 88  PRO 88  88  88 PRO PRO A . n 
A 1 89  GLY 89  89  89 GLY GLY A . n 
A 1 90  VAL 90  90  90 VAL VAL A . n 
A 1 91  SER 91  91  91 SER SER A . n 
A 1 92  ARG 92  92  92 ARG ARG A . n 
A 1 93  ASP 93  93  93 ASP ASP A . n 
A 1 94  GLU 94  94  94 GLU GLU A . n 
A 1 95  ALA 95  95  95 ALA ALA A . n 
A 1 96  ILE 96  96  ?  ?   ?   A . n 
A 1 97  LEU 97  97  ?  ?   ?   A . n 
A 1 98  GLY 98  98  ?  ?   ?   A . n 
A 1 99  LYS 99  99  ?  ?   ?   A . n 
A 1 100 GLU 100 100 ?  ?   ?   A . n 
A 1 101 GLY 101 101 ?  ?   ?   A . n 
A 1 102 SER 102 102 ?  ?   ?   A . n 
A 1 103 THR 103 103 ?  ?   ?   A . n 
A 1 104 THR 104 104 ?  ?   ?   A . n 
A 1 105 VAL 105 105 ?  ?   ?   A . n 
A 1 106 THR 106 106 ?  ?   ?   A . n 
A 1 107 GLN 107 107 ?  ?   ?   A . n 
A 1 108 PRO 108 108 ?  ?   ?   A . n 
A 1 109 ALA 109 109 ?  ?   ?   A . n 
A 1 110 ASP 110 110 ?  ?   ?   A . n 
A 1 111 GLN 111 111 ?  ?   ?   A . n 
A 1 112 GLN 112 112 ?  ?   ?   A . n 
A 1 113 LYS 113 113 ?  ?   ?   A . n 
A 1 114 PRO 114 114 ?  ?   ?   A . n 
A 1 115 GLU 115 115 ?  ?   ?   A . n 
A 1 116 ALA 116 116 ?  ?   ?   A . n 
A 1 117 GLN 117 117 ?  ?   ?   A . n 
A 1 118 LYS 118 118 ?  ?   ?   A . n 
A 1 119 GLU 119 119 ?  ?   ?   A . n 
A 1 120 GLU 120 120 ?  ?   ?   A . n 
A 1 121 PRO 121 121 ?  ?   ?   A . n 
A 1 122 PRO 122 122 ?  ?   ?   A . n 
A 1 123 LYS 123 123 ?  ?   ?   A . n 
A 1 124 PRO 124 124 ?  ?   ?   A . n 
A 1 125 GLY 125 125 ?  ?   ?   A . n 
A 1 126 SER 126 126 ?  ?   ?   A . n 
A 1 127 THR 127 127 ?  ?   ?   A . n 
A 1 128 LEU 128 128 ?  ?   ?   A . n 
A 1 129 GLU 129 129 ?  ?   ?   A . n 
A 1 130 GLN 130 130 ?  ?   ?   A . n 
A 1 131 LEU 131 131 ?  ?   ?   A . n 
A 1 132 GLN 132 132 ?  ?   ?   A . n 
A 1 133 ARG 133 133 ?  ?   ?   A . n 
A 1 134 GLU 134 134 ?  ?   ?   A . n 
A 1 135 VAL 135 135 ?  ?   ?   A . n 
A 1 136 ASP 136 136 ?  ?   ?   A . n 
A 1 137 GLU 137 137 ?  ?   ?   A . n 
A 1 138 ALA 138 138 ?  ?   ?   A . n 
A 1 139 GLN 139 139 ?  ?   ?   A . n 
A 1 140 PRO 140 140 ?  ?   ?   A . n 
A 1 141 VAL 141 141 ?  ?   ?   A . n 
A 1 142 PRO 142 142 ?  ?   ?   A . n 
A 1 143 VAL 143 143 ?  ?   ?   A . n 
A 1 144 PRO 144 144 ?  ?   ?   A . n 
A 1 145 THR 145 145 ?  ?   ?   A . n 
A 1 146 PRO 146 146 ?  ?   ?   A . n 
A 1 147 GLU 147 147 ?  ?   ?   A . n 
A 1 148 PRO 148 148 ?  ?   ?   A . n 
A 1 149 LEU 149 149 ?  ?   ?   A . n 
A 1 150 ASP 150 150 ?  ?   ?   A . n 
A 1 151 PRO 151 151 ?  ?   ?   A . n 
A 1 152 SER 152 152 ?  ?   ?   A . n 
A 1 153 PRO 153 153 ?  ?   ?   A . n 
A 1 154 GLN 154 154 ?  ?   ?   A . n 
B 1 1   SER 1   1   ?  ?   ?   B . n 
B 1 2   PHE 2   2   ?  ?   ?   B . n 
B 1 3   PRO 3   3   ?  ?   ?   B . n 
B 1 4   GLY 4   4   ?  ?   ?   B . n 
B 1 5   VAL 5   5   ?  ?   ?   B . n 
B 1 6   TYR 6   6   ?  ?   ?   B . n 
B 1 7   LYS 7   7   ?  ?   ?   B . n 
B 1 8   ILE 8   8   8  ILE ILE B . n 
B 1 9   ASP 9   9   9  ASP ASP B . n 
B 1 10  ILE 10  10  10 ILE ILE B . n 
B 1 11  GLN 11  11  11 GLN GLN B . n 
B 1 12  GLN 12  12  12 GLN GLN B . n 
B 1 13  GLY 13  13  13 GLY GLY B . n 
B 1 14  ASN 14  14  14 ASN ASN B . n 
B 1 15  VAL 15  15  15 VAL VAL B . n 
B 1 16  VAL 16  16  16 VAL VAL B . n 
B 1 17  THR 17  17  17 THR THR B . n 
B 1 18  GLN 18  18  18 GLN GLN B . n 
B 1 19  ASP 19  19  19 ASP ASP B . n 
B 1 20  MET 20  20  20 MET MET B . n 
B 1 21  ILE 21  21  21 ILE ILE B . n 
B 1 22  ASP 22  22  22 ASP ASP B . n 
B 1 23  GLN 23  23  23 GLN GLN B . n 
B 1 24  LEU 24  24  24 LEU LEU B . n 
B 1 25  ARG 25  25  25 ARG ARG B . n 
B 1 26  PRO 26  26  26 PRO PRO B . n 
B 1 27  GLY 27  27  27 GLY GLY B . n 
B 1 28  MET 28  28  28 MET MET B . n 
B 1 29  THR 29  29  29 THR THR B . n 
B 1 30  ARG 30  30  30 ARG ARG B . n 
B 1 31  ARG 31  31  31 ARG ARG B . n 
B 1 32  GLN 32  32  32 GLN GLN B . n 
B 1 33  VAL 33  33  33 VAL VAL B . n 
B 1 34  ARG 34  34  34 ARG ARG B . n 
B 1 35  PHE 35  35  35 PHE PHE B . n 
B 1 36  ILE 36  36  36 ILE ILE B . n 
B 1 37  MET 37  37  37 MET MET B . n 
B 1 38  GLY 38  38  38 GLY GLY B . n 
B 1 39  ASN 39  39  39 ASN ASN B . n 
B 1 40  PRO 40  40  40 PRO PRO B . n 
B 1 41  LEU 41  41  41 LEU LEU B . n 
B 1 42  ILE 42  42  42 ILE ILE B . n 
B 1 43  VAL 43  43  43 VAL VAL B . n 
B 1 44  ASP 44  44  44 ASP ASP B . n 
B 1 45  THR 45  45  45 THR THR B . n 
B 1 46  PHE 46  46  46 PHE PHE B . n 
B 1 47  HIS 47  47  47 HIS HIS B . n 
B 1 48  ALA 48  48  48 ALA ALA B . n 
B 1 49  ASN 49  49  49 ASN ASN B . n 
B 1 50  ARG 50  50  50 ARG ARG B . n 
B 1 51  TRP 51  51  51 TRP TRP B . n 
B 1 52  ASP 52  52  52 ASP ASP B . n 
B 1 53  TYR 53  53  53 TYR TYR B . n 
B 1 54  LEU 54  54  54 LEU LEU B . n 
B 1 55  TYR 55  55  55 TYR TYR B . n 
B 1 56  SER 56  56  56 SER SER B . n 
B 1 57  ILE 57  57  57 ILE ILE B . n 
B 1 58  GLN 58  58  58 GLN GLN B . n 
B 1 59  PRO 59  59  59 PRO PRO B . n 
B 1 60  GLY 60  60  60 GLY GLY B . n 
B 1 61  GLY 61  61  61 GLY GLY B . n 
B 1 62  GLY 62  62  62 GLY GLY B . n 
B 1 63  ARG 63  63  63 ARG ARG B . n 
B 1 64  ARG 64  64  64 ARG ARG B . n 
B 1 65  GLN 65  65  65 GLN GLN B . n 
B 1 66  GLN 66  66  66 GLN GLN B . n 
B 1 67  GLU 67  67  67 GLU GLU B . n 
B 1 68  ARG 68  68  68 ARG ARG B . n 
B 1 69  VAL 69  69  69 VAL VAL B . n 
B 1 70  SER 70  70  70 SER SER B . n 
B 1 71  LEU 71  71  71 LEU LEU B . n 
B 1 72  PHE 72  72  72 PHE PHE B . n 
B 1 73  PHE 73  73  73 PHE PHE B . n 
B 1 74  ASN 74  74  74 ASN ASN B . n 
B 1 75  ASP 75  75  75 ASP ASP B . n 
B 1 76  SER 76  76  76 SER SER B . n 
B 1 77  ASP 77  77  77 ASP ASP B . n 
B 1 78  GLN 78  78  78 GLN GLN B . n 
B 1 79  LEU 79  79  79 LEU LEU B . n 
B 1 80  ALA 80  80  80 ALA ALA B . n 
B 1 81  GLY 81  81  81 GLY GLY B . n 
B 1 82  LEU 82  82  82 LEU LEU B . n 
B 1 83  ASN 83  83  83 ASN ASN B . n 
B 1 84  GLY 84  84  84 GLY GLY B . n 
B 1 85  ASP 85  85  85 ASP ASP B . n 
B 1 86  PHE 86  86  86 PHE PHE B . n 
B 1 87  MET 87  87  87 MET MET B . n 
B 1 88  PRO 88  88  88 PRO PRO B . n 
B 1 89  GLY 89  89  89 GLY GLY B . n 
B 1 90  VAL 90  90  90 VAL VAL B . n 
B 1 91  SER 91  91  91 SER SER B . n 
B 1 92  ARG 92  92  92 ARG ARG B . n 
B 1 93  ASP 93  93  93 ASP ASP B . n 
B 1 94  GLU 94  94  94 GLU GLU B . n 
B 1 95  ALA 95  95  95 ALA ALA B . n 
B 1 96  ILE 96  96  ?  ?   ?   B . n 
B 1 97  LEU 97  97  ?  ?   ?   B . n 
B 1 98  GLY 98  98  ?  ?   ?   B . n 
B 1 99  LYS 99  99  ?  ?   ?   B . n 
B 1 100 GLU 100 100 ?  ?   ?   B . n 
B 1 101 GLY 101 101 ?  ?   ?   B . n 
B 1 102 SER 102 102 ?  ?   ?   B . n 
B 1 103 THR 103 103 ?  ?   ?   B . n 
B 1 104 THR 104 104 ?  ?   ?   B . n 
B 1 105 VAL 105 105 ?  ?   ?   B . n 
B 1 106 THR 106 106 ?  ?   ?   B . n 
B 1 107 GLN 107 107 ?  ?   ?   B . n 
B 1 108 PRO 108 108 ?  ?   ?   B . n 
B 1 109 ALA 109 109 ?  ?   ?   B . n 
B 1 110 ASP 110 110 ?  ?   ?   B . n 
B 1 111 GLN 111 111 ?  ?   ?   B . n 
B 1 112 GLN 112 112 ?  ?   ?   B . n 
B 1 113 LYS 113 113 ?  ?   ?   B . n 
B 1 114 PRO 114 114 ?  ?   ?   B . n 
B 1 115 GLU 115 115 ?  ?   ?   B . n 
B 1 116 ALA 116 116 ?  ?   ?   B . n 
B 1 117 GLN 117 117 ?  ?   ?   B . n 
B 1 118 LYS 118 118 ?  ?   ?   B . n 
B 1 119 GLU 119 119 ?  ?   ?   B . n 
B 1 120 GLU 120 120 ?  ?   ?   B . n 
B 1 121 PRO 121 121 ?  ?   ?   B . n 
B 1 122 PRO 122 122 ?  ?   ?   B . n 
B 1 123 LYS 123 123 ?  ?   ?   B . n 
B 1 124 PRO 124 124 ?  ?   ?   B . n 
B 1 125 GLY 125 125 ?  ?   ?   B . n 
B 1 126 SER 126 126 ?  ?   ?   B . n 
B 1 127 THR 127 127 ?  ?   ?   B . n 
B 1 128 LEU 128 128 ?  ?   ?   B . n 
B 1 129 GLU 129 129 ?  ?   ?   B . n 
B 1 130 GLN 130 130 ?  ?   ?   B . n 
B 1 131 LEU 131 131 ?  ?   ?   B . n 
B 1 132 GLN 132 132 ?  ?   ?   B . n 
B 1 133 ARG 133 133 ?  ?   ?   B . n 
B 1 134 GLU 134 134 ?  ?   ?   B . n 
B 1 135 VAL 135 135 ?  ?   ?   B . n 
B 1 136 ASP 136 136 ?  ?   ?   B . n 
B 1 137 GLU 137 137 ?  ?   ?   B . n 
B 1 138 ALA 138 138 ?  ?   ?   B . n 
B 1 139 GLN 139 139 ?  ?   ?   B . n 
B 1 140 PRO 140 140 ?  ?   ?   B . n 
B 1 141 VAL 141 141 ?  ?   ?   B . n 
B 1 142 PRO 142 142 ?  ?   ?   B . n 
B 1 143 VAL 143 143 ?  ?   ?   B . n 
B 1 144 PRO 144 144 ?  ?   ?   B . n 
B 1 145 THR 145 145 ?  ?   ?   B . n 
B 1 146 PRO 146 146 ?  ?   ?   B . n 
B 1 147 GLU 147 147 ?  ?   ?   B . n 
B 1 148 PRO 148 148 ?  ?   ?   B . n 
B 1 149 LEU 149 149 ?  ?   ?   B . n 
B 1 150 ASP 150 150 ?  ?   ?   B . n 
B 1 151 PRO 151 151 ?  ?   ?   B . n 
B 1 152 SER 152 152 ?  ?   ?   B . n 
B 1 153 PRO 153 153 ?  ?   ?   B . n 
B 1 154 GLN 154 154 ?  ?   ?   B . n 
# 
loop_
_pdbx_nonpoly_scheme.asym_id 
_pdbx_nonpoly_scheme.entity_id 
_pdbx_nonpoly_scheme.mon_id 
_pdbx_nonpoly_scheme.ndb_seq_num 
_pdbx_nonpoly_scheme.pdb_seq_num 
_pdbx_nonpoly_scheme.auth_seq_num 
_pdbx_nonpoly_scheme.pdb_mon_id 
_pdbx_nonpoly_scheme.auth_mon_id 
_pdbx_nonpoly_scheme.pdb_strand_id 
_pdbx_nonpoly_scheme.pdb_ins_code 
C 2 HOH 1  201 86 HOH HOH A . 
C 2 HOH 2  202 61 HOH HOH A . 
C 2 HOH 3  203 26 HOH HOH A . 
C 2 HOH 4  204 24 HOH HOH A . 
C 2 HOH 5  205 18 HOH HOH A . 
C 2 HOH 6  206 3  HOH HOH A . 
C 2 HOH 7  207 20 HOH HOH A . 
C 2 HOH 8  208 55 HOH HOH A . 
C 2 HOH 9  209 19 HOH HOH A . 
C 2 HOH 10 210 6  HOH HOH A . 
C 2 HOH 11 211 21 HOH HOH A . 
C 2 HOH 12 212 71 HOH HOH A . 
C 2 HOH 13 213 10 HOH HOH A . 
C 2 HOH 14 214 25 HOH HOH A . 
C 2 HOH 15 215 16 HOH HOH A . 
C 2 HOH 16 216 72 HOH HOH A . 
C 2 HOH 17 217 60 HOH HOH A . 
C 2 HOH 18 218 28 HOH HOH A . 
C 2 HOH 19 219 44 HOH HOH A . 
C 2 HOH 20 220 33 HOH HOH A . 
C 2 HOH 21 221 65 HOH HOH A . 
C 2 HOH 22 222 39 HOH HOH A . 
C 2 HOH 23 223 42 HOH HOH A . 
C 2 HOH 24 224 8  HOH HOH A . 
C 2 HOH 25 225 13 HOH HOH A . 
C 2 HOH 26 226 29 HOH HOH A . 
C 2 HOH 27 227 45 HOH HOH A . 
C 2 HOH 28 228 36 HOH HOH A . 
C 2 HOH 29 229 56 HOH HOH A . 
C 2 HOH 30 230 87 HOH HOH A . 
C 2 HOH 31 231 68 HOH HOH A . 
C 2 HOH 32 232 11 HOH HOH A . 
C 2 HOH 33 233 63 HOH HOH A . 
C 2 HOH 34 234 64 HOH HOH A . 
C 2 HOH 35 235 77 HOH HOH A . 
D 2 HOH 1  201 81 HOH HOH B . 
D 2 HOH 2  202 62 HOH HOH B . 
D 2 HOH 3  203 27 HOH HOH B . 
D 2 HOH 4  204 15 HOH HOH B . 
D 2 HOH 5  205 49 HOH HOH B . 
D 2 HOH 6  206 7  HOH HOH B . 
D 2 HOH 7  207 5  HOH HOH B . 
D 2 HOH 8  208 43 HOH HOH B . 
D 2 HOH 9  209 31 HOH HOH B . 
D 2 HOH 10 210 12 HOH HOH B . 
D 2 HOH 11 211 32 HOH HOH B . 
D 2 HOH 12 212 47 HOH HOH B . 
D 2 HOH 13 213 59 HOH HOH B . 
D 2 HOH 14 214 14 HOH HOH B . 
D 2 HOH 15 215 30 HOH HOH B . 
D 2 HOH 16 216 57 HOH HOH B . 
D 2 HOH 17 217 9  HOH HOH B . 
D 2 HOH 18 218 1  HOH HOH B . 
D 2 HOH 19 219 37 HOH HOH B . 
D 2 HOH 20 220 22 HOH HOH B . 
D 2 HOH 21 221 34 HOH HOH B . 
D 2 HOH 22 222 58 HOH HOH B . 
D 2 HOH 23 223 38 HOH HOH B . 
D 2 HOH 24 224 17 HOH HOH B . 
D 2 HOH 25 225 76 HOH HOH B . 
D 2 HOH 26 226 40 HOH HOH B . 
D 2 HOH 27 227 85 HOH HOH B . 
D 2 HOH 28 228 41 HOH HOH B . 
D 2 HOH 29 229 35 HOH HOH B . 
D 2 HOH 30 230 52 HOH HOH B . 
D 2 HOH 31 231 54 HOH HOH B . 
D 2 HOH 32 232 48 HOH HOH B . 
# 
_pdbx_struct_assembly.id                   1 
_pdbx_struct_assembly.details              author_and_software_defined_assembly 
_pdbx_struct_assembly.method_details       PISA 
_pdbx_struct_assembly.oligomeric_details   dimeric 
_pdbx_struct_assembly.oligomeric_count     2 
# 
_pdbx_struct_assembly_gen.assembly_id       1 
_pdbx_struct_assembly_gen.oper_expression   1 
_pdbx_struct_assembly_gen.asym_id_list      A,B,C,D 
# 
loop_
_pdbx_struct_assembly_prop.biol_id 
_pdbx_struct_assembly_prop.type 
_pdbx_struct_assembly_prop.value 
_pdbx_struct_assembly_prop.details 
1 'ABSA (A^2)' 6120  ? 
1 MORE         -37   ? 
1 'SSA (A^2)'  10340 ? 
# 
_pdbx_struct_oper_list.id                   1 
_pdbx_struct_oper_list.type                 'identity operation' 
_pdbx_struct_oper_list.name                 1_555 
_pdbx_struct_oper_list.symmetry_operation   x,y,z 
_pdbx_struct_oper_list.matrix[1][1]         1.0000000000 
_pdbx_struct_oper_list.matrix[1][2]         0.0000000000 
_pdbx_struct_oper_list.matrix[1][3]         0.0000000000 
_pdbx_struct_oper_list.vector[1]            0.0000000000 
_pdbx_struct_oper_list.matrix[2][1]         0.0000000000 
_pdbx_struct_oper_list.matrix[2][2]         1.0000000000 
_pdbx_struct_oper_list.matrix[2][3]         0.0000000000 
_pdbx_struct_oper_list.vector[2]            0.0000000000 
_pdbx_struct_oper_list.matrix[3][1]         0.0000000000 
_pdbx_struct_oper_list.matrix[3][2]         0.0000000000 
_pdbx_struct_oper_list.matrix[3][3]         1.0000000000 
_pdbx_struct_oper_list.vector[3]            0.0000000000 
# 
loop_
_pdbx_audit_revision_history.ordinal 
_pdbx_audit_revision_history.data_content_type 
_pdbx_audit_revision_history.major_revision 
_pdbx_audit_revision_history.minor_revision 
_pdbx_audit_revision_history.revision_date 
1 'Structure model' 1 0 2021-10-13 
2 'Structure model' 1 1 2023-10-18 
# 
_pdbx_audit_revision_details.ordinal             1 
_pdbx_audit_revision_details.revision_ordinal    1 
_pdbx_audit_revision_details.data_content_type   'Structure model' 
_pdbx_audit_revision_details.provider            repository 
_pdbx_audit_revision_details.type                'Initial release' 
_pdbx_audit_revision_details.description         ? 
_pdbx_audit_revision_details.details             ? 
# 
loop_
_pdbx_audit_revision_group.ordinal 
_pdbx_audit_revision_group.revision_ordinal 
_pdbx_audit_revision_group.data_content_type 
_pdbx_audit_revision_group.group 
1 2 'Structure model' 'Data collection'        
2 2 'Structure model' 'Refinement description' 
# 
loop_
_pdbx_audit_revision_category.ordinal 
_pdbx_audit_revision_category.revision_ordinal 
_pdbx_audit_revision_category.data_content_type 
_pdbx_audit_revision_category.category 
1 2 'Structure model' chem_comp_atom                
2 2 'Structure model' chem_comp_bond                
3 2 'Structure model' pdbx_initial_refinement_model 
# 
loop_
_software.citation_id 
_software.classification 
_software.compiler_name 
_software.compiler_version 
_software.contact_author 
_software.contact_author_email 
_software.date 
_software.description 
_software.dependencies 
_software.hardware 
_software.language 
_software.location 
_software.mods 
_software.name 
_software.os 
_software.os_version 
_software.type 
_software.version 
_software.pdbx_ordinal 
? refinement        ? ? ? ? ? ? ? ? ? ? ? PHENIX      ? ? ? 1.18.2_3874 1 
? 'data scaling'    ? ? ? ? ? ? ? ? ? ? ? HKL-2000    ? ? ? .           2 
? 'data extraction' ? ? ? ? ? ? ? ? ? ? ? PDB_EXTRACT ? ? ? 3.25        3 
? 'data reduction'  ? ? ? ? ? ? ? ? ? ? ? HKL-2000    ? ? ? .           4 
? phasing           ? ? ? ? ? ? ? ? ? ? ? PHENIX      ? ? ? .           5 
# 
_pdbx_validate_symm_contact.id                1 
_pdbx_validate_symm_contact.PDB_model_num     1 
_pdbx_validate_symm_contact.auth_atom_id_1    O 
_pdbx_validate_symm_contact.auth_asym_id_1    A 
_pdbx_validate_symm_contact.auth_comp_id_1    HOH 
_pdbx_validate_symm_contact.auth_seq_id_1     227 
_pdbx_validate_symm_contact.PDB_ins_code_1    ? 
_pdbx_validate_symm_contact.label_alt_id_1    ? 
_pdbx_validate_symm_contact.site_symmetry_1   1_555 
_pdbx_validate_symm_contact.auth_atom_id_2    O 
_pdbx_validate_symm_contact.auth_asym_id_2    B 
_pdbx_validate_symm_contact.auth_comp_id_2    HOH 
_pdbx_validate_symm_contact.auth_seq_id_2     228 
_pdbx_validate_symm_contact.PDB_ins_code_2    ? 
_pdbx_validate_symm_contact.label_alt_id_2    ? 
_pdbx_validate_symm_contact.site_symmetry_2   3_554 
_pdbx_validate_symm_contact.dist              2.18 
# 
loop_
_pdbx_validate_torsion.id 
_pdbx_validate_torsion.PDB_model_num 
_pdbx_validate_torsion.auth_comp_id 
_pdbx_validate_torsion.auth_asym_id 
_pdbx_validate_torsion.auth_seq_id 
_pdbx_validate_torsion.PDB_ins_code 
_pdbx_validate_torsion.label_alt_id 
_pdbx_validate_torsion.phi 
_pdbx_validate_torsion.psi 
1 1 ASP A 9  ? ? 72.67  -9.66  
2 1 GLN A 12 ? ? -59.54 -70.28 
3 1 GLN A 58 ? ? 55.31  77.86  
4 1 SER A 91 ? ? -94.35 -61.93 
5 1 GLU A 94 ? ? 177.86 179.87 
# 
loop_
_pdbx_distant_solvent_atoms.id 
_pdbx_distant_solvent_atoms.PDB_model_num 
_pdbx_distant_solvent_atoms.auth_atom_id 
_pdbx_distant_solvent_atoms.label_alt_id 
_pdbx_distant_solvent_atoms.auth_asym_id 
_pdbx_distant_solvent_atoms.auth_comp_id 
_pdbx_distant_solvent_atoms.auth_seq_id 
_pdbx_distant_solvent_atoms.PDB_ins_code 
_pdbx_distant_solvent_atoms.neighbor_macromolecule_distance 
_pdbx_distant_solvent_atoms.neighbor_ligand_distance 
1 1 O ? A HOH 234 ? 5.89 . 
2 1 O ? A HOH 235 ? 8.97 . 
# 
loop_
_pdbx_unobs_or_zero_occ_atoms.id 
_pdbx_unobs_or_zero_occ_atoms.PDB_model_num 
_pdbx_unobs_or_zero_occ_atoms.polymer_flag 
_pdbx_unobs_or_zero_occ_atoms.occupancy_flag 
_pdbx_unobs_or_zero_occ_atoms.auth_asym_id 
_pdbx_unobs_or_zero_occ_atoms.auth_comp_id 
_pdbx_unobs_or_zero_occ_atoms.auth_seq_id 
_pdbx_unobs_or_zero_occ_atoms.PDB_ins_code 
_pdbx_unobs_or_zero_occ_atoms.auth_atom_id 
_pdbx_unobs_or_zero_occ_atoms.label_alt_id 
_pdbx_unobs_or_zero_occ_atoms.label_asym_id 
_pdbx_unobs_or_zero_occ_atoms.label_comp_id 
_pdbx_unobs_or_zero_occ_atoms.label_seq_id 
_pdbx_unobs_or_zero_occ_atoms.label_atom_id 
1  1 Y 1 A ILE 8  ? CG1 ? A ILE 8  CG1 
2  1 Y 1 A ILE 8  ? CG2 ? A ILE 8  CG2 
3  1 Y 1 A ILE 8  ? CD1 ? A ILE 8  CD1 
4  1 Y 1 A MET 87 ? CG  ? A MET 87 CG  
5  1 Y 1 A MET 87 ? SD  ? A MET 87 SD  
6  1 Y 1 A MET 87 ? CE  ? A MET 87 CE  
7  1 Y 1 A ARG 92 ? CG  ? A ARG 92 CG  
8  1 Y 1 A ARG 92 ? CD  ? A ARG 92 CD  
9  1 Y 1 A ARG 92 ? NE  ? A ARG 92 NE  
10 1 Y 1 A ARG 92 ? CZ  ? A ARG 92 CZ  
11 1 Y 1 A ARG 92 ? NH1 ? A ARG 92 NH1 
12 1 Y 1 A ARG 92 ? NH2 ? A ARG 92 NH2 
13 1 Y 1 A GLU 94 ? CG  ? A GLU 94 CG  
14 1 Y 1 A GLU 94 ? CD  ? A GLU 94 CD  
15 1 Y 1 A GLU 94 ? OE1 ? A GLU 94 OE1 
16 1 Y 1 A GLU 94 ? OE2 ? A GLU 94 OE2 
17 1 Y 1 B ILE 8  ? CG1 ? B ILE 8  CG1 
18 1 Y 1 B ILE 8  ? CG2 ? B ILE 8  CG2 
19 1 Y 1 B ILE 8  ? CD1 ? B ILE 8  CD1 
20 1 Y 1 B ASP 9  ? CG  ? B ASP 9  CG  
21 1 Y 1 B ASP 9  ? OD1 ? B ASP 9  OD1 
22 1 Y 1 B ASP 9  ? OD2 ? B ASP 9  OD2 
23 1 Y 1 B MET 87 ? CG  ? B MET 87 CG  
24 1 Y 1 B MET 87 ? SD  ? B MET 87 SD  
25 1 Y 1 B MET 87 ? CE  ? B MET 87 CE  
26 1 Y 1 B ARG 92 ? CG  ? B ARG 92 CG  
27 1 Y 1 B ARG 92 ? CD  ? B ARG 92 CD  
28 1 Y 1 B ARG 92 ? NE  ? B ARG 92 NE  
29 1 Y 1 B ARG 92 ? CZ  ? B ARG 92 CZ  
30 1 Y 1 B ARG 92 ? NH1 ? B ARG 92 NH1 
31 1 Y 1 B ARG 92 ? NH2 ? B ARG 92 NH2 
32 1 Y 1 B GLU 94 ? CG  ? B GLU 94 CG  
33 1 Y 1 B GLU 94 ? CD  ? B GLU 94 CD  
34 1 Y 1 B GLU 94 ? OE1 ? B GLU 94 OE1 
35 1 Y 1 B GLU 94 ? OE2 ? B GLU 94 OE2 
# 
loop_
_pdbx_unobs_or_zero_occ_residues.id 
_pdbx_unobs_or_zero_occ_residues.PDB_model_num 
_pdbx_unobs_or_zero_occ_residues.polymer_flag 
_pdbx_unobs_or_zero_occ_residues.occupancy_flag 
_pdbx_unobs_or_zero_occ_residues.auth_asym_id 
_pdbx_unobs_or_zero_occ_residues.auth_comp_id 
_pdbx_unobs_or_zero_occ_residues.auth_seq_id 
_pdbx_unobs_or_zero_occ_residues.PDB_ins_code 
_pdbx_unobs_or_zero_occ_residues.label_asym_id 
_pdbx_unobs_or_zero_occ_residues.label_comp_id 
_pdbx_unobs_or_zero_occ_residues.label_seq_id 
1   1 Y 1 A SER 1   ? A SER 1   
2   1 Y 1 A PHE 2   ? A PHE 2   
3   1 Y 1 A PRO 3   ? A PRO 3   
4   1 Y 1 A GLY 4   ? A GLY 4   
5   1 Y 1 A VAL 5   ? A VAL 5   
6   1 Y 1 A TYR 6   ? A TYR 6   
7   1 Y 1 A LYS 7   ? A LYS 7   
8   1 Y 1 A ILE 96  ? A ILE 96  
9   1 Y 1 A LEU 97  ? A LEU 97  
10  1 Y 1 A GLY 98  ? A GLY 98  
11  1 Y 1 A LYS 99  ? A LYS 99  
12  1 Y 1 A GLU 100 ? A GLU 100 
13  1 Y 1 A GLY 101 ? A GLY 101 
14  1 Y 1 A SER 102 ? A SER 102 
15  1 Y 1 A THR 103 ? A THR 103 
16  1 Y 1 A THR 104 ? A THR 104 
17  1 Y 1 A VAL 105 ? A VAL 105 
18  1 Y 1 A THR 106 ? A THR 106 
19  1 Y 1 A GLN 107 ? A GLN 107 
20  1 Y 1 A PRO 108 ? A PRO 108 
21  1 Y 1 A ALA 109 ? A ALA 109 
22  1 Y 1 A ASP 110 ? A ASP 110 
23  1 Y 1 A GLN 111 ? A GLN 111 
24  1 Y 1 A GLN 112 ? A GLN 112 
25  1 Y 1 A LYS 113 ? A LYS 113 
26  1 Y 1 A PRO 114 ? A PRO 114 
27  1 Y 1 A GLU 115 ? A GLU 115 
28  1 Y 1 A ALA 116 ? A ALA 116 
29  1 Y 1 A GLN 117 ? A GLN 117 
30  1 Y 1 A LYS 118 ? A LYS 118 
31  1 Y 1 A GLU 119 ? A GLU 119 
32  1 Y 1 A GLU 120 ? A GLU 120 
33  1 Y 1 A PRO 121 ? A PRO 121 
34  1 Y 1 A PRO 122 ? A PRO 122 
35  1 Y 1 A LYS 123 ? A LYS 123 
36  1 Y 1 A PRO 124 ? A PRO 124 
37  1 Y 1 A GLY 125 ? A GLY 125 
38  1 Y 1 A SER 126 ? A SER 126 
39  1 Y 1 A THR 127 ? A THR 127 
40  1 Y 1 A LEU 128 ? A LEU 128 
41  1 Y 1 A GLU 129 ? A GLU 129 
42  1 Y 1 A GLN 130 ? A GLN 130 
43  1 Y 1 A LEU 131 ? A LEU 131 
44  1 Y 1 A GLN 132 ? A GLN 132 
45  1 Y 1 A ARG 133 ? A ARG 133 
46  1 Y 1 A GLU 134 ? A GLU 134 
47  1 Y 1 A VAL 135 ? A VAL 135 
48  1 Y 1 A ASP 136 ? A ASP 136 
49  1 Y 1 A GLU 137 ? A GLU 137 
50  1 Y 1 A ALA 138 ? A ALA 138 
51  1 Y 1 A GLN 139 ? A GLN 139 
52  1 Y 1 A PRO 140 ? A PRO 140 
53  1 Y 1 A VAL 141 ? A VAL 141 
54  1 Y 1 A PRO 142 ? A PRO 142 
55  1 Y 1 A VAL 143 ? A VAL 143 
56  1 Y 1 A PRO 144 ? A PRO 144 
57  1 Y 1 A THR 145 ? A THR 145 
58  1 Y 1 A PRO 146 ? A PRO 146 
59  1 Y 1 A GLU 147 ? A GLU 147 
60  1 Y 1 A PRO 148 ? A PRO 148 
61  1 Y 1 A LEU 149 ? A LEU 149 
62  1 Y 1 A ASP 150 ? A ASP 150 
63  1 Y 1 A PRO 151 ? A PRO 151 
64  1 Y 1 A SER 152 ? A SER 152 
65  1 Y 1 A PRO 153 ? A PRO 153 
66  1 Y 1 A GLN 154 ? A GLN 154 
67  1 Y 1 B SER 1   ? B SER 1   
68  1 Y 1 B PHE 2   ? B PHE 2   
69  1 Y 1 B PRO 3   ? B PRO 3   
70  1 Y 1 B GLY 4   ? B GLY 4   
71  1 Y 1 B VAL 5   ? B VAL 5   
72  1 Y 1 B TYR 6   ? B TYR 6   
73  1 Y 1 B LYS 7   ? B LYS 7   
74  1 Y 1 B ILE 96  ? B ILE 96  
75  1 Y 1 B LEU 97  ? B LEU 97  
76  1 Y 1 B GLY 98  ? B GLY 98  
77  1 Y 1 B LYS 99  ? B LYS 99  
78  1 Y 1 B GLU 100 ? B GLU 100 
79  1 Y 1 B GLY 101 ? B GLY 101 
80  1 Y 1 B SER 102 ? B SER 102 
81  1 Y 1 B THR 103 ? B THR 103 
82  1 Y 1 B THR 104 ? B THR 104 
83  1 Y 1 B VAL 105 ? B VAL 105 
84  1 Y 1 B THR 106 ? B THR 106 
85  1 Y 1 B GLN 107 ? B GLN 107 
86  1 Y 1 B PRO 108 ? B PRO 108 
87  1 Y 1 B ALA 109 ? B ALA 109 
88  1 Y 1 B ASP 110 ? B ASP 110 
89  1 Y 1 B GLN 111 ? B GLN 111 
90  1 Y 1 B GLN 112 ? B GLN 112 
91  1 Y 1 B LYS 113 ? B LYS 113 
92  1 Y 1 B PRO 114 ? B PRO 114 
93  1 Y 1 B GLU 115 ? B GLU 115 
94  1 Y 1 B ALA 116 ? B ALA 116 
95  1 Y 1 B GLN 117 ? B GLN 117 
96  1 Y 1 B LYS 118 ? B LYS 118 
97  1 Y 1 B GLU 119 ? B GLU 119 
98  1 Y 1 B GLU 120 ? B GLU 120 
99  1 Y 1 B PRO 121 ? B PRO 121 
100 1 Y 1 B PRO 122 ? B PRO 122 
101 1 Y 1 B LYS 123 ? B LYS 123 
102 1 Y 1 B PRO 124 ? B PRO 124 
103 1 Y 1 B GLY 125 ? B GLY 125 
104 1 Y 1 B SER 126 ? B SER 126 
105 1 Y 1 B THR 127 ? B THR 127 
106 1 Y 1 B LEU 128 ? B LEU 128 
107 1 Y 1 B GLU 129 ? B GLU 129 
108 1 Y 1 B GLN 130 ? B GLN 130 
109 1 Y 1 B LEU 131 ? B LEU 131 
110 1 Y 1 B GLN 132 ? B GLN 132 
111 1 Y 1 B ARG 133 ? B ARG 133 
112 1 Y 1 B GLU 134 ? B GLU 134 
113 1 Y 1 B VAL 135 ? B VAL 135 
114 1 Y 1 B ASP 136 ? B ASP 136 
115 1 Y 1 B GLU 137 ? B GLU 137 
116 1 Y 1 B ALA 138 ? B ALA 138 
117 1 Y 1 B GLN 139 ? B GLN 139 
118 1 Y 1 B PRO 140 ? B PRO 140 
119 1 Y 1 B VAL 141 ? B VAL 141 
120 1 Y 1 B PRO 142 ? B PRO 142 
121 1 Y 1 B VAL 143 ? B VAL 143 
122 1 Y 1 B PRO 144 ? B PRO 144 
123 1 Y 1 B THR 145 ? B THR 145 
124 1 Y 1 B PRO 146 ? B PRO 146 
125 1 Y 1 B GLU 147 ? B GLU 147 
126 1 Y 1 B PRO 148 ? B PRO 148 
127 1 Y 1 B LEU 149 ? B LEU 149 
128 1 Y 1 B ASP 150 ? B ASP 150 
129 1 Y 1 B PRO 151 ? B PRO 151 
130 1 Y 1 B SER 152 ? B SER 152 
131 1 Y 1 B PRO 153 ? B PRO 153 
132 1 Y 1 B GLN 154 ? B GLN 154 
# 
loop_
_chem_comp_atom.comp_id 
_chem_comp_atom.atom_id 
_chem_comp_atom.type_symbol 
_chem_comp_atom.pdbx_aromatic_flag 
_chem_comp_atom.pdbx_stereo_config 
_chem_comp_atom.pdbx_ordinal 
ALA N    N N N 1   
ALA CA   C N S 2   
ALA C    C N N 3   
ALA O    O N N 4   
ALA CB   C N N 5   
ALA OXT  O N N 6   
ALA H    H N N 7   
ALA H2   H N N 8   
ALA HA   H N N 9   
ALA HB1  H N N 10  
ALA HB2  H N N 11  
ALA HB3  H N N 12  
ALA HXT  H N N 13  
ARG N    N N N 14  
ARG CA   C N S 15  
ARG C    C N N 16  
ARG O    O N N 17  
ARG CB   C N N 18  
ARG CG   C N N 19  
ARG CD   C N N 20  
ARG NE   N N N 21  
ARG CZ   C N N 22  
ARG NH1  N N N 23  
ARG NH2  N N N 24  
ARG OXT  O N N 25  
ARG H    H N N 26  
ARG H2   H N N 27  
ARG HA   H N N 28  
ARG HB2  H N N 29  
ARG HB3  H N N 30  
ARG HG2  H N N 31  
ARG HG3  H N N 32  
ARG HD2  H N N 33  
ARG HD3  H N N 34  
ARG HE   H N N 35  
ARG HH11 H N N 36  
ARG HH12 H N N 37  
ARG HH21 H N N 38  
ARG HH22 H N N 39  
ARG HXT  H N N 40  
ASN N    N N N 41  
ASN CA   C N S 42  
ASN C    C N N 43  
ASN O    O N N 44  
ASN CB   C N N 45  
ASN CG   C N N 46  
ASN OD1  O N N 47  
ASN ND2  N N N 48  
ASN OXT  O N N 49  
ASN H    H N N 50  
ASN H2   H N N 51  
ASN HA   H N N 52  
ASN HB2  H N N 53  
ASN HB3  H N N 54  
ASN HD21 H N N 55  
ASN HD22 H N N 56  
ASN HXT  H N N 57  
ASP N    N N N 58  
ASP CA   C N S 59  
ASP C    C N N 60  
ASP O    O N N 61  
ASP CB   C N N 62  
ASP CG   C N N 63  
ASP OD1  O N N 64  
ASP OD2  O N N 65  
ASP OXT  O N N 66  
ASP H    H N N 67  
ASP H2   H N N 68  
ASP HA   H N N 69  
ASP HB2  H N N 70  
ASP HB3  H N N 71  
ASP HD2  H N N 72  
ASP HXT  H N N 73  
GLN N    N N N 74  
GLN CA   C N S 75  
GLN C    C N N 76  
GLN O    O N N 77  
GLN CB   C N N 78  
GLN CG   C N N 79  
GLN CD   C N N 80  
GLN OE1  O N N 81  
GLN NE2  N N N 82  
GLN OXT  O N N 83  
GLN H    H N N 84  
GLN H2   H N N 85  
GLN HA   H N N 86  
GLN HB2  H N N 87  
GLN HB3  H N N 88  
GLN HG2  H N N 89  
GLN HG3  H N N 90  
GLN HE21 H N N 91  
GLN HE22 H N N 92  
GLN HXT  H N N 93  
GLU N    N N N 94  
GLU CA   C N S 95  
GLU C    C N N 96  
GLU O    O N N 97  
GLU CB   C N N 98  
GLU CG   C N N 99  
GLU CD   C N N 100 
GLU OE1  O N N 101 
GLU OE2  O N N 102 
GLU OXT  O N N 103 
GLU H    H N N 104 
GLU H2   H N N 105 
GLU HA   H N N 106 
GLU HB2  H N N 107 
GLU HB3  H N N 108 
GLU HG2  H N N 109 
GLU HG3  H N N 110 
GLU HE2  H N N 111 
GLU HXT  H N N 112 
GLY N    N N N 113 
GLY CA   C N N 114 
GLY C    C N N 115 
GLY O    O N N 116 
GLY OXT  O N N 117 
GLY H    H N N 118 
GLY H2   H N N 119 
GLY HA2  H N N 120 
GLY HA3  H N N 121 
GLY HXT  H N N 122 
HIS N    N N N 123 
HIS CA   C N S 124 
HIS C    C N N 125 
HIS O    O N N 126 
HIS CB   C N N 127 
HIS CG   C Y N 128 
HIS ND1  N Y N 129 
HIS CD2  C Y N 130 
HIS CE1  C Y N 131 
HIS NE2  N Y N 132 
HIS OXT  O N N 133 
HIS H    H N N 134 
HIS H2   H N N 135 
HIS HA   H N N 136 
HIS HB2  H N N 137 
HIS HB3  H N N 138 
HIS HD1  H N N 139 
HIS HD2  H N N 140 
HIS HE1  H N N 141 
HIS HE2  H N N 142 
HIS HXT  H N N 143 
HOH O    O N N 144 
HOH H1   H N N 145 
HOH H2   H N N 146 
ILE N    N N N 147 
ILE CA   C N S 148 
ILE C    C N N 149 
ILE O    O N N 150 
ILE CB   C N S 151 
ILE CG1  C N N 152 
ILE CG2  C N N 153 
ILE CD1  C N N 154 
ILE OXT  O N N 155 
ILE H    H N N 156 
ILE H2   H N N 157 
ILE HA   H N N 158 
ILE HB   H N N 159 
ILE HG12 H N N 160 
ILE HG13 H N N 161 
ILE HG21 H N N 162 
ILE HG22 H N N 163 
ILE HG23 H N N 164 
ILE HD11 H N N 165 
ILE HD12 H N N 166 
ILE HD13 H N N 167 
ILE HXT  H N N 168 
LEU N    N N N 169 
LEU CA   C N S 170 
LEU C    C N N 171 
LEU O    O N N 172 
LEU CB   C N N 173 
LEU CG   C N N 174 
LEU CD1  C N N 175 
LEU CD2  C N N 176 
LEU OXT  O N N 177 
LEU H    H N N 178 
LEU H2   H N N 179 
LEU HA   H N N 180 
LEU HB2  H N N 181 
LEU HB3  H N N 182 
LEU HG   H N N 183 
LEU HD11 H N N 184 
LEU HD12 H N N 185 
LEU HD13 H N N 186 
LEU HD21 H N N 187 
LEU HD22 H N N 188 
LEU HD23 H N N 189 
LEU HXT  H N N 190 
LYS N    N N N 191 
LYS CA   C N S 192 
LYS C    C N N 193 
LYS O    O N N 194 
LYS CB   C N N 195 
LYS CG   C N N 196 
LYS CD   C N N 197 
LYS CE   C N N 198 
LYS NZ   N N N 199 
LYS OXT  O N N 200 
LYS H    H N N 201 
LYS H2   H N N 202 
LYS HA   H N N 203 
LYS HB2  H N N 204 
LYS HB3  H N N 205 
LYS HG2  H N N 206 
LYS HG3  H N N 207 
LYS HD2  H N N 208 
LYS HD3  H N N 209 
LYS HE2  H N N 210 
LYS HE3  H N N 211 
LYS HZ1  H N N 212 
LYS HZ2  H N N 213 
LYS HZ3  H N N 214 
LYS HXT  H N N 215 
MET N    N N N 216 
MET CA   C N S 217 
MET C    C N N 218 
MET O    O N N 219 
MET CB   C N N 220 
MET CG   C N N 221 
MET SD   S N N 222 
MET CE   C N N 223 
MET OXT  O N N 224 
MET H    H N N 225 
MET H2   H N N 226 
MET HA   H N N 227 
MET HB2  H N N 228 
MET HB3  H N N 229 
MET HG2  H N N 230 
MET HG3  H N N 231 
MET HE1  H N N 232 
MET HE2  H N N 233 
MET HE3  H N N 234 
MET HXT  H N N 235 
PHE N    N N N 236 
PHE CA   C N S 237 
PHE C    C N N 238 
PHE O    O N N 239 
PHE CB   C N N 240 
PHE CG   C Y N 241 
PHE CD1  C Y N 242 
PHE CD2  C Y N 243 
PHE CE1  C Y N 244 
PHE CE2  C Y N 245 
PHE CZ   C Y N 246 
PHE OXT  O N N 247 
PHE H    H N N 248 
PHE H2   H N N 249 
PHE HA   H N N 250 
PHE HB2  H N N 251 
PHE HB3  H N N 252 
PHE HD1  H N N 253 
PHE HD2  H N N 254 
PHE HE1  H N N 255 
PHE HE2  H N N 256 
PHE HZ   H N N 257 
PHE HXT  H N N 258 
PRO N    N N N 259 
PRO CA   C N S 260 
PRO C    C N N 261 
PRO O    O N N 262 
PRO CB   C N N 263 
PRO CG   C N N 264 
PRO CD   C N N 265 
PRO OXT  O N N 266 
PRO H    H N N 267 
PRO HA   H N N 268 
PRO HB2  H N N 269 
PRO HB3  H N N 270 
PRO HG2  H N N 271 
PRO HG3  H N N 272 
PRO HD2  H N N 273 
PRO HD3  H N N 274 
PRO HXT  H N N 275 
SER N    N N N 276 
SER CA   C N S 277 
SER C    C N N 278 
SER O    O N N 279 
SER CB   C N N 280 
SER OG   O N N 281 
SER OXT  O N N 282 
SER H    H N N 283 
SER H2   H N N 284 
SER HA   H N N 285 
SER HB2  H N N 286 
SER HB3  H N N 287 
SER HG   H N N 288 
SER HXT  H N N 289 
THR N    N N N 290 
THR CA   C N S 291 
THR C    C N N 292 
THR O    O N N 293 
THR CB   C N R 294 
THR OG1  O N N 295 
THR CG2  C N N 296 
THR OXT  O N N 297 
THR H    H N N 298 
THR H2   H N N 299 
THR HA   H N N 300 
THR HB   H N N 301 
THR HG1  H N N 302 
THR HG21 H N N 303 
THR HG22 H N N 304 
THR HG23 H N N 305 
THR HXT  H N N 306 
TRP N    N N N 307 
TRP CA   C N S 308 
TRP C    C N N 309 
TRP O    O N N 310 
TRP CB   C N N 311 
TRP CG   C Y N 312 
TRP CD1  C Y N 313 
TRP CD2  C Y N 314 
TRP NE1  N Y N 315 
TRP CE2  C Y N 316 
TRP CE3  C Y N 317 
TRP CZ2  C Y N 318 
TRP CZ3  C Y N 319 
TRP CH2  C Y N 320 
TRP OXT  O N N 321 
TRP H    H N N 322 
TRP H2   H N N 323 
TRP HA   H N N 324 
TRP HB2  H N N 325 
TRP HB3  H N N 326 
TRP HD1  H N N 327 
TRP HE1  H N N 328 
TRP HE3  H N N 329 
TRP HZ2  H N N 330 
TRP HZ3  H N N 331 
TRP HH2  H N N 332 
TRP HXT  H N N 333 
TYR N    N N N 334 
TYR CA   C N S 335 
TYR C    C N N 336 
TYR O    O N N 337 
TYR CB   C N N 338 
TYR CG   C Y N 339 
TYR CD1  C Y N 340 
TYR CD2  C Y N 341 
TYR CE1  C Y N 342 
TYR CE2  C Y N 343 
TYR CZ   C Y N 344 
TYR OH   O N N 345 
TYR OXT  O N N 346 
TYR H    H N N 347 
TYR H2   H N N 348 
TYR HA   H N N 349 
TYR HB2  H N N 350 
TYR HB3  H N N 351 
TYR HD1  H N N 352 
TYR HD2  H N N 353 
TYR HE1  H N N 354 
TYR HE2  H N N 355 
TYR HH   H N N 356 
TYR HXT  H N N 357 
VAL N    N N N 358 
VAL CA   C N S 359 
VAL C    C N N 360 
VAL O    O N N 361 
VAL CB   C N N 362 
VAL CG1  C N N 363 
VAL CG2  C N N 364 
VAL OXT  O N N 365 
VAL H    H N N 366 
VAL H2   H N N 367 
VAL HA   H N N 368 
VAL HB   H N N 369 
VAL HG11 H N N 370 
VAL HG12 H N N 371 
VAL HG13 H N N 372 
VAL HG21 H N N 373 
VAL HG22 H N N 374 
VAL HG23 H N N 375 
VAL HXT  H N N 376 
# 
loop_
_chem_comp_bond.comp_id 
_chem_comp_bond.atom_id_1 
_chem_comp_bond.atom_id_2 
_chem_comp_bond.value_order 
_chem_comp_bond.pdbx_aromatic_flag 
_chem_comp_bond.pdbx_stereo_config 
_chem_comp_bond.pdbx_ordinal 
ALA N   CA   sing N N 1   
ALA N   H    sing N N 2   
ALA N   H2   sing N N 3   
ALA CA  C    sing N N 4   
ALA CA  CB   sing N N 5   
ALA CA  HA   sing N N 6   
ALA C   O    doub N N 7   
ALA C   OXT  sing N N 8   
ALA CB  HB1  sing N N 9   
ALA CB  HB2  sing N N 10  
ALA CB  HB3  sing N N 11  
ALA OXT HXT  sing N N 12  
ARG N   CA   sing N N 13  
ARG N   H    sing N N 14  
ARG N   H2   sing N N 15  
ARG CA  C    sing N N 16  
ARG CA  CB   sing N N 17  
ARG CA  HA   sing N N 18  
ARG C   O    doub N N 19  
ARG C   OXT  sing N N 20  
ARG CB  CG   sing N N 21  
ARG CB  HB2  sing N N 22  
ARG CB  HB3  sing N N 23  
ARG CG  CD   sing N N 24  
ARG CG  HG2  sing N N 25  
ARG CG  HG3  sing N N 26  
ARG CD  NE   sing N N 27  
ARG CD  HD2  sing N N 28  
ARG CD  HD3  sing N N 29  
ARG NE  CZ   sing N N 30  
ARG NE  HE   sing N N 31  
ARG CZ  NH1  sing N N 32  
ARG CZ  NH2  doub N N 33  
ARG NH1 HH11 sing N N 34  
ARG NH1 HH12 sing N N 35  
ARG NH2 HH21 sing N N 36  
ARG NH2 HH22 sing N N 37  
ARG OXT HXT  sing N N 38  
ASN N   CA   sing N N 39  
ASN N   H    sing N N 40  
ASN N   H2   sing N N 41  
ASN CA  C    sing N N 42  
ASN CA  CB   sing N N 43  
ASN CA  HA   sing N N 44  
ASN C   O    doub N N 45  
ASN C   OXT  sing N N 46  
ASN CB  CG   sing N N 47  
ASN CB  HB2  sing N N 48  
ASN CB  HB3  sing N N 49  
ASN CG  OD1  doub N N 50  
ASN CG  ND2  sing N N 51  
ASN ND2 HD21 sing N N 52  
ASN ND2 HD22 sing N N 53  
ASN OXT HXT  sing N N 54  
ASP N   CA   sing N N 55  
ASP N   H    sing N N 56  
ASP N   H2   sing N N 57  
ASP CA  C    sing N N 58  
ASP CA  CB   sing N N 59  
ASP CA  HA   sing N N 60  
ASP C   O    doub N N 61  
ASP C   OXT  sing N N 62  
ASP CB  CG   sing N N 63  
ASP CB  HB2  sing N N 64  
ASP CB  HB3  sing N N 65  
ASP CG  OD1  doub N N 66  
ASP CG  OD2  sing N N 67  
ASP OD2 HD2  sing N N 68  
ASP OXT HXT  sing N N 69  
GLN N   CA   sing N N 70  
GLN N   H    sing N N 71  
GLN N   H2   sing N N 72  
GLN CA  C    sing N N 73  
GLN CA  CB   sing N N 74  
GLN CA  HA   sing N N 75  
GLN C   O    doub N N 76  
GLN C   OXT  sing N N 77  
GLN CB  CG   sing N N 78  
GLN CB  HB2  sing N N 79  
GLN CB  HB3  sing N N 80  
GLN CG  CD   sing N N 81  
GLN CG  HG2  sing N N 82  
GLN CG  HG3  sing N N 83  
GLN CD  OE1  doub N N 84  
GLN CD  NE2  sing N N 85  
GLN NE2 HE21 sing N N 86  
GLN NE2 HE22 sing N N 87  
GLN OXT HXT  sing N N 88  
GLU N   CA   sing N N 89  
GLU N   H    sing N N 90  
GLU N   H2   sing N N 91  
GLU CA  C    sing N N 92  
GLU CA  CB   sing N N 93  
GLU CA  HA   sing N N 94  
GLU C   O    doub N N 95  
GLU C   OXT  sing N N 96  
GLU CB  CG   sing N N 97  
GLU CB  HB2  sing N N 98  
GLU CB  HB3  sing N N 99  
GLU CG  CD   sing N N 100 
GLU CG  HG2  sing N N 101 
GLU CG  HG3  sing N N 102 
GLU CD  OE1  doub N N 103 
GLU CD  OE2  sing N N 104 
GLU OE2 HE2  sing N N 105 
GLU OXT HXT  sing N N 106 
GLY N   CA   sing N N 107 
GLY N   H    sing N N 108 
GLY N   H2   sing N N 109 
GLY CA  C    sing N N 110 
GLY CA  HA2  sing N N 111 
GLY CA  HA3  sing N N 112 
GLY C   O    doub N N 113 
GLY C   OXT  sing N N 114 
GLY OXT HXT  sing N N 115 
HIS N   CA   sing N N 116 
HIS N   H    sing N N 117 
HIS N   H2   sing N N 118 
HIS CA  C    sing N N 119 
HIS CA  CB   sing N N 120 
HIS CA  HA   sing N N 121 
HIS C   O    doub N N 122 
HIS C   OXT  sing N N 123 
HIS CB  CG   sing N N 124 
HIS CB  HB2  sing N N 125 
HIS CB  HB3  sing N N 126 
HIS CG  ND1  sing Y N 127 
HIS CG  CD2  doub Y N 128 
HIS ND1 CE1  doub Y N 129 
HIS ND1 HD1  sing N N 130 
HIS CD2 NE2  sing Y N 131 
HIS CD2 HD2  sing N N 132 
HIS CE1 NE2  sing Y N 133 
HIS CE1 HE1  sing N N 134 
HIS NE2 HE2  sing N N 135 
HIS OXT HXT  sing N N 136 
HOH O   H1   sing N N 137 
HOH O   H2   sing N N 138 
ILE N   CA   sing N N 139 
ILE N   H    sing N N 140 
ILE N   H2   sing N N 141 
ILE CA  C    sing N N 142 
ILE CA  CB   sing N N 143 
ILE CA  HA   sing N N 144 
ILE C   O    doub N N 145 
ILE C   OXT  sing N N 146 
ILE CB  CG1  sing N N 147 
ILE CB  CG2  sing N N 148 
ILE CB  HB   sing N N 149 
ILE CG1 CD1  sing N N 150 
ILE CG1 HG12 sing N N 151 
ILE CG1 HG13 sing N N 152 
ILE CG2 HG21 sing N N 153 
ILE CG2 HG22 sing N N 154 
ILE CG2 HG23 sing N N 155 
ILE CD1 HD11 sing N N 156 
ILE CD1 HD12 sing N N 157 
ILE CD1 HD13 sing N N 158 
ILE OXT HXT  sing N N 159 
LEU N   CA   sing N N 160 
LEU N   H    sing N N 161 
LEU N   H2   sing N N 162 
LEU CA  C    sing N N 163 
LEU CA  CB   sing N N 164 
LEU CA  HA   sing N N 165 
LEU C   O    doub N N 166 
LEU C   OXT  sing N N 167 
LEU CB  CG   sing N N 168 
LEU CB  HB2  sing N N 169 
LEU CB  HB3  sing N N 170 
LEU CG  CD1  sing N N 171 
LEU CG  CD2  sing N N 172 
LEU CG  HG   sing N N 173 
LEU CD1 HD11 sing N N 174 
LEU CD1 HD12 sing N N 175 
LEU CD1 HD13 sing N N 176 
LEU CD2 HD21 sing N N 177 
LEU CD2 HD22 sing N N 178 
LEU CD2 HD23 sing N N 179 
LEU OXT HXT  sing N N 180 
LYS N   CA   sing N N 181 
LYS N   H    sing N N 182 
LYS N   H2   sing N N 183 
LYS CA  C    sing N N 184 
LYS CA  CB   sing N N 185 
LYS CA  HA   sing N N 186 
LYS C   O    doub N N 187 
LYS C   OXT  sing N N 188 
LYS CB  CG   sing N N 189 
LYS CB  HB2  sing N N 190 
LYS CB  HB3  sing N N 191 
LYS CG  CD   sing N N 192 
LYS CG  HG2  sing N N 193 
LYS CG  HG3  sing N N 194 
LYS CD  CE   sing N N 195 
LYS CD  HD2  sing N N 196 
LYS CD  HD3  sing N N 197 
LYS CE  NZ   sing N N 198 
LYS CE  HE2  sing N N 199 
LYS CE  HE3  sing N N 200 
LYS NZ  HZ1  sing N N 201 
LYS NZ  HZ2  sing N N 202 
LYS NZ  HZ3  sing N N 203 
LYS OXT HXT  sing N N 204 
MET N   CA   sing N N 205 
MET N   H    sing N N 206 
MET N   H2   sing N N 207 
MET CA  C    sing N N 208 
MET CA  CB   sing N N 209 
MET CA  HA   sing N N 210 
MET C   O    doub N N 211 
MET C   OXT  sing N N 212 
MET CB  CG   sing N N 213 
MET CB  HB2  sing N N 214 
MET CB  HB3  sing N N 215 
MET CG  SD   sing N N 216 
MET CG  HG2  sing N N 217 
MET CG  HG3  sing N N 218 
MET SD  CE   sing N N 219 
MET CE  HE1  sing N N 220 
MET CE  HE2  sing N N 221 
MET CE  HE3  sing N N 222 
MET OXT HXT  sing N N 223 
PHE N   CA   sing N N 224 
PHE N   H    sing N N 225 
PHE N   H2   sing N N 226 
PHE CA  C    sing N N 227 
PHE CA  CB   sing N N 228 
PHE CA  HA   sing N N 229 
PHE C   O    doub N N 230 
PHE C   OXT  sing N N 231 
PHE CB  CG   sing N N 232 
PHE CB  HB2  sing N N 233 
PHE CB  HB3  sing N N 234 
PHE CG  CD1  doub Y N 235 
PHE CG  CD2  sing Y N 236 
PHE CD1 CE1  sing Y N 237 
PHE CD1 HD1  sing N N 238 
PHE CD2 CE2  doub Y N 239 
PHE CD2 HD2  sing N N 240 
PHE CE1 CZ   doub Y N 241 
PHE CE1 HE1  sing N N 242 
PHE CE2 CZ   sing Y N 243 
PHE CE2 HE2  sing N N 244 
PHE CZ  HZ   sing N N 245 
PHE OXT HXT  sing N N 246 
PRO N   CA   sing N N 247 
PRO N   CD   sing N N 248 
PRO N   H    sing N N 249 
PRO CA  C    sing N N 250 
PRO CA  CB   sing N N 251 
PRO CA  HA   sing N N 252 
PRO C   O    doub N N 253 
PRO C   OXT  sing N N 254 
PRO CB  CG   sing N N 255 
PRO CB  HB2  sing N N 256 
PRO CB  HB3  sing N N 257 
PRO CG  CD   sing N N 258 
PRO CG  HG2  sing N N 259 
PRO CG  HG3  sing N N 260 
PRO CD  HD2  sing N N 261 
PRO CD  HD3  sing N N 262 
PRO OXT HXT  sing N N 263 
SER N   CA   sing N N 264 
SER N   H    sing N N 265 
SER N   H2   sing N N 266 
SER CA  C    sing N N 267 
SER CA  CB   sing N N 268 
SER CA  HA   sing N N 269 
SER C   O    doub N N 270 
SER C   OXT  sing N N 271 
SER CB  OG   sing N N 272 
SER CB  HB2  sing N N 273 
SER CB  HB3  sing N N 274 
SER OG  HG   sing N N 275 
SER OXT HXT  sing N N 276 
THR N   CA   sing N N 277 
THR N   H    sing N N 278 
THR N   H2   sing N N 279 
THR CA  C    sing N N 280 
THR CA  CB   sing N N 281 
THR CA  HA   sing N N 282 
THR C   O    doub N N 283 
THR C   OXT  sing N N 284 
THR CB  OG1  sing N N 285 
THR CB  CG2  sing N N 286 
THR CB  HB   sing N N 287 
THR OG1 HG1  sing N N 288 
THR CG2 HG21 sing N N 289 
THR CG2 HG22 sing N N 290 
THR CG2 HG23 sing N N 291 
THR OXT HXT  sing N N 292 
TRP N   CA   sing N N 293 
TRP N   H    sing N N 294 
TRP N   H2   sing N N 295 
TRP CA  C    sing N N 296 
TRP CA  CB   sing N N 297 
TRP CA  HA   sing N N 298 
TRP C   O    doub N N 299 
TRP C   OXT  sing N N 300 
TRP CB  CG   sing N N 301 
TRP CB  HB2  sing N N 302 
TRP CB  HB3  sing N N 303 
TRP CG  CD1  doub Y N 304 
TRP CG  CD2  sing Y N 305 
TRP CD1 NE1  sing Y N 306 
TRP CD1 HD1  sing N N 307 
TRP CD2 CE2  doub Y N 308 
TRP CD2 CE3  sing Y N 309 
TRP NE1 CE2  sing Y N 310 
TRP NE1 HE1  sing N N 311 
TRP CE2 CZ2  sing Y N 312 
TRP CE3 CZ3  doub Y N 313 
TRP CE3 HE3  sing N N 314 
TRP CZ2 CH2  doub Y N 315 
TRP CZ2 HZ2  sing N N 316 
TRP CZ3 CH2  sing Y N 317 
TRP CZ3 HZ3  sing N N 318 
TRP CH2 HH2  sing N N 319 
TRP OXT HXT  sing N N 320 
TYR N   CA   sing N N 321 
TYR N   H    sing N N 322 
TYR N   H2   sing N N 323 
TYR CA  C    sing N N 324 
TYR CA  CB   sing N N 325 
TYR CA  HA   sing N N 326 
TYR C   O    doub N N 327 
TYR C   OXT  sing N N 328 
TYR CB  CG   sing N N 329 
TYR CB  HB2  sing N N 330 
TYR CB  HB3  sing N N 331 
TYR CG  CD1  doub Y N 332 
TYR CG  CD2  sing Y N 333 
TYR CD1 CE1  sing Y N 334 
TYR CD1 HD1  sing N N 335 
TYR CD2 CE2  doub Y N 336 
TYR CD2 HD2  sing N N 337 
TYR CE1 CZ   doub Y N 338 
TYR CE1 HE1  sing N N 339 
TYR CE2 CZ   sing Y N 340 
TYR CE2 HE2  sing N N 341 
TYR CZ  OH   sing N N 342 
TYR OH  HH   sing N N 343 
TYR OXT HXT  sing N N 344 
VAL N   CA   sing N N 345 
VAL N   H    sing N N 346 
VAL N   H2   sing N N 347 
VAL CA  C    sing N N 348 
VAL CA  CB   sing N N 349 
VAL CA  HA   sing N N 350 
VAL C   O    doub N N 351 
VAL C   OXT  sing N N 352 
VAL CB  CG1  sing N N 353 
VAL CB  CG2  sing N N 354 
VAL CB  HB   sing N N 355 
VAL CG1 HG11 sing N N 356 
VAL CG1 HG12 sing N N 357 
VAL CG1 HG13 sing N N 358 
VAL CG2 HG21 sing N N 359 
VAL CG2 HG22 sing N N 360 
VAL CG2 HG23 sing N N 361 
VAL OXT HXT  sing N N 362 
# 
loop_
_pdbx_audit_support.funding_organization 
_pdbx_audit_support.country 
_pdbx_audit_support.grant_number 
_pdbx_audit_support.ordinal 
'National Institutes of Health/National Institute of General Medical Sciences (NIH/NIGMS)' 'United States' 1R01GM127884 1 
'National Institutes of Health/National Institute of General Medical Sciences (NIH/NIGMS)' 'United States' 1R01GM127896 2 
# 
_pdbx_entity_nonpoly.entity_id   2 
_pdbx_entity_nonpoly.name        water 
_pdbx_entity_nonpoly.comp_id     HOH 
# 
_pdbx_initial_refinement_model.id               1 
_pdbx_initial_refinement_model.entity_id_list   ? 
_pdbx_initial_refinement_model.type             'experimental model' 
_pdbx_initial_refinement_model.source_name      PDB 
_pdbx_initial_refinement_model.accession_code   5WAM 
_pdbx_initial_refinement_model.details          ? 
# 
_pdbx_struct_assembly_auth_evidence.id                     1 
_pdbx_struct_assembly_auth_evidence.assembly_id            1 
_pdbx_struct_assembly_auth_evidence.experimental_support   SAXS 
_pdbx_struct_assembly_auth_evidence.details                ? 
# 
